data_4XR8
#
_entry.id   4XR8
#
_cell.length_a   77.842
_cell.length_b   128.939
_cell.length_c   81.560
_cell.angle_alpha   90.00
_cell.angle_beta   92.33
_cell.angle_gamma   90.00
#
_symmetry.space_group_name_H-M   'P 1 21 1'
#
loop_
_entity.id
_entity.type
_entity.pdbx_description
1 polymer 'Maltose-binding periplasmic protein, ubiquitin ligase E6AP'
2 polymer 'Cellular tumor antigen p53'
3 polymer 'Protein E6'
4 branched alpha-D-glucopyranose-(1-4)-alpha-D-glucopyranose
5 non-polymer DI(HYDROXYETHYL)ETHER
6 non-polymer 'ZINC ION'
7 non-polymer 1,2-ETHANEDIOL
8 water water
#
loop_
_entity_poly.entity_id
_entity_poly.type
_entity_poly.pdbx_seq_one_letter_code
_entity_poly.pdbx_strand_id
1 'polypeptide(L)'
;MKIEEGKLVIWINGDKGYNGLAEVGKKFEKDTGIKVTVEHPDKLEEKFPQVAATGDGPDIIFWAHDRFGGYAQSGLLAEI
TPAAAFQDKLYPFTWDAVRYNGKLIAYPIAVEALSLIYNKDLLPNPPKTWEEIPALDKELKAKGKSALMFNLQEPYFTWP
LIAADGGYAFKYENGKYDIKDVGVDNAGAKAGLTFLVDLIKNKHMNADTDYSIAEAAFNKGETAMTINGPWAWSNIDTSA
VNYGVTVLPTFKGQPSKPFVGVLSAGINAASPNKELAKEFLENYLLTDEGLEAVNKDKPLGAVALKSYEEELAKDPRIAA
TMENAQKGEIMPNIPQMSAFWYAVRTAVINAASGRQTVDAALAAAQTNAAAELTLQELLGEER
;
A,B
2 'polypeptide(L)'
;SSSVPSQKTYQGSYGFRLGFLHSGTAKSVTCTYSPALNKMFCQLAKTCPVQLWVDSTPPPGTRVRAMAIYKQSQHMTEVV
RRCPHHERCSDSDGLAPPQHLIRVEGNLRVEYLDDRNTFRHSVVVPYEPPEVGSDCTTIHYNYMCNSSCMGGMNRRPILT
IITLEDSSGNLLGRNSFEVRVCACPGRDRRTEEENLRKK
;
C,D
3 'polypeptide(L)'
;MFQDPQERPRKLPQLCTELQTTIHDIILECVYCKQQLLRREVYDFAFRDLCIVYRDGNPYAVCDKCLKFYSKISEYRHYS
YSLYGTTLEQQYNKPLSDLLIRCINCQKPLSPEEKQRHLDKKQRFHNIRGRWTGRCMSCSRSSRTRRETQL
;
F,H
#
# COMPACT_ATOMS: atom_id res chain seq x y z
N MET A 1 -11.00 -8.62 -22.62
CA MET A 1 -10.64 -7.20 -22.54
C MET A 1 -10.10 -6.71 -23.87
N LYS A 2 -10.25 -5.42 -24.12
CA LYS A 2 -9.99 -4.87 -25.41
C LYS A 2 -8.50 -4.63 -25.61
N ILE A 3 -7.85 -4.22 -24.53
CA ILE A 3 -6.41 -4.07 -24.53
C ILE A 3 -5.81 -5.47 -24.33
N GLU A 4 -4.86 -5.86 -25.18
CA GLU A 4 -4.27 -7.20 -25.10
C GLU A 4 -3.31 -7.34 -23.96
N GLU A 5 -3.53 -8.40 -23.18
CA GLU A 5 -2.65 -8.81 -22.12
C GLU A 5 -1.31 -9.35 -22.61
N GLY A 6 -0.22 -8.89 -22.01
CA GLY A 6 1.10 -9.47 -22.27
C GLY A 6 1.87 -8.73 -23.32
N LYS A 7 1.40 -7.54 -23.65
N LYS A 7 1.46 -7.48 -23.54
CA LYS A 7 2.11 -6.66 -24.55
CA LYS A 7 1.91 -6.65 -24.66
C LYS A 7 1.98 -5.27 -23.97
C LYS A 7 1.72 -5.17 -24.29
N LEU A 8 2.72 -4.33 -24.55
CA LEU A 8 2.58 -2.93 -24.20
C LEU A 8 2.35 -2.14 -25.47
N VAL A 9 1.30 -1.33 -25.47
CA VAL A 9 1.04 -0.39 -26.55
C VAL A 9 1.17 1.02 -25.95
N ILE A 10 2.02 1.84 -26.55
CA ILE A 10 2.36 3.12 -25.97
C ILE A 10 1.98 4.17 -26.96
N TRP A 11 1.25 5.18 -26.50
CA TRP A 11 1.01 6.33 -27.36
C TRP A 11 1.84 7.53 -26.87
N ILE A 12 2.47 8.22 -27.82
CA ILE A 12 3.28 9.40 -27.55
C ILE A 12 3.13 10.35 -28.76
N ASN A 13 3.16 11.65 -28.53
CA ASN A 13 3.02 12.65 -29.60
C ASN A 13 4.12 12.56 -30.68
N GLY A 14 3.75 12.82 -31.92
CA GLY A 14 4.68 12.79 -33.04
C GLY A 14 5.92 13.69 -32.93
N ASP A 15 5.82 14.78 -32.19
CA ASP A 15 6.97 15.67 -32.08
C ASP A 15 8.00 15.20 -31.04
N LYS A 16 7.77 14.04 -30.44
CA LYS A 16 8.53 13.69 -29.25
C LYS A 16 9.66 12.69 -29.34
N GLY A 17 9.75 11.86 -30.36
CA GLY A 17 10.90 10.97 -30.31
C GLY A 17 10.57 9.55 -29.90
N TYR A 18 9.62 9.06 -30.66
CA TYR A 18 9.09 7.74 -30.52
C TYR A 18 10.06 6.68 -30.96
N ASN A 19 11.01 7.05 -31.83
CA ASN A 19 12.03 6.09 -32.25
C ASN A 19 12.91 5.74 -31.08
N GLY A 20 13.41 6.75 -30.38
CA GLY A 20 14.19 6.50 -29.18
C GLY A 20 13.37 5.73 -28.13
N LEU A 21 12.09 6.08 -28.00
CA LEU A 21 11.22 5.34 -27.08
C LEU A 21 11.10 3.90 -27.60
N ALA A 22 10.82 3.75 -28.88
CA ALA A 22 10.73 2.44 -29.54
C ALA A 22 11.98 1.61 -29.27
N GLU A 23 13.10 2.30 -29.10
CA GLU A 23 14.36 1.64 -28.83
C GLU A 23 14.45 1.13 -27.41
N VAL A 24 13.87 1.90 -26.48
CA VAL A 24 13.83 1.41 -25.10
C VAL A 24 12.90 0.21 -25.03
N GLY A 25 11.86 0.23 -25.88
CA GLY A 25 10.93 -0.87 -25.95
C GLY A 25 11.61 -2.12 -26.44
N LYS A 26 12.49 -1.96 -27.45
CA LYS A 26 13.22 -3.09 -28.00
C LYS A 26 14.02 -3.75 -26.89
N LYS A 27 14.74 -2.95 -26.10
CA LYS A 27 15.55 -3.51 -25.05
C LYS A 27 14.68 -4.22 -24.02
N PHE A 28 13.43 -3.79 -23.90
CA PHE A 28 12.51 -4.41 -22.97
C PHE A 28 12.10 -5.75 -23.51
N GLU A 29 11.79 -5.76 -24.79
CA GLU A 29 11.38 -6.97 -25.46
C GLU A 29 12.49 -7.99 -25.35
N LYS A 30 13.71 -7.57 -25.64
CA LYS A 30 14.76 -8.55 -25.78
C LYS A 30 15.12 -9.10 -24.40
N ASP A 31 14.86 -8.32 -23.35
CA ASP A 31 15.03 -8.84 -21.98
C ASP A 31 13.87 -9.70 -21.50
N THR A 32 12.65 -9.35 -21.90
CA THR A 32 11.48 -9.92 -21.25
C THR A 32 10.63 -10.74 -22.18
N GLY A 33 10.85 -10.58 -23.49
CA GLY A 33 10.04 -11.29 -24.48
C GLY A 33 8.74 -10.57 -24.75
N ILE A 34 8.48 -9.51 -24.00
CA ILE A 34 7.26 -8.70 -24.13
C ILE A 34 7.31 -7.73 -25.29
N LYS A 35 6.33 -7.78 -26.18
CA LYS A 35 6.37 -6.89 -27.34
C LYS A 35 5.94 -5.48 -26.94
N VAL A 36 6.66 -4.49 -27.44
CA VAL A 36 6.34 -3.11 -27.17
C VAL A 36 6.13 -2.36 -28.46
N THR A 37 4.93 -1.82 -28.61
CA THR A 37 4.57 -1.09 -29.79
C THR A 37 4.34 0.39 -29.44
N VAL A 38 5.12 1.26 -30.08
CA VAL A 38 5.04 2.70 -29.89
C VAL A 38 4.32 3.33 -31.07
N GLU A 39 3.28 4.10 -30.78
CA GLU A 39 2.51 4.77 -31.81
C GLU A 39 2.43 6.27 -31.51
N HIS A 40 2.30 7.06 -32.56
CA HIS A 40 2.16 8.48 -32.45
C HIS A 40 0.99 8.94 -33.31
N PRO A 41 -0.25 8.65 -32.85
CA PRO A 41 -1.48 9.02 -33.57
C PRO A 41 -1.73 10.52 -33.56
N ASP A 42 -2.46 11.06 -34.54
CA ASP A 42 -2.79 12.48 -34.52
C ASP A 42 -3.78 12.78 -33.45
N LYS A 43 -3.77 14.01 -32.96
CA LYS A 43 -4.71 14.45 -31.95
C LYS A 43 -4.77 13.42 -30.84
N LEU A 44 -3.57 13.00 -30.44
CA LEU A 44 -3.38 12.05 -29.36
C LEU A 44 -4.12 12.44 -28.09
N GLU A 45 -4.07 13.71 -27.71
CA GLU A 45 -4.66 14.15 -26.46
C GLU A 45 -6.18 14.06 -26.50
N GLU A 46 -6.74 14.06 -27.71
CA GLU A 46 -8.19 13.86 -27.94
C GLU A 46 -8.56 12.39 -28.23
N LYS A 47 -7.70 11.67 -28.94
CA LYS A 47 -8.00 10.30 -29.32
C LYS A 47 -8.05 9.42 -28.08
N PHE A 48 -7.10 9.67 -27.17
CA PHE A 48 -7.00 8.86 -25.96
C PHE A 48 -8.28 8.86 -25.11
N PRO A 49 -8.85 10.04 -24.77
CA PRO A 49 -10.03 9.94 -23.89
C PRO A 49 -11.21 9.31 -24.60
N GLN A 50 -11.23 9.40 -25.92
CA GLN A 50 -12.30 8.82 -26.72
C GLN A 50 -12.23 7.30 -26.73
N VAL A 51 -11.04 6.73 -26.98
CA VAL A 51 -11.02 5.27 -27.02
C VAL A 51 -10.91 4.69 -25.61
N ALA A 52 -10.28 5.42 -24.68
CA ALA A 52 -10.06 4.84 -23.34
C ALA A 52 -11.42 4.73 -22.64
N ALA A 53 -12.32 5.64 -22.97
CA ALA A 53 -13.67 5.65 -22.41
C ALA A 53 -14.40 4.36 -22.79
N THR A 54 -14.02 3.76 -23.92
CA THR A 54 -14.67 2.53 -24.32
C THR A 54 -13.94 1.33 -23.70
N GLY A 55 -12.92 1.57 -22.88
CA GLY A 55 -12.12 0.51 -22.25
C GLY A 55 -11.00 -0.04 -23.15
N ASP A 56 -10.71 0.72 -24.20
CA ASP A 56 -9.66 0.45 -25.19
C ASP A 56 -8.48 1.45 -25.06
N GLY A 57 -7.58 1.41 -26.04
CA GLY A 57 -6.49 2.35 -26.09
C GLY A 57 -5.14 1.81 -25.71
N PRO A 58 -4.14 2.70 -25.54
CA PRO A 58 -2.82 2.20 -25.20
C PRO A 58 -2.72 1.78 -23.74
N ASP A 59 -1.74 0.95 -23.42
CA ASP A 59 -1.47 0.68 -22.02
C ASP A 59 -0.91 1.92 -21.38
N ILE A 60 -0.18 2.69 -22.18
CA ILE A 60 0.57 3.84 -21.68
C ILE A 60 0.36 5.02 -22.58
N ILE A 61 0.00 6.13 -21.96
CA ILE A 61 -0.22 7.35 -22.72
C ILE A 61 0.79 8.41 -22.24
N PHE A 62 1.50 9.03 -23.18
CA PHE A 62 2.36 10.16 -22.91
C PHE A 62 1.69 11.47 -23.31
N TRP A 63 1.78 12.46 -22.45
CA TRP A 63 1.36 13.81 -22.79
C TRP A 63 1.87 14.69 -21.68
N ALA A 64 1.83 16.01 -21.91
CA ALA A 64 2.13 16.92 -20.83
C ALA A 64 1.10 16.68 -19.72
N HIS A 65 1.51 16.97 -18.49
CA HIS A 65 0.73 16.64 -17.29
C HIS A 65 -0.61 17.35 -17.23
N ASP A 66 -0.81 18.39 -18.05
CA ASP A 66 -2.03 19.20 -17.94
C ASP A 66 -3.29 18.47 -18.34
N ARG A 67 -3.19 17.47 -19.23
CA ARG A 67 -4.37 16.68 -19.62
CA ARG A 67 -4.41 16.74 -19.60
C ARG A 67 -4.74 15.63 -18.59
N PHE A 68 -3.82 15.34 -17.66
CA PHE A 68 -4.01 14.11 -16.87
C PHE A 68 -5.10 14.17 -15.79
N GLY A 69 -5.36 15.36 -15.24
CA GLY A 69 -6.45 15.51 -14.29
C GLY A 69 -7.79 15.14 -14.89
N GLY A 70 -8.06 15.61 -16.10
CA GLY A 70 -9.24 15.21 -16.86
C GLY A 70 -9.29 13.71 -17.11
N TYR A 71 -8.19 13.11 -17.59
CA TYR A 71 -8.15 11.69 -17.80
C TYR A 71 -8.42 10.95 -16.47
N ALA A 72 -7.80 11.39 -15.37
CA ALA A 72 -7.97 10.69 -14.09
C ALA A 72 -9.40 10.80 -13.62
N GLN A 73 -9.94 12.01 -13.77
CA GLN A 73 -11.30 12.34 -13.37
C GLN A 73 -12.30 11.51 -14.16
N SER A 74 -12.01 11.29 -15.44
CA SER A 74 -12.88 10.50 -16.28
C SER A 74 -12.73 9.03 -16.03
N GLY A 75 -11.83 8.66 -15.11
CA GLY A 75 -11.60 7.25 -14.79
C GLY A 75 -10.73 6.49 -15.80
N LEU A 76 -10.01 7.21 -16.65
CA LEU A 76 -9.18 6.59 -17.68
C LEU A 76 -7.80 6.16 -17.15
N LEU A 77 -7.41 6.62 -15.98
CA LEU A 77 -6.05 6.38 -15.49
C LEU A 77 -5.96 5.59 -14.21
N ALA A 78 -5.01 4.67 -14.13
CA ALA A 78 -4.70 3.96 -12.91
C ALA A 78 -3.82 4.79 -12.00
N GLU A 79 -3.92 4.55 -10.69
CA GLU A 79 -3.03 5.19 -9.72
C GLU A 79 -1.63 4.65 -9.91
N ILE A 80 -0.69 5.57 -9.87
CA ILE A 80 0.73 5.27 -9.94
C ILE A 80 1.28 5.15 -8.52
N THR A 81 1.96 4.04 -8.23
CA THR A 81 2.45 3.75 -6.87
C THR A 81 3.92 3.38 -6.79
N PRO A 82 4.81 4.35 -7.06
CA PRO A 82 6.22 3.96 -7.04
C PRO A 82 6.70 3.71 -5.62
N ALA A 83 7.71 2.84 -5.48
CA ALA A 83 8.37 2.65 -4.21
C ALA A 83 9.09 3.94 -3.84
N ALA A 84 9.20 4.19 -2.55
CA ALA A 84 9.91 5.35 -2.03
C ALA A 84 11.27 5.52 -2.69
N ALA A 85 12.03 4.42 -2.78
CA ALA A 85 13.38 4.45 -3.38
C ALA A 85 13.32 4.97 -4.80
N PHE A 86 12.33 4.52 -5.57
CA PHE A 86 12.21 5.04 -6.93
C PHE A 86 11.74 6.50 -6.97
N GLN A 87 10.70 6.79 -6.18
CA GLN A 87 10.14 8.13 -6.14
C GLN A 87 11.26 9.17 -5.92
N ASP A 88 12.14 8.87 -4.94
CA ASP A 88 13.31 9.72 -4.57
C ASP A 88 14.33 9.94 -5.67
N LYS A 89 14.28 9.14 -6.74
CA LYS A 89 15.18 9.34 -7.88
C LYS A 89 14.71 10.49 -8.76
N LEU A 90 13.47 10.93 -8.60
CA LEU A 90 12.97 12.01 -9.47
C LEU A 90 12.78 13.29 -8.66
N TYR A 91 12.93 14.46 -9.28
CA TYR A 91 12.72 15.69 -8.51
C TYR A 91 11.30 15.73 -7.94
N PRO A 92 11.16 16.01 -6.65
CA PRO A 92 9.81 16.09 -6.02
C PRO A 92 8.79 16.97 -6.79
N PHE A 93 9.22 18.10 -7.33
CA PHE A 93 8.31 19.01 -8.00
C PHE A 93 7.76 18.40 -9.28
N THR A 94 8.45 17.43 -9.87
CA THR A 94 7.91 16.74 -11.05
C THR A 94 6.84 15.73 -10.62
N TRP A 95 7.05 15.04 -9.51
CA TRP A 95 5.97 14.26 -8.89
C TRP A 95 4.73 15.14 -8.60
N ASP A 96 4.93 16.35 -8.08
CA ASP A 96 3.85 17.31 -7.80
C ASP A 96 3.05 17.59 -9.06
N ALA A 97 3.71 17.70 -10.21
CA ALA A 97 2.99 17.96 -11.45
C ALA A 97 1.97 16.85 -11.84
N VAL A 98 2.20 15.63 -11.38
CA VAL A 98 1.32 14.52 -11.76
C VAL A 98 0.62 13.93 -10.54
N ARG A 99 0.50 14.74 -9.48
CA ARG A 99 -0.32 14.40 -8.35
C ARG A 99 -1.65 15.10 -8.57
N TYR A 100 -2.73 14.37 -8.33
CA TYR A 100 -4.07 14.87 -8.56
C TYR A 100 -4.98 14.33 -7.48
N ASN A 101 -5.54 15.25 -6.69
CA ASN A 101 -6.36 14.93 -5.52
C ASN A 101 -5.66 13.93 -4.58
N GLY A 102 -4.38 14.18 -4.33
CA GLY A 102 -3.58 13.42 -3.38
C GLY A 102 -2.96 12.15 -3.91
N LYS A 103 -3.26 11.80 -5.17
CA LYS A 103 -2.77 10.54 -5.74
C LYS A 103 -1.86 10.81 -6.94
N LEU A 104 -0.80 10.01 -7.12
CA LEU A 104 -0.01 10.12 -8.34
C LEU A 104 -0.75 9.45 -9.54
N ILE A 105 -0.82 10.11 -10.69
CA ILE A 105 -1.62 9.54 -11.76
C ILE A 105 -0.82 9.40 -13.02
N ALA A 106 0.49 9.59 -12.92
CA ALA A 106 1.43 9.44 -14.03
C ALA A 106 2.88 9.42 -13.53
N TYR A 107 3.79 8.95 -14.40
CA TYR A 107 5.22 9.13 -14.21
C TYR A 107 5.65 10.41 -14.90
N PRO A 108 6.28 11.33 -14.15
CA PRO A 108 6.82 12.52 -14.82
C PRO A 108 8.08 12.16 -15.61
N ILE A 109 8.24 12.73 -16.78
CA ILE A 109 9.41 12.37 -17.59
C ILE A 109 10.39 13.53 -17.75
N ALA A 110 9.89 14.68 -18.14
CA ALA A 110 10.79 15.77 -18.46
C ALA A 110 10.03 17.07 -18.47
N VAL A 111 10.71 18.11 -18.00
CA VAL A 111 10.15 19.44 -17.96
C VAL A 111 10.39 20.14 -19.29
N GLU A 112 9.31 20.68 -19.82
CA GLU A 112 9.27 21.35 -21.11
C GLU A 112 8.78 22.78 -20.97
N ALA A 113 9.51 23.69 -21.61
CA ALA A 113 9.10 25.07 -21.80
C ALA A 113 9.69 25.54 -23.13
N LEU A 114 8.93 26.39 -23.82
CA LEU A 114 9.36 27.07 -25.03
C LEU A 114 10.56 28.01 -24.76
N SER A 115 11.47 28.06 -25.72
CA SER A 115 12.57 29.01 -25.69
C SER A 115 12.56 29.82 -26.98
N LEU A 116 13.28 30.94 -26.99
CA LEU A 116 13.52 31.66 -28.23
C LEU A 116 14.72 31.02 -28.91
N ILE A 117 14.48 30.46 -30.09
CA ILE A 117 15.54 29.87 -30.91
C ILE A 117 15.83 30.75 -32.12
N TYR A 118 17.09 31.14 -32.27
CA TYR A 118 17.45 32.11 -33.30
C TYR A 118 18.66 31.68 -34.11
N ASN A 119 18.64 32.01 -35.39
CA ASN A 119 19.78 31.84 -36.28
C ASN A 119 20.82 32.94 -36.06
N LYS A 120 22.01 32.60 -35.56
CA LYS A 120 23.02 33.63 -35.35
C LYS A 120 23.50 34.24 -36.67
N ASP A 121 23.54 33.43 -37.72
CA ASP A 121 24.00 33.90 -39.03
C ASP A 121 23.14 35.04 -39.56
N LEU A 122 21.83 35.00 -39.31
CA LEU A 122 20.96 36.11 -39.73
C LEU A 122 20.84 37.17 -38.63
N LEU A 123 20.85 36.73 -37.38
CA LEU A 123 20.75 37.61 -36.23
C LEU A 123 21.71 37.20 -35.12
N PRO A 124 22.95 37.69 -35.16
CA PRO A 124 23.88 37.37 -34.07
C PRO A 124 23.40 37.95 -32.74
N ASN A 125 22.51 38.93 -32.85
CA ASN A 125 21.90 39.57 -31.69
C ASN A 125 20.38 39.56 -31.78
N PRO A 126 19.75 38.62 -31.07
CA PRO A 126 18.30 38.47 -31.13
C PRO A 126 17.64 39.57 -30.32
N PRO A 127 16.50 40.07 -30.79
CA PRO A 127 15.78 41.04 -29.97
C PRO A 127 15.43 40.41 -28.65
N LYS A 128 15.81 41.05 -27.55
CA LYS A 128 15.39 40.56 -26.24
C LYS A 128 14.04 41.18 -25.89
N THR A 129 13.37 41.73 -26.91
CA THR A 129 12.12 42.45 -26.70
C THR A 129 11.19 42.23 -27.88
N TRP A 130 9.90 42.03 -27.57
CA TRP A 130 8.87 41.84 -28.58
C TRP A 130 8.61 43.07 -29.43
N GLU A 131 8.70 44.25 -28.81
CA GLU A 131 8.33 45.48 -29.48
C GLU A 131 9.26 45.83 -30.63
N GLU A 132 10.52 45.41 -30.53
CA GLU A 132 11.49 45.62 -31.59
C GLU A 132 11.48 44.53 -32.65
N ILE A 133 10.32 43.93 -32.87
CA ILE A 133 10.15 42.91 -33.91
C ILE A 133 9.47 43.41 -35.20
N PRO A 134 8.39 44.23 -35.11
CA PRO A 134 7.87 44.75 -36.38
C PRO A 134 8.89 45.57 -37.16
N ALA A 135 9.73 46.31 -36.45
CA ALA A 135 10.84 47.07 -37.05
C ALA A 135 11.86 46.13 -37.68
N LEU A 136 12.28 45.12 -36.92
CA LEU A 136 13.26 44.15 -37.37
C LEU A 136 12.72 43.27 -38.49
N ASP A 137 11.40 43.18 -38.56
CA ASP A 137 10.79 42.35 -39.59
C ASP A 137 10.97 42.96 -40.96
N LYS A 138 10.37 44.14 -41.16
CA LYS A 138 10.39 44.79 -42.47
C LYS A 138 11.84 45.03 -42.92
N GLU A 139 12.78 44.95 -41.98
CA GLU A 139 14.18 45.08 -42.29
C GLU A 139 14.53 43.87 -43.13
N LEU A 140 13.83 42.76 -42.85
CA LEU A 140 14.04 41.55 -43.60
C LEU A 140 12.88 41.29 -44.55
N LYS A 141 11.74 41.97 -44.38
CA LYS A 141 10.59 41.80 -45.29
C LYS A 141 10.79 42.47 -46.64
N ALA A 142 12.02 42.90 -46.92
CA ALA A 142 12.39 43.29 -48.26
C ALA A 142 13.70 42.59 -48.63
N LYS A 143 14.25 41.85 -47.66
CA LYS A 143 15.49 41.06 -47.79
C LYS A 143 15.59 39.69 -48.53
N GLY A 144 14.53 38.88 -48.68
CA GLY A 144 13.18 39.09 -48.19
C GLY A 144 12.72 37.98 -47.25
N LYS A 145 12.98 38.21 -45.97
CA LYS A 145 12.82 37.24 -44.90
C LYS A 145 11.67 37.71 -43.99
N SER A 146 11.03 36.81 -43.25
CA SER A 146 10.22 37.30 -42.15
C SER A 146 11.15 37.35 -40.92
N ALA A 147 10.74 38.06 -39.88
CA ALA A 147 11.57 38.19 -38.67
C ALA A 147 11.34 37.01 -37.76
N LEU A 148 10.07 36.67 -37.61
CA LEU A 148 9.65 35.67 -36.65
C LEU A 148 8.54 34.79 -37.17
N MET A 149 8.78 33.48 -37.07
CA MET A 149 7.75 32.49 -37.35
C MET A 149 7.71 31.41 -36.27
N PHE A 150 6.51 31.18 -35.74
CA PHE A 150 6.26 30.10 -34.79
C PHE A 150 4.82 29.65 -34.99
N ASN A 151 4.44 28.53 -34.40
CA ASN A 151 3.09 28.01 -34.58
C ASN A 151 2.04 28.97 -34.01
N LEU A 152 1.00 29.23 -34.79
CA LEU A 152 -0.05 30.15 -34.38
C LEU A 152 -1.38 29.45 -34.25
N GLN A 153 -1.37 28.13 -34.49
CA GLN A 153 -2.60 27.36 -34.39
C GLN A 153 -2.79 26.81 -32.97
N GLU A 154 -1.70 26.67 -32.23
CA GLU A 154 -1.79 26.17 -30.84
C GLU A 154 -1.48 27.25 -29.82
N PRO A 155 -2.45 27.59 -28.96
CA PRO A 155 -2.32 28.64 -27.93
C PRO A 155 -1.12 28.44 -27.00
N TYR A 156 -0.62 27.23 -26.94
CA TYR A 156 0.60 26.96 -26.20
C TYR A 156 1.72 27.89 -26.64
N PHE A 157 1.72 28.25 -27.91
CA PHE A 157 2.84 29.01 -28.47
C PHE A 157 2.64 30.51 -28.32
N THR A 158 1.38 30.93 -28.24
CA THR A 158 1.07 32.34 -28.12
C THR A 158 0.82 32.73 -26.67
N TRP A 159 0.61 31.72 -25.84
CA TRP A 159 0.36 31.94 -24.42
C TRP A 159 1.48 32.70 -23.73
N PRO A 160 2.75 32.41 -24.07
CA PRO A 160 3.74 33.28 -23.42
C PRO A 160 3.48 34.78 -23.63
N LEU A 161 3.26 35.21 -24.87
CA LEU A 161 3.04 36.63 -25.10
C LEU A 161 1.77 37.13 -24.40
N ILE A 162 0.69 36.37 -24.44
CA ILE A 162 -0.57 36.85 -23.89
C ILE A 162 -0.54 36.87 -22.36
N ALA A 163 0.36 36.09 -21.78
CA ALA A 163 0.45 35.99 -20.32
C ALA A 163 1.50 36.90 -19.71
N ALA A 164 2.37 37.46 -20.54
CA ALA A 164 3.54 38.18 -20.07
C ALA A 164 3.18 39.35 -19.17
N ASP A 165 2.16 40.11 -19.55
CA ASP A 165 1.85 41.33 -18.83
C ASP A 165 0.58 41.19 -18.02
N GLY A 166 0.32 39.99 -17.54
CA GLY A 166 -0.74 39.78 -16.57
C GLY A 166 -1.85 38.81 -16.89
N GLY A 167 -1.75 38.09 -18.00
CA GLY A 167 -2.71 37.05 -18.30
C GLY A 167 -2.42 35.80 -17.49
N TYR A 168 -3.45 35.03 -17.13
CA TYR A 168 -3.25 33.76 -16.43
C TYR A 168 -4.47 32.82 -16.65
N ALA A 169 -4.32 31.52 -16.38
CA ALA A 169 -5.42 30.59 -16.62
C ALA A 169 -6.35 30.51 -15.40
N PHE A 170 -5.95 29.77 -14.39
CA PHE A 170 -6.74 29.71 -13.16
C PHE A 170 -5.90 30.21 -12.01
N LYS A 171 -6.50 30.98 -11.11
CA LYS A 171 -5.76 31.52 -9.99
C LYS A 171 -5.33 30.43 -9.01
N TYR A 172 -4.02 30.40 -8.71
CA TYR A 172 -3.49 29.46 -7.74
C TYR A 172 -3.34 30.09 -6.35
N GLU A 173 -3.88 29.42 -5.34
CA GLU A 173 -3.85 29.86 -3.95
C GLU A 173 -3.91 28.69 -2.97
N ASN A 174 -2.88 28.59 -2.13
CA ASN A 174 -2.90 27.70 -0.97
C ASN A 174 -2.89 26.24 -1.43
N GLY A 175 -2.31 25.99 -2.61
CA GLY A 175 -2.34 24.66 -3.18
C GLY A 175 -3.54 24.31 -4.03
N LYS A 176 -4.49 25.24 -4.15
CA LYS A 176 -5.70 24.95 -4.92
C LYS A 176 -5.96 25.97 -6.02
N TYR A 177 -6.55 25.50 -7.11
CA TYR A 177 -7.02 26.41 -8.14
C TYR A 177 -8.48 26.77 -7.93
N ASP A 178 -8.77 28.07 -8.01
CA ASP A 178 -10.13 28.58 -7.99
C ASP A 178 -10.64 28.64 -9.44
N ILE A 179 -11.48 27.68 -9.81
CA ILE A 179 -11.94 27.57 -11.19
C ILE A 179 -12.84 28.74 -11.58
N LYS A 180 -13.25 29.53 -10.58
CA LYS A 180 -14.08 30.72 -10.86
C LYS A 180 -13.25 31.93 -11.17
N ASP A 181 -11.96 31.84 -10.90
CA ASP A 181 -11.04 32.99 -11.06
C ASP A 181 -10.12 32.80 -12.24
N VAL A 182 -10.59 33.23 -13.41
CA VAL A 182 -9.85 33.07 -14.67
C VAL A 182 -9.26 34.39 -15.17
N GLY A 183 -8.03 34.37 -15.69
CA GLY A 183 -7.35 35.60 -16.08
C GLY A 183 -7.08 35.75 -17.56
N VAL A 184 -8.09 35.44 -18.37
CA VAL A 184 -7.94 35.38 -19.82
C VAL A 184 -8.42 36.65 -20.55
N ASP A 185 -9.32 37.42 -19.95
CA ASP A 185 -9.76 38.68 -20.55
C ASP A 185 -9.37 39.90 -19.71
N ASN A 186 -8.21 39.85 -19.06
CA ASN A 186 -7.75 41.02 -18.34
C ASN A 186 -6.82 41.87 -19.22
N ALA A 187 -6.32 42.97 -18.65
CA ALA A 187 -5.57 43.95 -19.41
C ALA A 187 -4.38 43.33 -20.12
N GLY A 188 -3.52 42.67 -19.37
CA GLY A 188 -2.32 42.08 -19.94
C GLY A 188 -2.64 41.00 -20.95
N ALA A 189 -3.79 40.36 -20.77
CA ALA A 189 -4.21 39.36 -21.73
C ALA A 189 -4.54 40.01 -23.07
N LYS A 190 -5.49 40.94 -23.05
CA LYS A 190 -5.88 41.65 -24.27
C LYS A 190 -4.67 42.34 -24.90
N ALA A 191 -3.80 42.89 -24.04
CA ALA A 191 -2.61 43.59 -24.49
C ALA A 191 -1.73 42.72 -25.40
N GLY A 192 -1.27 41.59 -24.87
CA GLY A 192 -0.43 40.65 -25.62
C GLY A 192 -1.05 40.09 -26.89
N LEU A 193 -2.37 39.93 -26.88
CA LEU A 193 -3.07 39.38 -28.03
C LEU A 193 -3.36 40.47 -29.09
N THR A 194 -3.65 41.71 -28.66
CA THR A 194 -3.78 42.80 -29.64
C THR A 194 -2.44 43.01 -30.34
N PHE A 195 -1.35 42.88 -29.59
CA PHE A 195 -0.03 43.02 -30.16
C PHE A 195 0.21 41.96 -31.21
N LEU A 196 -0.29 40.76 -30.94
CA LEU A 196 -0.08 39.62 -31.81
C LEU A 196 -0.88 39.79 -33.09
N VAL A 197 -2.11 40.29 -32.95
CA VAL A 197 -2.97 40.59 -34.10
C VAL A 197 -2.37 41.75 -34.91
N ASP A 198 -1.80 42.75 -34.22
CA ASP A 198 -1.07 43.83 -34.91
C ASP A 198 0.31 43.37 -35.35
N LEU A 199 0.40 42.11 -35.72
CA LEU A 199 1.56 41.59 -36.42
C LEU A 199 1.03 40.95 -37.69
N ILE A 200 -0.29 40.76 -37.70
CA ILE A 200 -0.96 40.08 -38.81
C ILE A 200 -1.85 41.05 -39.57
N LYS A 201 -2.37 42.07 -38.89
CA LYS A 201 -3.03 43.14 -39.61
C LYS A 201 -1.96 43.94 -40.33
N ASN A 202 -0.73 43.83 -39.83
CA ASN A 202 0.42 44.54 -40.37
C ASN A 202 1.38 43.64 -41.12
N LYS A 203 0.90 42.47 -41.55
CA LYS A 203 1.60 41.68 -42.55
C LYS A 203 2.98 41.16 -42.11
N HIS A 204 3.23 41.11 -40.80
CA HIS A 204 4.55 40.73 -40.31
C HIS A 204 4.65 39.28 -39.79
N MET A 205 3.49 38.63 -39.70
CA MET A 205 3.36 37.18 -39.56
C MET A 205 2.04 36.82 -40.22
N ASN A 206 1.93 35.60 -40.73
CA ASN A 206 0.69 35.22 -41.37
C ASN A 206 -0.19 34.47 -40.38
N ALA A 207 -1.47 34.81 -40.37
CA ALA A 207 -2.43 34.28 -39.41
C ALA A 207 -2.45 32.75 -39.36
N ASP A 208 -2.14 32.13 -40.48
CA ASP A 208 -2.32 30.69 -40.60
CA ASP A 208 -2.31 30.69 -40.65
C ASP A 208 -1.01 29.91 -40.50
N THR A 209 0.05 30.58 -40.05
CA THR A 209 1.32 29.88 -39.82
C THR A 209 1.08 28.77 -38.79
N ASP A 210 1.58 27.56 -39.06
CA ASP A 210 1.43 26.48 -38.10
C ASP A 210 2.76 25.85 -37.78
N TYR A 211 2.73 24.70 -37.12
CA TYR A 211 3.96 24.09 -36.65
C TYR A 211 4.83 23.71 -37.86
N SER A 212 4.19 23.11 -38.87
CA SER A 212 4.89 22.69 -40.09
C SER A 212 5.55 23.89 -40.78
N ILE A 213 4.74 24.92 -41.06
CA ILE A 213 5.20 26.10 -41.79
C ILE A 213 6.36 26.78 -41.06
N ALA A 214 6.24 26.94 -39.75
CA ALA A 214 7.27 27.62 -38.97
C ALA A 214 8.58 26.83 -38.86
N GLU A 215 8.49 25.51 -38.65
CA GLU A 215 9.71 24.72 -38.49
C GLU A 215 10.54 24.68 -39.77
N ALA A 216 9.87 24.52 -40.92
CA ALA A 216 10.54 24.48 -42.20
C ALA A 216 11.23 25.83 -42.44
N ALA A 217 10.43 26.90 -42.37
CA ALA A 217 10.89 28.27 -42.52
C ALA A 217 12.18 28.53 -41.76
N PHE A 218 12.19 28.19 -40.48
CA PHE A 218 13.37 28.44 -39.68
C PHE A 218 14.52 27.52 -40.07
N ASN A 219 14.19 26.29 -40.44
CA ASN A 219 15.23 25.30 -40.72
C ASN A 219 15.77 25.44 -42.15
N LYS A 220 15.03 26.13 -43.02
CA LYS A 220 15.57 26.51 -44.34
C LYS A 220 16.05 27.97 -44.36
N GLY A 221 16.37 28.52 -43.19
CA GLY A 221 16.90 29.86 -43.05
C GLY A 221 16.13 31.03 -43.66
N GLU A 222 14.80 30.97 -43.63
CA GLU A 222 13.99 32.03 -44.24
C GLU A 222 13.41 32.94 -43.18
N THR A 223 13.53 32.52 -41.93
CA THR A 223 13.27 33.38 -40.78
C THR A 223 14.39 33.15 -39.79
N ALA A 224 14.76 34.19 -39.05
CA ALA A 224 15.93 34.08 -38.20
C ALA A 224 15.53 33.74 -36.78
N MET A 225 14.22 33.71 -36.54
CA MET A 225 13.72 33.48 -35.20
C MET A 225 12.48 32.61 -35.14
N THR A 226 12.42 31.80 -34.09
CA THR A 226 11.26 30.94 -33.86
C THR A 226 11.12 30.65 -32.36
N ILE A 227 9.90 30.30 -31.96
CA ILE A 227 9.64 29.85 -30.59
C ILE A 227 9.24 28.37 -30.62
N ASN A 228 10.00 27.54 -29.93
CA ASN A 228 9.72 26.11 -29.91
C ASN A 228 10.39 25.42 -28.72
N GLY A 229 10.00 24.17 -28.46
CA GLY A 229 10.53 23.42 -27.33
C GLY A 229 11.69 22.50 -27.64
N PRO A 230 12.25 21.88 -26.61
CA PRO A 230 13.49 21.10 -26.67
C PRO A 230 13.48 19.98 -27.69
N TRP A 231 12.28 19.46 -27.98
CA TRP A 231 12.10 18.39 -28.93
C TRP A 231 12.49 18.84 -30.33
N ALA A 232 12.44 20.16 -30.56
CA ALA A 232 12.68 20.73 -31.88
C ALA A 232 14.16 20.76 -32.29
N TRP A 233 15.04 20.66 -31.30
CA TRP A 233 16.48 20.85 -31.48
C TRP A 233 17.17 19.82 -32.38
N SER A 234 16.59 18.63 -32.53
CA SER A 234 17.19 17.58 -33.35
C SER A 234 17.12 17.91 -34.83
N ASN A 235 15.95 18.36 -35.29
CA ASN A 235 15.75 18.72 -36.69
C ASN A 235 16.45 20.03 -37.06
N ILE A 236 16.78 20.82 -36.04
CA ILE A 236 17.58 22.01 -36.28
C ILE A 236 19.04 21.64 -36.49
N ASP A 237 19.49 20.63 -35.74
CA ASP A 237 20.85 20.14 -35.85
C ASP A 237 21.13 19.57 -37.24
N THR A 238 20.14 18.91 -37.83
CA THR A 238 20.34 18.30 -39.15
C THR A 238 20.24 19.34 -40.28
N SER A 239 19.55 20.46 -40.00
CA SER A 239 19.48 21.57 -40.95
C SER A 239 20.75 22.43 -40.91
N ALA A 240 21.54 22.23 -39.85
CA ALA A 240 22.77 22.96 -39.60
C ALA A 240 22.61 24.50 -39.55
N VAL A 241 21.38 24.99 -39.60
CA VAL A 241 21.12 26.43 -39.43
C VAL A 241 21.66 26.84 -38.07
N ASN A 242 22.81 27.51 -38.07
CA ASN A 242 23.56 27.76 -36.84
C ASN A 242 22.75 28.57 -35.84
N TYR A 243 22.28 27.88 -34.79
CA TYR A 243 21.22 28.41 -33.93
C TYR A 243 21.61 28.50 -32.46
N GLY A 244 20.94 29.40 -31.74
CA GLY A 244 21.11 29.49 -30.30
C GLY A 244 19.75 29.40 -29.65
N VAL A 245 19.75 28.98 -28.38
CA VAL A 245 18.53 28.86 -27.58
C VAL A 245 18.61 29.87 -26.44
N THR A 246 17.65 30.77 -26.35
CA THR A 246 17.79 31.85 -25.36
C THR A 246 16.49 32.28 -24.68
N VAL A 247 16.61 33.23 -23.76
CA VAL A 247 15.46 33.77 -23.04
C VAL A 247 14.49 34.36 -24.04
N LEU A 248 13.20 34.10 -23.84
CA LEU A 248 12.15 34.62 -24.68
C LEU A 248 12.14 36.15 -24.60
N PRO A 249 11.59 36.81 -25.63
CA PRO A 249 11.54 38.28 -25.64
C PRO A 249 10.59 38.80 -24.58
N THR A 250 10.86 40.00 -24.08
CA THR A 250 9.95 40.64 -23.12
C THR A 250 8.82 41.36 -23.86
N PHE A 251 7.67 41.48 -23.20
CA PHE A 251 6.56 42.28 -23.70
C PHE A 251 6.30 43.34 -22.66
N LYS A 252 6.18 44.59 -23.11
CA LYS A 252 6.25 45.75 -22.24
C LYS A 252 7.47 45.54 -21.32
N GLY A 253 7.26 45.57 -20.02
CA GLY A 253 8.39 45.40 -19.12
C GLY A 253 8.72 43.94 -18.84
N GLN A 254 7.80 43.06 -19.24
CA GLN A 254 7.69 41.76 -18.60
C GLN A 254 8.25 40.57 -19.35
N PRO A 255 8.81 39.60 -18.60
CA PRO A 255 9.24 38.31 -19.16
C PRO A 255 8.03 37.62 -19.79
N SER A 256 8.22 36.90 -20.87
CA SER A 256 7.06 36.44 -21.58
C SER A 256 6.37 35.16 -21.03
N LYS A 257 6.81 34.53 -19.96
CA LYS A 257 5.86 33.68 -19.17
C LYS A 257 5.16 32.46 -19.90
N PRO A 258 5.92 31.47 -20.39
CA PRO A 258 5.26 30.33 -21.05
C PRO A 258 4.58 29.34 -20.06
N PHE A 259 3.58 28.58 -20.52
CA PHE A 259 3.06 27.55 -19.64
C PHE A 259 4.01 26.35 -19.69
N VAL A 260 4.38 25.83 -18.53
CA VAL A 260 5.42 24.82 -18.45
C VAL A 260 4.76 23.46 -18.33
N GLY A 261 5.19 22.52 -19.15
CA GLY A 261 4.62 21.19 -19.20
C GLY A 261 5.61 20.16 -18.69
N VAL A 262 5.11 19.19 -17.92
CA VAL A 262 5.88 18.01 -17.58
C VAL A 262 5.34 16.83 -18.42
N LEU A 263 6.14 16.41 -19.36
CA LEU A 263 5.85 15.25 -20.18
C LEU A 263 5.71 14.10 -19.21
N SER A 264 4.60 13.36 -19.37
CA SER A 264 4.20 12.40 -18.36
C SER A 264 3.66 11.12 -18.98
N ALA A 265 3.82 10.01 -18.27
CA ALA A 265 3.37 8.74 -18.82
C ALA A 265 2.30 8.21 -17.90
N GLY A 266 1.08 8.11 -18.41
CA GLY A 266 -0.02 7.54 -17.63
C GLY A 266 -0.30 6.10 -17.97
N ILE A 267 -0.91 5.38 -17.03
CA ILE A 267 -1.32 3.99 -17.30
C ILE A 267 -2.83 3.92 -17.44
N ASN A 268 -3.27 3.39 -18.59
CA ASN A 268 -4.70 3.27 -18.91
C ASN A 268 -5.40 2.44 -17.83
N ALA A 269 -6.50 2.95 -17.26
CA ALA A 269 -7.22 2.21 -16.23
C ALA A 269 -7.75 0.88 -16.76
N ALA A 270 -7.96 0.78 -18.07
CA ALA A 270 -8.53 -0.44 -18.59
C ALA A 270 -7.48 -1.46 -19.03
N SER A 271 -6.20 -1.15 -18.80
CA SER A 271 -5.12 -2.06 -19.18
C SER A 271 -5.00 -3.23 -18.22
N PRO A 272 -4.87 -4.44 -18.76
CA PRO A 272 -4.55 -5.62 -17.95
C PRO A 272 -3.04 -5.72 -17.77
N ASN A 273 -2.27 -4.69 -18.18
CA ASN A 273 -0.82 -4.77 -18.10
C ASN A 273 -0.20 -3.71 -17.21
N LYS A 274 -0.92 -3.28 -16.19
CA LYS A 274 -0.48 -2.21 -15.32
C LYS A 274 0.90 -2.49 -14.68
N GLU A 275 1.11 -3.69 -14.16
CA GLU A 275 2.40 -4.04 -13.53
C GLU A 275 3.51 -4.09 -14.58
N LEU A 276 3.18 -4.57 -15.77
CA LEU A 276 4.12 -4.50 -16.87
C LEU A 276 4.52 -3.09 -17.16
N ALA A 277 3.53 -2.22 -17.35
CA ALA A 277 3.79 -0.83 -17.70
C ALA A 277 4.66 -0.16 -16.63
N LYS A 278 4.39 -0.47 -15.35
CA LYS A 278 5.25 0.04 -14.26
C LYS A 278 6.69 -0.46 -14.41
N GLU A 279 6.83 -1.76 -14.63
CA GLU A 279 8.15 -2.34 -14.84
C GLU A 279 8.85 -1.59 -15.95
N PHE A 280 8.15 -1.40 -17.08
CA PHE A 280 8.80 -0.79 -18.23
C PHE A 280 9.24 0.63 -17.97
N LEU A 281 8.35 1.40 -17.35
CA LEU A 281 8.55 2.82 -17.10
C LEU A 281 9.59 3.11 -16.00
N GLU A 282 9.53 2.37 -14.89
CA GLU A 282 10.43 2.60 -13.76
C GLU A 282 11.84 2.04 -14.00
N ASN A 283 11.93 0.92 -14.69
CA ASN A 283 13.20 0.22 -14.76
C ASN A 283 13.86 0.26 -16.12
N TYR A 284 13.20 0.86 -17.10
CA TYR A 284 13.77 0.96 -18.44
C TYR A 284 13.74 2.38 -18.95
N LEU A 285 12.57 3.00 -18.96
CA LEU A 285 12.51 4.37 -19.46
C LEU A 285 13.16 5.32 -18.46
N LEU A 286 12.73 5.28 -17.20
CA LEU A 286 13.21 6.30 -16.26
C LEU A 286 14.55 5.86 -15.65
N THR A 287 15.53 5.71 -16.53
CA THR A 287 16.89 5.40 -16.17
C THR A 287 17.76 6.25 -17.07
N ASP A 288 19.01 6.48 -16.66
CA ASP A 288 19.95 7.26 -17.46
C ASP A 288 19.95 6.67 -18.86
N GLU A 289 20.06 5.35 -18.93
CA GLU A 289 20.01 4.62 -20.21
C GLU A 289 18.76 4.96 -21.06
N GLY A 290 17.57 4.80 -20.46
CA GLY A 290 16.33 4.98 -21.19
C GLY A 290 16.12 6.37 -21.72
N LEU A 291 16.25 7.33 -20.81
CA LEU A 291 16.01 8.73 -21.14
C LEU A 291 17.01 9.22 -22.18
N GLU A 292 18.26 8.79 -22.07
CA GLU A 292 19.29 9.21 -23.02
C GLU A 292 18.89 8.75 -24.42
N ALA A 293 18.47 7.49 -24.50
CA ALA A 293 18.01 6.92 -25.74
C ALA A 293 16.89 7.75 -26.37
N VAL A 294 15.89 8.13 -25.59
CA VAL A 294 14.81 8.99 -26.11
C VAL A 294 15.37 10.38 -26.39
N ASN A 295 16.19 10.87 -25.46
CA ASN A 295 16.72 12.24 -25.55
C ASN A 295 17.53 12.46 -26.83
N LYS A 296 18.32 11.45 -27.20
CA LYS A 296 19.12 11.48 -28.41
C LYS A 296 18.31 11.51 -29.69
N ASP A 297 17.05 11.09 -29.62
CA ASP A 297 16.18 11.21 -30.79
C ASP A 297 15.64 12.63 -30.83
N LYS A 298 14.88 12.98 -29.82
CA LYS A 298 14.39 14.33 -29.62
C LYS A 298 14.65 14.67 -28.16
N PRO A 299 15.32 15.81 -27.91
CA PRO A 299 15.65 16.19 -26.53
C PRO A 299 14.38 16.32 -25.69
N LEU A 300 14.46 15.83 -24.47
CA LEU A 300 13.31 15.83 -23.57
C LEU A 300 13.14 17.14 -22.82
N GLY A 301 14.23 17.90 -22.70
CA GLY A 301 14.25 19.09 -21.85
C GLY A 301 14.97 18.73 -20.57
N ALA A 302 14.51 19.26 -19.45
CA ALA A 302 15.16 18.96 -18.17
C ALA A 302 14.51 17.74 -17.50
N VAL A 303 15.19 16.59 -17.51
CA VAL A 303 14.58 15.32 -17.15
C VAL A 303 14.32 15.23 -15.66
N ALA A 304 13.29 14.46 -15.32
CA ALA A 304 12.84 14.34 -13.94
C ALA A 304 13.83 13.51 -13.12
N LEU A 305 14.56 12.67 -13.84
CA LEU A 305 15.53 11.78 -13.24
C LEU A 305 16.77 12.61 -12.87
N LYS A 306 16.99 12.79 -11.58
CA LYS A 306 18.03 13.67 -11.05
C LYS A 306 19.40 13.38 -11.66
N SER A 307 19.80 12.11 -11.61
CA SER A 307 21.14 11.71 -12.05
C SER A 307 21.40 12.15 -13.48
N TYR A 308 20.46 11.89 -14.38
CA TYR A 308 20.66 12.27 -15.78
C TYR A 308 20.51 13.77 -15.97
N GLU A 309 19.68 14.42 -15.14
CA GLU A 309 19.49 15.87 -15.25
C GLU A 309 20.77 16.63 -14.96
N GLU A 310 21.50 16.15 -13.96
CA GLU A 310 22.77 16.76 -13.56
C GLU A 310 23.76 16.70 -14.71
N GLU A 311 23.68 15.67 -15.55
CA GLU A 311 24.52 15.63 -16.75
C GLU A 311 23.96 16.62 -17.79
N LEU A 312 22.66 16.58 -18.02
CA LEU A 312 22.02 17.43 -19.01
C LEU A 312 22.06 18.92 -18.69
N ALA A 313 22.18 19.24 -17.41
CA ALA A 313 22.08 20.64 -16.98
C ALA A 313 23.28 21.46 -17.46
N LYS A 314 24.42 20.79 -17.63
CA LYS A 314 25.63 21.42 -18.19
C LYS A 314 25.38 22.04 -19.57
N ASP A 315 24.45 21.43 -20.31
CA ASP A 315 24.04 21.93 -21.61
C ASP A 315 23.43 23.31 -21.45
N PRO A 316 23.98 24.29 -22.20
CA PRO A 316 23.47 25.67 -22.20
C PRO A 316 22.00 25.80 -22.64
N ARG A 317 21.55 24.99 -23.60
CA ARG A 317 20.16 25.04 -24.08
C ARG A 317 19.14 24.59 -23.02
N ILE A 318 19.55 23.65 -22.18
CA ILE A 318 18.74 23.18 -21.09
C ILE A 318 18.66 24.26 -20.01
N ALA A 319 19.78 24.93 -19.78
CA ALA A 319 19.80 26.11 -18.91
C ALA A 319 18.89 27.22 -19.46
N ALA A 320 18.84 27.37 -20.78
CA ALA A 320 17.93 28.34 -21.39
C ALA A 320 16.48 27.93 -21.13
N THR A 321 16.23 26.64 -21.34
CA THR A 321 14.92 26.04 -21.15
C THR A 321 14.39 26.31 -19.77
N MET A 322 15.21 25.99 -18.78
CA MET A 322 14.84 26.19 -17.38
C MET A 322 14.79 27.68 -17.00
N GLU A 323 15.54 28.52 -17.72
CA GLU A 323 15.45 29.94 -17.44
C GLU A 323 14.09 30.45 -17.89
N ASN A 324 13.67 30.04 -19.08
CA ASN A 324 12.30 30.33 -19.51
C ASN A 324 11.24 29.73 -18.59
N ALA A 325 11.49 28.50 -18.14
CA ALA A 325 10.56 27.80 -17.25
C ALA A 325 10.33 28.54 -15.94
N GLN A 326 11.42 29.03 -15.33
CA GLN A 326 11.29 29.69 -14.05
C GLN A 326 10.64 31.05 -14.21
N LYS A 327 10.61 31.55 -15.44
CA LYS A 327 9.93 32.79 -15.72
C LYS A 327 8.47 32.54 -16.08
N GLY A 328 8.16 31.27 -16.38
CA GLY A 328 6.80 30.87 -16.69
C GLY A 328 6.04 30.26 -15.53
N GLU A 329 4.98 29.52 -15.86
CA GLU A 329 4.22 28.84 -14.83
C GLU A 329 3.93 27.42 -15.21
N ILE A 330 4.01 26.53 -14.22
CA ILE A 330 3.63 25.15 -14.40
C ILE A 330 2.15 25.11 -14.78
N MET A 331 1.80 24.31 -15.76
CA MET A 331 0.38 24.20 -16.06
C MET A 331 -0.34 23.53 -14.89
N PRO A 332 -1.53 24.00 -14.57
CA PRO A 332 -2.41 23.21 -13.70
C PRO A 332 -2.74 21.87 -14.38
N ASN A 333 -3.14 20.84 -13.63
CA ASN A 333 -3.57 19.61 -14.25
C ASN A 333 -5.06 19.35 -14.07
N ILE A 334 -5.79 20.36 -13.59
CA ILE A 334 -7.19 20.17 -13.21
C ILE A 334 -8.06 19.88 -14.41
N PRO A 335 -9.22 19.24 -14.20
CA PRO A 335 -9.96 18.79 -15.38
C PRO A 335 -10.43 19.93 -16.27
N GLN A 336 -10.51 21.16 -15.76
CA GLN A 336 -11.00 22.29 -16.59
C GLN A 336 -9.93 22.79 -17.57
N MET A 337 -8.73 22.22 -17.54
CA MET A 337 -7.66 22.72 -18.43
C MET A 337 -7.95 22.52 -19.90
N SER A 338 -8.66 21.44 -20.26
CA SER A 338 -8.89 21.22 -21.67
C SER A 338 -9.90 22.26 -22.20
N ALA A 339 -10.93 22.57 -21.43
CA ALA A 339 -11.86 23.63 -21.86
C ALA A 339 -11.12 24.96 -21.96
N PHE A 340 -10.28 25.25 -20.97
CA PHE A 340 -9.47 26.46 -21.02
C PHE A 340 -8.69 26.51 -22.33
N TRP A 341 -8.00 25.43 -22.68
CA TRP A 341 -7.19 25.42 -23.87
C TRP A 341 -8.00 25.53 -25.15
N TYR A 342 -9.19 24.97 -25.14
CA TYR A 342 -10.06 25.05 -26.29
C TYR A 342 -10.57 26.51 -26.43
N ALA A 343 -10.97 27.11 -25.32
CA ALA A 343 -11.44 28.48 -25.32
C ALA A 343 -10.36 29.47 -25.77
N VAL A 344 -9.12 29.26 -25.33
CA VAL A 344 -8.03 30.16 -25.69
C VAL A 344 -7.58 29.93 -27.13
N ARG A 345 -7.60 28.67 -27.60
CA ARG A 345 -7.21 28.39 -28.99
C ARG A 345 -8.23 29.05 -29.92
N THR A 346 -9.49 29.04 -29.51
CA THR A 346 -10.53 29.67 -30.30
C THR A 346 -10.33 31.19 -30.34
N ALA A 347 -10.15 31.79 -29.16
CA ALA A 347 -9.98 33.24 -29.08
C ALA A 347 -8.79 33.72 -29.91
N VAL A 348 -7.70 32.95 -29.92
CA VAL A 348 -6.52 33.39 -30.63
C VAL A 348 -6.72 33.24 -32.13
N ILE A 349 -7.32 32.14 -32.57
CA ILE A 349 -7.61 31.95 -34.00
C ILE A 349 -8.61 32.99 -34.53
N ASN A 350 -9.67 33.25 -33.79
CA ASN A 350 -10.70 34.22 -34.20
C ASN A 350 -10.29 35.69 -34.16
N ALA A 351 -9.10 35.99 -33.68
CA ALA A 351 -8.67 37.36 -33.56
C ALA A 351 -7.56 37.61 -34.56
N ALA A 352 -6.89 36.54 -34.93
CA ALA A 352 -5.85 36.59 -35.93
C ALA A 352 -6.47 36.57 -37.33
N SER A 353 -7.72 36.12 -37.39
CA SER A 353 -8.49 36.16 -38.63
C SER A 353 -9.25 37.46 -38.67
N GLY A 354 -10.26 37.58 -37.82
CA GLY A 354 -11.02 38.80 -37.74
C GLY A 354 -12.49 38.58 -37.44
N ARG A 355 -12.90 37.36 -37.07
CA ARG A 355 -14.31 37.15 -36.81
C ARG A 355 -14.72 37.79 -35.51
N GLN A 356 -13.74 38.26 -34.75
CA GLN A 356 -13.99 38.95 -33.49
C GLN A 356 -12.87 39.92 -33.17
N THR A 357 -13.20 40.93 -32.38
CA THR A 357 -12.16 41.80 -31.84
C THR A 357 -11.42 41.04 -30.77
N VAL A 358 -10.15 41.35 -30.59
CA VAL A 358 -9.37 40.79 -29.50
C VAL A 358 -10.17 40.85 -28.20
N ASP A 359 -10.82 41.97 -27.97
CA ASP A 359 -11.54 42.21 -26.73
C ASP A 359 -12.76 41.28 -26.60
N ALA A 360 -13.39 40.96 -27.72
CA ALA A 360 -14.58 40.10 -27.68
C ALA A 360 -14.19 38.62 -27.80
N ALA A 361 -13.02 38.38 -28.38
CA ALA A 361 -12.45 37.04 -28.49
C ALA A 361 -12.11 36.50 -27.09
N LEU A 362 -11.52 37.36 -26.27
CA LEU A 362 -11.13 37.03 -24.93
C LEU A 362 -12.28 37.15 -23.95
N ALA A 363 -13.25 37.98 -24.28
CA ALA A 363 -14.43 38.11 -23.43
C ALA A 363 -15.17 36.80 -23.40
N ALA A 364 -15.26 36.16 -24.57
CA ALA A 364 -16.00 34.90 -24.73
C ALA A 364 -15.27 33.72 -24.10
N ALA A 365 -13.96 33.63 -24.33
CA ALA A 365 -13.12 32.58 -23.76
C ALA A 365 -13.08 32.63 -22.23
N GLN A 366 -13.06 33.84 -21.68
CA GLN A 366 -13.12 34.00 -20.22
C GLN A 366 -14.43 33.42 -19.75
N THR A 367 -15.50 33.77 -20.45
CA THR A 367 -16.82 33.30 -20.08
C THR A 367 -16.93 31.78 -20.12
N ASN A 368 -16.42 31.19 -21.19
CA ASN A 368 -16.49 29.74 -21.30
C ASN A 368 -15.52 29.02 -20.37
N ALA A 369 -14.52 29.71 -19.85
CA ALA A 369 -13.50 29.04 -19.05
C ALA A 369 -13.79 29.08 -17.56
N ALA A 370 -14.42 30.14 -17.07
CA ALA A 370 -14.81 30.24 -15.65
C ALA A 370 -16.15 29.62 -15.33
N ALA A 371 -16.38 29.41 -14.05
CA ALA A 371 -17.57 28.75 -13.56
C ALA A 371 -18.57 29.78 -13.06
N GLU A 372 -19.85 29.40 -13.00
CA GLU A 372 -20.92 30.22 -12.40
C GLU A 372 -21.05 29.86 -10.93
N LEU A 373 -20.71 30.79 -10.06
CA LEU A 373 -20.80 30.52 -8.62
C LEU A 373 -22.16 30.00 -8.17
N THR A 374 -23.23 30.71 -8.51
CA THR A 374 -24.51 30.39 -7.93
C THR A 374 -25.09 29.05 -8.35
N LEU A 375 -24.97 28.71 -9.63
CA LEU A 375 -25.49 27.41 -10.07
C LEU A 375 -24.67 26.29 -9.42
N GLN A 376 -23.36 26.49 -9.28
CA GLN A 376 -22.53 25.46 -8.65
C GLN A 376 -22.90 25.22 -7.19
N GLU A 377 -23.27 26.27 -6.47
CA GLU A 377 -23.73 26.10 -5.10
C GLU A 377 -25.07 25.37 -5.06
N LEU A 378 -26.00 25.76 -5.91
CA LEU A 378 -27.28 25.04 -6.06
C LEU A 378 -27.09 23.55 -6.37
N LEU A 379 -26.09 23.23 -7.21
CA LEU A 379 -25.88 21.83 -7.60
C LEU A 379 -25.08 21.08 -6.54
N GLY A 380 -24.28 21.82 -5.78
CA GLY A 380 -23.62 21.25 -4.62
C GLY A 380 -22.28 20.62 -4.97
N GLU A 381 -21.72 21.06 -6.08
CA GLU A 381 -20.47 20.48 -6.58
C GLU A 381 -19.71 21.55 -7.34
N GLU A 382 -18.39 21.58 -7.18
N GLU A 382 -18.39 21.58 -7.17
CA GLU A 382 -17.51 22.45 -7.97
CA GLU A 382 -17.53 22.44 -7.97
C GLU A 382 -16.99 21.70 -9.21
C GLU A 382 -17.02 21.67 -9.19
N ARG A 383 -17.79 21.69 -10.28
CA ARG A 383 -17.47 20.93 -11.48
CA ARG A 383 -17.44 20.96 -11.49
C ARG A 383 -17.71 21.75 -12.76
N LYS B 2 22.24 3.27 -5.84
CA LYS B 2 22.94 4.03 -4.81
C LYS B 2 23.94 3.14 -4.04
N ILE B 3 23.72 1.83 -4.04
CA ILE B 3 24.69 0.91 -3.44
C ILE B 3 25.84 0.64 -4.44
N GLU B 4 26.76 1.59 -4.48
CA GLU B 4 27.91 1.56 -5.38
C GLU B 4 29.04 0.68 -4.89
N GLU B 5 29.55 -0.17 -5.77
CA GLU B 5 30.78 -0.88 -5.48
C GLU B 5 31.93 0.13 -5.29
N GLY B 6 32.65 0.00 -4.18
CA GLY B 6 33.79 0.84 -3.89
C GLY B 6 33.44 2.01 -2.98
N LYS B 7 32.24 1.98 -2.41
CA LYS B 7 31.85 2.95 -1.37
C LYS B 7 30.95 2.23 -0.35
N LEU B 8 30.72 2.86 0.80
CA LEU B 8 29.86 2.29 1.83
C LEU B 8 28.72 3.20 2.27
N VAL B 9 27.52 2.64 2.33
CA VAL B 9 26.37 3.35 2.88
C VAL B 9 25.90 2.68 4.18
N ILE B 10 25.77 3.49 5.22
CA ILE B 10 25.46 3.01 6.56
C ILE B 10 24.16 3.59 7.08
N TRP B 11 23.27 2.74 7.56
CA TRP B 11 22.10 3.24 8.25
C TRP B 11 22.21 3.06 9.76
N ILE B 12 21.88 4.12 10.49
CA ILE B 12 21.86 4.08 11.95
C ILE B 12 20.78 5.03 12.44
N ASN B 13 20.14 4.71 13.56
CA ASN B 13 19.07 5.52 14.09
C ASN B 13 19.48 6.96 14.46
N GLY B 14 18.56 7.88 14.26
CA GLY B 14 18.73 9.29 14.57
C GLY B 14 19.10 9.64 15.99
N ASP B 15 18.76 8.78 16.95
CA ASP B 15 19.10 9.08 18.34
C ASP B 15 20.55 8.69 18.74
N LYS B 16 21.30 8.12 17.80
CA LYS B 16 22.61 7.52 18.10
C LYS B 16 23.67 8.48 17.59
N GLY B 17 24.94 8.13 17.78
CA GLY B 17 26.04 9.01 17.43
C GLY B 17 26.44 9.04 15.97
N TYR B 18 25.51 9.37 15.07
CA TYR B 18 25.85 9.28 13.65
C TYR B 18 26.92 10.27 13.20
N ASN B 19 27.07 11.40 13.90
CA ASN B 19 28.13 12.34 13.53
C ASN B 19 29.49 11.72 13.84
N GLY B 20 29.62 11.17 15.03
CA GLY B 20 30.82 10.43 15.41
C GLY B 20 31.12 9.27 14.47
N LEU B 21 30.08 8.55 14.06
CA LEU B 21 30.22 7.44 13.12
C LEU B 21 30.74 7.99 11.80
N ALA B 22 30.15 9.08 11.34
CA ALA B 22 30.59 9.73 10.12
C ALA B 22 32.05 10.08 10.21
N GLU B 23 32.50 10.43 11.40
CA GLU B 23 33.90 10.80 11.54
C GLU B 23 34.77 9.56 11.45
N VAL B 24 34.29 8.42 11.93
CA VAL B 24 35.02 7.17 11.72
C VAL B 24 34.98 6.87 10.24
N GLY B 25 33.91 7.29 9.56
CA GLY B 25 33.81 7.14 8.12
C GLY B 25 34.89 7.93 7.42
N LYS B 26 35.14 9.14 7.93
CA LYS B 26 36.17 10.03 7.38
C LYS B 26 37.55 9.43 7.43
N LYS B 27 37.93 8.93 8.60
CA LYS B 27 39.27 8.38 8.76
C LYS B 27 39.45 7.14 7.90
N PHE B 28 38.36 6.45 7.61
CA PHE B 28 38.40 5.27 6.75
C PHE B 28 38.64 5.70 5.30
N GLU B 29 37.95 6.77 4.90
CA GLU B 29 38.07 7.28 3.54
C GLU B 29 39.52 7.68 3.26
N LYS B 30 40.13 8.38 4.21
CA LYS B 30 41.47 8.94 4.03
C LYS B 30 42.55 7.85 4.06
N ASP B 31 42.26 6.75 4.73
CA ASP B 31 43.17 5.61 4.72
C ASP B 31 43.02 4.79 3.42
N THR B 32 41.79 4.66 2.92
CA THR B 32 41.49 3.68 1.87
C THR B 32 40.98 4.27 0.56
N GLY B 33 40.53 5.52 0.58
CA GLY B 33 39.95 6.16 -0.59
C GLY B 33 38.48 5.81 -0.74
N ILE B 34 38.00 4.86 0.08
CA ILE B 34 36.61 4.43 0.04
C ILE B 34 35.73 5.43 0.78
N LYS B 35 34.72 5.96 0.11
CA LYS B 35 33.86 6.95 0.75
C LYS B 35 32.82 6.24 1.61
N VAL B 36 32.55 6.80 2.78
CA VAL B 36 31.58 6.25 3.71
C VAL B 36 30.51 7.29 3.96
N THR B 37 29.26 6.93 3.66
CA THR B 37 28.14 7.85 3.85
C THR B 37 27.20 7.33 4.93
N VAL B 38 27.00 8.12 5.98
CA VAL B 38 26.15 7.73 7.09
C VAL B 38 24.77 8.39 7.04
N GLU B 39 23.72 7.58 6.99
CA GLU B 39 22.35 8.09 6.87
C GLU B 39 21.49 7.62 8.04
N HIS B 40 20.52 8.43 8.43
CA HIS B 40 19.62 8.00 9.48
C HIS B 40 18.14 8.18 9.18
N PRO B 41 17.60 7.40 8.23
CA PRO B 41 16.18 7.54 7.88
C PRO B 41 15.24 7.12 9.01
N ASP B 42 14.03 7.66 9.01
CA ASP B 42 13.04 7.25 10.01
C ASP B 42 12.58 5.85 9.68
N LYS B 43 12.32 5.07 10.71
CA LYS B 43 11.89 3.71 10.52
C LYS B 43 12.80 2.98 9.56
N LEU B 44 14.08 3.19 9.68
CA LEU B 44 15.05 2.45 8.88
C LEU B 44 14.85 0.95 9.08
N GLU B 45 14.49 0.56 10.29
CA GLU B 45 14.38 -0.84 10.62
C GLU B 45 13.20 -1.51 9.89
N GLU B 46 12.18 -0.74 9.46
CA GLU B 46 11.10 -1.34 8.63
C GLU B 46 11.46 -1.20 7.17
N LYS B 47 12.08 -0.08 6.84
CA LYS B 47 12.45 0.19 5.47
C LYS B 47 13.48 -0.81 4.98
N PHE B 48 14.39 -1.19 5.87
CA PHE B 48 15.52 -2.01 5.46
C PHE B 48 15.12 -3.28 4.70
N PRO B 49 14.15 -4.05 5.22
CA PRO B 49 13.97 -5.24 4.38
C PRO B 49 13.37 -4.96 2.98
N GLN B 50 12.58 -3.90 2.82
CA GLN B 50 12.00 -3.62 1.51
CA GLN B 50 11.99 -3.56 1.53
C GLN B 50 13.10 -3.30 0.52
N VAL B 51 14.01 -2.41 0.88
CA VAL B 51 15.10 -2.00 0.01
C VAL B 51 16.30 -2.95 -0.05
N ALA B 52 16.46 -3.86 0.93
CA ALA B 52 17.74 -4.59 1.02
C ALA B 52 18.08 -5.46 -0.17
N ALA B 53 17.11 -6.23 -0.64
CA ALA B 53 17.31 -7.14 -1.77
C ALA B 53 17.46 -6.44 -3.10
N THR B 54 16.82 -5.28 -3.19
CA THR B 54 16.62 -4.60 -4.45
C THR B 54 17.78 -3.73 -4.88
N GLY B 55 18.83 -3.72 -4.09
CA GLY B 55 19.99 -2.92 -4.44
C GLY B 55 19.82 -1.48 -4.03
N ASP B 56 18.82 -1.22 -3.20
CA ASP B 56 18.74 0.07 -2.56
C ASP B 56 19.15 -0.30 -1.14
N GLY B 57 19.16 0.63 -0.19
CA GLY B 57 19.47 0.18 1.15
C GLY B 57 20.96 0.20 1.43
N PRO B 58 21.33 0.24 2.72
CA PRO B 58 22.73 0.47 3.13
C PRO B 58 23.62 -0.77 3.00
N ASP B 59 24.93 -0.56 2.94
CA ASP B 59 25.85 -1.68 3.01
C ASP B 59 25.83 -2.28 4.44
N ILE B 60 25.62 -1.40 5.42
CA ILE B 60 25.68 -1.76 6.84
C ILE B 60 24.48 -1.15 7.55
N ILE B 61 23.78 -1.95 8.35
CA ILE B 61 22.67 -1.40 9.13
C ILE B 61 22.91 -1.57 10.64
N PHE B 62 22.72 -0.48 11.39
CA PHE B 62 22.80 -0.51 12.84
C PHE B 62 21.42 -0.53 13.49
N TRP B 63 21.26 -1.42 14.46
CA TRP B 63 20.04 -1.44 15.27
C TRP B 63 20.28 -2.38 16.45
N ALA B 64 19.41 -2.32 17.46
CA ALA B 64 19.47 -3.30 18.54
C ALA B 64 19.30 -4.66 17.91
N HIS B 65 19.90 -5.65 18.55
CA HIS B 65 19.95 -7.02 18.03
C HIS B 65 18.57 -7.66 17.85
N ASP B 66 17.56 -7.10 18.49
CA ASP B 66 16.25 -7.74 18.50
C ASP B 66 15.63 -7.86 17.11
N ARG B 67 15.99 -6.97 16.17
CA ARG B 67 15.43 -7.05 14.83
C ARG B 67 16.20 -7.97 13.89
N PHE B 68 17.44 -8.28 14.23
CA PHE B 68 18.32 -8.92 13.25
C PHE B 68 17.92 -10.36 12.97
N GLY B 69 17.27 -11.00 13.93
CA GLY B 69 16.76 -12.34 13.73
C GLY B 69 15.71 -12.39 12.63
N GLY B 70 14.79 -11.42 12.64
CA GLY B 70 13.86 -11.26 11.53
C GLY B 70 14.55 -11.07 10.18
N TYR B 71 15.53 -10.16 10.13
CA TYR B 71 16.31 -9.93 8.91
C TYR B 71 17.00 -11.18 8.42
N ALA B 72 17.60 -11.88 9.37
CA ALA B 72 18.37 -13.08 9.06
C ALA B 72 17.45 -14.18 8.53
N GLN B 73 16.24 -14.31 9.08
CA GLN B 73 15.25 -15.25 8.59
CA GLN B 73 15.36 -15.35 8.52
C GLN B 73 15.00 -15.07 7.08
N SER B 74 14.95 -13.81 6.66
CA SER B 74 14.72 -13.49 5.25
C SER B 74 16.00 -13.60 4.39
N GLY B 75 17.15 -13.88 4.99
CA GLY B 75 18.37 -13.95 4.22
C GLY B 75 18.96 -12.57 3.88
N LEU B 76 18.52 -11.53 4.58
CA LEU B 76 18.99 -10.16 4.30
C LEU B 76 20.39 -9.80 4.81
N LEU B 77 20.95 -10.62 5.69
CA LEU B 77 22.21 -10.28 6.33
C LEU B 77 23.29 -11.25 5.89
N ALA B 78 24.51 -10.73 5.66
CA ALA B 78 25.65 -11.57 5.35
C ALA B 78 26.14 -12.25 6.65
N GLU B 79 26.73 -13.44 6.54
CA GLU B 79 27.27 -14.08 7.71
C GLU B 79 28.54 -13.36 8.18
N ILE B 80 28.64 -13.15 9.49
CA ILE B 80 29.81 -12.54 10.07
C ILE B 80 30.80 -13.63 10.55
N THR B 81 32.03 -13.54 10.09
CA THR B 81 33.07 -14.56 10.34
C THR B 81 34.39 -13.94 10.83
N PRO B 82 34.39 -13.41 12.06
CA PRO B 82 35.61 -12.76 12.55
C PRO B 82 36.74 -13.72 12.84
N ALA B 83 37.99 -13.24 12.80
CA ALA B 83 39.12 -14.02 13.27
C ALA B 83 38.93 -14.27 14.76
N ALA B 84 39.41 -15.40 15.24
CA ALA B 84 39.36 -15.74 16.67
C ALA B 84 39.89 -14.61 17.56
N ALA B 85 41.04 -14.06 17.19
CA ALA B 85 41.62 -12.97 17.95
C ALA B 85 40.69 -11.74 17.98
N PHE B 86 40.01 -11.45 16.88
CA PHE B 86 39.10 -10.32 16.87
C PHE B 86 37.87 -10.63 17.71
N GLN B 87 37.30 -11.80 17.51
CA GLN B 87 36.17 -12.26 18.30
C GLN B 87 36.42 -12.13 19.79
N ASP B 88 37.61 -12.56 20.24
CA ASP B 88 37.96 -12.51 21.67
C ASP B 88 38.06 -11.06 22.23
N LYS B 89 38.15 -10.05 21.36
CA LYS B 89 38.23 -8.67 21.85
C LYS B 89 36.90 -8.13 22.38
N LEU B 90 35.84 -8.84 22.04
CA LEU B 90 34.49 -8.47 22.44
C LEU B 90 33.98 -9.48 23.45
N TYR B 91 33.15 -9.03 24.39
CA TYR B 91 32.55 -9.95 25.35
C TYR B 91 31.74 -11.00 24.61
N PRO B 92 31.94 -12.27 24.98
CA PRO B 92 31.21 -13.41 24.46
C PRO B 92 29.69 -13.20 24.48
N PHE B 93 29.16 -12.59 25.54
CA PHE B 93 27.70 -12.45 25.64
C PHE B 93 27.16 -11.48 24.60
N THR B 94 27.99 -10.55 24.14
CA THR B 94 27.51 -9.62 23.11
C THR B 94 27.49 -10.34 21.75
N TRP B 95 28.46 -11.21 21.50
CA TRP B 95 28.37 -12.11 20.35
C TRP B 95 27.09 -12.97 20.39
N ASP B 96 26.78 -13.53 21.56
CA ASP B 96 25.58 -14.34 21.71
C ASP B 96 24.31 -13.58 21.30
N ALA B 97 24.23 -12.29 21.62
CA ALA B 97 23.08 -11.47 21.21
C ALA B 97 22.91 -11.37 19.68
N VAL B 98 24.00 -11.56 18.91
CA VAL B 98 23.91 -11.47 17.45
C VAL B 98 24.13 -12.79 16.77
N ARG B 99 23.88 -13.87 17.51
CA ARG B 99 23.94 -15.19 16.91
C ARG B 99 22.50 -15.62 16.56
N TYR B 100 22.33 -16.22 15.39
CA TYR B 100 21.01 -16.63 14.96
C TYR B 100 21.12 -17.99 14.28
N ASN B 101 20.46 -19.00 14.86
CA ASN B 101 20.57 -20.40 14.44
C ASN B 101 22.02 -20.83 14.38
N GLY B 102 22.79 -20.45 15.39
CA GLY B 102 24.17 -20.86 15.46
C GLY B 102 25.17 -20.02 14.66
N LYS B 103 24.69 -19.03 13.91
CA LYS B 103 25.58 -18.21 13.07
C LYS B 103 25.59 -16.75 13.48
N LEU B 104 26.75 -16.13 13.40
CA LEU B 104 26.86 -14.70 13.67
C LEU B 104 26.32 -13.92 12.49
N ILE B 105 25.44 -12.95 12.76
CA ILE B 105 24.80 -12.23 11.68
C ILE B 105 24.95 -10.72 11.83
N ALA B 106 25.83 -10.32 12.75
CA ALA B 106 26.10 -8.92 13.00
C ALA B 106 27.34 -8.80 13.88
N TYR B 107 27.91 -7.62 13.91
CA TYR B 107 28.89 -7.23 14.91
C TYR B 107 28.19 -6.55 16.10
N PRO B 108 28.44 -7.03 17.32
CA PRO B 108 27.89 -6.31 18.47
C PRO B 108 28.67 -5.04 18.74
N ILE B 109 28.00 -3.96 19.11
CA ILE B 109 28.69 -2.70 19.41
C ILE B 109 28.57 -2.30 20.89
N ALA B 110 27.35 -2.31 21.42
CA ALA B 110 27.16 -1.77 22.75
C ALA B 110 25.88 -2.26 23.39
N VAL B 111 25.94 -2.44 24.70
CA VAL B 111 24.80 -2.85 25.50
C VAL B 111 24.08 -1.62 26.01
N GLU B 112 22.79 -1.56 25.77
CA GLU B 112 22.02 -0.41 26.22
C GLU B 112 20.83 -0.89 27.05
N ALA B 113 20.58 -0.18 28.14
CA ALA B 113 19.41 -0.41 28.97
C ALA B 113 18.91 0.95 29.47
N LEU B 114 17.60 1.09 29.64
CA LEU B 114 17.04 2.30 30.22
C LEU B 114 17.46 2.51 31.68
N SER B 115 17.74 3.76 32.02
CA SER B 115 18.00 4.14 33.40
C SER B 115 17.07 5.27 33.86
N LEU B 116 16.98 5.47 35.16
CA LEU B 116 16.27 6.62 35.70
C LEU B 116 17.22 7.80 35.62
N ILE B 117 16.86 8.81 34.84
CA ILE B 117 17.66 10.01 34.76
C ILE B 117 16.96 11.13 35.54
N TYR B 118 17.66 11.72 36.50
CA TYR B 118 17.03 12.68 37.41
C TYR B 118 17.85 13.97 37.60
N ASN B 119 17.11 15.07 37.79
CA ASN B 119 17.69 16.35 38.20
C ASN B 119 18.05 16.34 39.67
N LYS B 120 19.34 16.47 39.98
CA LYS B 120 19.78 16.47 41.37
C LYS B 120 19.26 17.70 42.14
N ASP B 121 19.23 18.84 41.44
CA ASP B 121 18.81 20.10 42.04
C ASP B 121 17.36 20.06 42.50
N LEU B 122 16.52 19.40 41.71
CA LEU B 122 15.10 19.29 42.03
C LEU B 122 14.84 18.08 42.93
N LEU B 123 15.63 17.01 42.75
CA LEU B 123 15.53 15.78 43.52
C LEU B 123 16.86 15.22 43.95
N PRO B 124 17.39 15.68 45.09
CA PRO B 124 18.68 15.16 45.54
C PRO B 124 18.61 13.69 45.89
N ASN B 125 17.39 13.24 46.18
CA ASN B 125 17.14 11.84 46.50
C ASN B 125 15.97 11.34 45.67
N PRO B 126 16.26 10.59 44.60
CA PRO B 126 15.23 10.13 43.67
C PRO B 126 14.37 9.05 44.31
N PRO B 127 13.09 8.95 43.93
CA PRO B 127 12.21 7.89 44.41
C PRO B 127 12.79 6.51 44.08
N LYS B 128 12.89 5.63 45.08
CA LYS B 128 13.33 4.27 44.83
C LYS B 128 12.14 3.41 44.43
N THR B 129 11.02 4.06 44.15
CA THR B 129 9.76 3.36 43.98
C THR B 129 8.84 4.07 43.01
N TRP B 130 8.15 3.31 42.17
CA TRP B 130 7.15 3.85 41.26
C TRP B 130 5.99 4.41 42.06
N GLU B 131 5.69 3.74 43.18
CA GLU B 131 4.52 4.07 43.99
C GLU B 131 4.65 5.43 44.67
N GLU B 132 5.88 5.83 45.03
CA GLU B 132 6.06 7.15 45.61
C GLU B 132 6.30 8.20 44.53
N ILE B 133 5.75 7.96 43.34
CA ILE B 133 5.84 8.93 42.26
C ILE B 133 4.55 9.74 42.17
N PRO B 134 3.37 9.07 42.27
CA PRO B 134 2.20 9.94 42.37
C PRO B 134 2.27 10.86 43.60
N ALA B 135 2.85 10.35 44.68
CA ALA B 135 3.07 11.12 45.92
C ALA B 135 4.03 12.30 45.73
N LEU B 136 5.20 12.02 45.17
CA LEU B 136 6.20 13.06 44.91
C LEU B 136 5.75 13.96 43.76
N ASP B 137 4.83 13.46 42.94
CA ASP B 137 4.40 14.19 41.75
C ASP B 137 3.75 15.48 42.17
N LYS B 138 2.71 15.35 43.00
CA LYS B 138 1.88 16.47 43.45
C LYS B 138 2.62 17.59 44.16
N GLU B 139 3.69 17.22 44.85
CA GLU B 139 4.47 18.17 45.62
C GLU B 139 5.20 18.97 44.53
N LEU B 140 5.22 18.38 43.34
CA LEU B 140 5.71 19.01 42.11
C LEU B 140 4.60 19.34 41.11
N LYS B 141 3.40 19.65 41.58
CA LYS B 141 2.48 20.48 40.82
C LYS B 141 2.13 21.72 41.63
N ALA B 142 2.91 21.94 42.69
CA ALA B 142 2.94 23.18 43.48
C ALA B 142 4.29 23.70 43.13
N LYS B 143 4.57 23.42 41.89
CA LYS B 143 5.84 23.38 41.21
C LYS B 143 6.47 24.65 40.60
N GLY B 144 5.91 25.01 39.44
CA GLY B 144 6.64 25.42 38.24
C GLY B 144 6.82 24.17 37.32
N LYS B 145 7.31 23.09 37.96
CA LYS B 145 7.92 21.90 37.33
C LYS B 145 7.18 20.53 37.38
N SER B 146 7.28 19.68 36.35
CA SER B 146 6.67 18.32 36.41
C SER B 146 7.48 17.20 37.14
N ALA B 147 6.85 16.06 37.45
CA ALA B 147 7.55 14.98 38.18
C ALA B 147 8.31 13.99 37.29
N LEU B 148 7.60 13.40 36.34
CA LEU B 148 8.20 12.36 35.51
C LEU B 148 7.66 12.45 34.09
N MET B 149 8.57 12.53 33.13
CA MET B 149 8.21 12.50 31.72
C MET B 149 9.16 11.60 30.92
N PHE B 150 8.60 10.68 30.16
CA PHE B 150 9.40 9.85 29.26
C PHE B 150 8.55 9.45 28.06
N ASN B 151 9.18 8.89 27.03
CA ASN B 151 8.45 8.51 25.82
C ASN B 151 7.36 7.50 26.15
N LEU B 152 6.15 7.71 25.62
CA LEU B 152 5.04 6.80 25.89
C LEU B 152 4.49 6.19 24.60
N GLN B 153 5.07 6.56 23.48
CA GLN B 153 4.65 6.05 22.18
C GLN B 153 5.38 4.77 21.81
N GLU B 154 6.53 4.55 22.45
CA GLU B 154 7.32 3.34 22.22
C GLU B 154 7.33 2.44 23.44
N PRO B 155 6.81 1.22 23.27
CA PRO B 155 6.68 0.23 24.35
C PRO B 155 8.01 -0.07 25.04
N TYR B 156 9.12 0.16 24.36
CA TYR B 156 10.46 0.00 24.94
C TYR B 156 10.58 0.74 26.26
N PHE B 157 9.90 1.89 26.34
CA PHE B 157 10.03 2.77 27.50
C PHE B 157 9.06 2.42 28.59
N THR B 158 7.97 1.76 28.21
CA THR B 158 6.96 1.42 29.20
C THR B 158 7.14 -0.01 29.68
N TRP B 159 7.89 -0.79 28.90
CA TRP B 159 8.09 -2.21 29.21
C TRP B 159 8.69 -2.47 30.58
N PRO B 160 9.64 -1.63 31.04
CA PRO B 160 10.10 -1.91 32.40
C PRO B 160 8.98 -1.99 33.45
N LEU B 161 8.07 -1.00 33.49
CA LEU B 161 7.00 -1.03 34.48
C LEU B 161 6.10 -2.26 34.31
N ILE B 162 5.79 -2.60 33.06
CA ILE B 162 4.88 -3.71 32.77
C ILE B 162 5.51 -5.07 33.04
N ALA B 163 6.84 -5.14 33.05
CA ALA B 163 7.51 -6.41 33.26
C ALA B 163 7.88 -6.63 34.72
N ALA B 164 7.82 -5.55 35.49
CA ALA B 164 8.32 -5.56 36.87
C ALA B 164 7.61 -6.60 37.74
N ASP B 165 6.31 -6.75 37.60
CA ASP B 165 5.61 -7.62 38.53
C ASP B 165 5.20 -8.93 37.85
N GLY B 166 5.99 -9.37 36.88
CA GLY B 166 5.82 -10.70 36.33
C GLY B 166 5.53 -10.73 34.84
N GLY B 167 5.64 -9.58 34.19
CA GLY B 167 5.47 -9.53 32.75
C GLY B 167 6.69 -10.05 32.01
N TYR B 168 6.44 -10.64 30.85
CA TYR B 168 7.51 -11.08 29.95
C TYR B 168 6.99 -11.27 28.53
N ALA B 169 7.90 -11.32 27.57
CA ALA B 169 7.52 -11.46 26.18
C ALA B 169 7.33 -12.93 25.84
N PHE B 170 8.46 -13.64 25.67
CA PHE B 170 8.44 -15.06 25.42
C PHE B 170 9.23 -15.71 26.53
N LYS B 171 8.73 -16.83 27.06
CA LYS B 171 9.42 -17.52 28.14
C LYS B 171 10.71 -18.17 27.62
N TYR B 172 11.82 -17.87 28.28
CA TYR B 172 13.12 -18.45 27.93
C TYR B 172 13.44 -19.64 28.80
N GLU B 173 13.83 -20.72 28.14
CA GLU B 173 14.20 -21.98 28.78
C GLU B 173 15.11 -22.71 27.82
N ASN B 174 16.26 -23.20 28.30
CA ASN B 174 17.01 -24.18 27.53
C ASN B 174 17.77 -23.63 26.33
N GLY B 175 17.96 -22.31 26.26
CA GLY B 175 18.50 -21.71 25.05
C GLY B 175 17.40 -21.43 24.03
N LYS B 176 16.17 -21.81 24.38
CA LYS B 176 15.06 -21.65 23.44
C LYS B 176 13.94 -20.78 24.02
N TYR B 177 13.30 -20.01 23.16
CA TYR B 177 12.08 -19.31 23.54
C TYR B 177 10.85 -20.12 23.14
N ASP B 178 9.89 -20.22 24.04
CA ASP B 178 8.60 -20.84 23.74
C ASP B 178 7.67 -19.74 23.24
N ILE B 179 7.48 -19.67 21.93
CA ILE B 179 6.72 -18.58 21.32
C ILE B 179 5.24 -18.63 21.69
N LYS B 180 4.81 -19.77 22.25
CA LYS B 180 3.43 -19.97 22.68
C LYS B 180 3.22 -19.56 24.14
N ASP B 181 4.32 -19.25 24.82
CA ASP B 181 4.25 -18.83 26.22
C ASP B 181 4.50 -17.34 26.25
N VAL B 182 3.43 -16.57 26.13
CA VAL B 182 3.53 -15.11 26.10
C VAL B 182 3.03 -14.55 27.42
N GLY B 183 3.74 -13.56 27.98
CA GLY B 183 3.37 -13.04 29.28
C GLY B 183 2.92 -11.59 29.27
N VAL B 184 2.09 -11.25 28.28
CA VAL B 184 1.68 -9.88 28.06
C VAL B 184 0.32 -9.59 28.71
N ASP B 185 -0.50 -10.63 28.90
CA ASP B 185 -1.78 -10.44 29.58
C ASP B 185 -1.85 -11.16 30.93
N ASN B 186 -0.73 -11.22 31.65
CA ASN B 186 -0.75 -11.83 32.97
C ASN B 186 -1.00 -10.77 34.05
N ALA B 187 -1.01 -11.20 35.31
CA ALA B 187 -1.35 -10.32 36.42
C ALA B 187 -0.42 -9.12 36.49
N GLY B 188 0.88 -9.39 36.59
CA GLY B 188 1.88 -8.34 36.71
C GLY B 188 1.94 -7.41 35.53
N ALA B 189 1.52 -7.92 34.37
CA ALA B 189 1.46 -7.10 33.17
C ALA B 189 0.37 -6.06 33.35
N LYS B 190 -0.86 -6.53 33.62
CA LYS B 190 -1.99 -5.65 33.87
C LYS B 190 -1.70 -4.74 35.05
N ALA B 191 -1.07 -5.32 36.08
CA ALA B 191 -0.70 -4.57 37.27
C ALA B 191 0.13 -3.35 36.90
N GLY B 192 1.26 -3.59 36.26
CA GLY B 192 2.14 -2.53 35.81
C GLY B 192 1.51 -1.58 34.81
N LEU B 193 0.63 -2.08 33.96
CA LEU B 193 0.04 -1.23 32.95
C LEU B 193 -1.12 -0.41 33.50
N THR B 194 -1.90 -0.98 34.42
CA THR B 194 -2.96 -0.20 35.06
C THR B 194 -2.31 0.95 35.82
N PHE B 195 -1.17 0.69 36.45
CA PHE B 195 -0.46 1.74 37.17
C PHE B 195 -0.02 2.84 36.22
N LEU B 196 0.34 2.49 35.00
CA LEU B 196 0.79 3.50 34.05
C LEU B 196 -0.39 4.35 33.59
N VAL B 197 -1.51 3.69 33.36
CA VAL B 197 -2.73 4.36 32.96
C VAL B 197 -3.24 5.28 34.08
N ASP B 198 -3.17 4.83 35.34
CA ASP B 198 -3.55 5.67 36.46
C ASP B 198 -2.47 6.68 36.83
N LEU B 199 -1.71 7.11 35.83
CA LEU B 199 -0.83 8.26 35.97
C LEU B 199 -1.24 9.27 34.94
N ILE B 200 -2.07 8.83 34.01
CA ILE B 200 -2.54 9.67 32.92
C ILE B 200 -4.00 10.01 33.18
N LYS B 201 -4.69 9.11 33.87
CA LYS B 201 -6.03 9.39 34.40
C LYS B 201 -5.90 10.32 35.61
N ASN B 202 -4.73 10.30 36.24
CA ASN B 202 -4.54 11.04 37.47
C ASN B 202 -3.60 12.23 37.17
N LYS B 203 -3.45 12.55 35.88
CA LYS B 203 -2.81 13.80 35.41
C LYS B 203 -1.30 13.92 35.69
N HIS B 204 -0.59 12.81 35.86
CA HIS B 204 0.82 12.90 36.24
C HIS B 204 1.76 12.79 35.06
N MET B 205 1.20 12.35 33.94
CA MET B 205 1.87 12.37 32.65
C MET B 205 0.76 12.47 31.62
N ASN B 206 1.03 13.10 30.49
CA ASN B 206 0.00 13.18 29.46
C ASN B 206 0.25 12.07 28.44
N ALA B 207 -0.85 11.46 28.01
CA ALA B 207 -0.84 10.27 27.17
C ALA B 207 0.00 10.35 25.90
N ASP B 208 0.13 11.52 25.31
CA ASP B 208 0.86 11.62 24.04
C ASP B 208 2.23 12.30 24.16
N THR B 209 2.79 12.28 25.36
CA THR B 209 4.21 12.52 25.50
C THR B 209 4.99 11.48 24.70
N ASP B 210 5.94 11.95 23.89
CA ASP B 210 6.81 11.06 23.14
C ASP B 210 8.26 11.46 23.41
N TYR B 211 9.17 10.96 22.59
CA TYR B 211 10.60 11.17 22.85
C TYR B 211 10.98 12.64 22.83
N SER B 212 10.50 13.36 21.83
CA SER B 212 10.84 14.79 21.70
C SER B 212 10.39 15.55 22.94
N ILE B 213 9.11 15.41 23.27
CA ILE B 213 8.49 16.15 24.37
C ILE B 213 9.11 15.84 25.72
N ALA B 214 9.37 14.56 25.97
CA ALA B 214 9.90 14.17 27.26
C ALA B 214 11.32 14.68 27.42
N GLU B 215 12.10 14.58 26.35
CA GLU B 215 13.50 15.02 26.36
C GLU B 215 13.56 16.52 26.61
N ALA B 216 12.67 17.25 25.94
CA ALA B 216 12.62 18.70 26.09
C ALA B 216 12.33 19.07 27.54
N ALA B 217 11.23 18.54 28.06
CA ALA B 217 10.83 18.80 29.44
C ALA B 217 12.01 18.68 30.40
N PHE B 218 12.69 17.54 30.37
CA PHE B 218 13.77 17.30 31.31
C PHE B 218 14.98 18.18 31.03
N ASN B 219 15.20 18.49 29.76
CA ASN B 219 16.40 19.24 29.38
C ASN B 219 16.22 20.76 29.58
N LYS B 220 14.97 21.21 29.68
CA LYS B 220 14.70 22.59 30.08
C LYS B 220 14.41 22.60 31.55
N GLY B 221 14.88 21.57 32.24
CA GLY B 221 14.69 21.44 33.66
C GLY B 221 13.22 21.51 34.07
N GLU B 222 12.32 20.95 33.26
CA GLU B 222 10.91 21.05 33.60
C GLU B 222 10.25 19.81 34.17
N THR B 223 10.95 18.69 34.17
CA THR B 223 10.53 17.54 34.95
C THR B 223 11.81 17.11 35.63
N ALA B 224 11.71 16.57 36.83
CA ALA B 224 12.91 16.31 37.60
C ALA B 224 13.41 14.89 37.36
N MET B 225 12.60 14.15 36.60
CA MET B 225 12.90 12.77 36.31
C MET B 225 12.51 12.38 34.89
N THR B 226 13.29 11.49 34.30
CA THR B 226 13.02 10.96 32.99
C THR B 226 13.63 9.57 32.82
N ILE B 227 13.07 8.80 31.90
CA ILE B 227 13.61 7.50 31.56
C ILE B 227 14.18 7.50 30.16
N ASN B 228 15.48 7.22 30.07
CA ASN B 228 16.15 7.15 28.78
C ASN B 228 17.46 6.36 28.82
N GLY B 229 17.98 6.02 27.65
CA GLY B 229 19.19 5.24 27.56
C GLY B 229 20.39 6.16 27.41
N PRO B 230 21.60 5.58 27.35
CA PRO B 230 22.87 6.33 27.33
C PRO B 230 23.01 7.34 26.18
N TRP B 231 22.31 7.12 25.07
CA TRP B 231 22.39 8.01 23.91
C TRP B 231 21.89 9.42 24.24
N ALA B 232 21.05 9.51 25.28
CA ALA B 232 20.41 10.75 25.66
C ALA B 232 21.34 11.67 26.46
N TRP B 233 22.41 11.10 27.02
CA TRP B 233 23.24 11.85 27.97
C TRP B 233 23.91 13.08 27.36
N SER B 234 24.11 13.11 26.04
CA SER B 234 24.79 14.24 25.42
C SER B 234 23.97 15.51 25.46
N ASN B 235 22.71 15.41 25.07
CA ASN B 235 21.86 16.57 25.03
C ASN B 235 21.49 17.05 26.42
N ILE B 236 21.65 16.18 27.41
CA ILE B 236 21.47 16.56 28.81
C ILE B 236 22.74 17.30 29.27
N ASP B 237 23.90 16.91 28.73
CA ASP B 237 25.14 17.60 29.04
C ASP B 237 25.15 19.04 28.54
N THR B 238 24.59 19.24 27.35
CA THR B 238 24.60 20.53 26.69
C THR B 238 23.55 21.46 27.30
N SER B 239 22.51 20.87 27.87
CA SER B 239 21.50 21.64 28.57
C SER B 239 22.00 21.98 29.98
N ALA B 240 23.11 21.36 30.36
CA ALA B 240 23.73 21.55 31.67
C ALA B 240 22.81 21.25 32.86
N VAL B 241 21.63 20.67 32.59
CA VAL B 241 20.74 20.22 33.65
C VAL B 241 21.46 19.24 34.58
N ASN B 242 21.83 19.69 35.77
CA ASN B 242 22.68 18.90 36.65
C ASN B 242 21.99 17.58 37.03
N TYR B 243 22.42 16.50 36.39
CA TYR B 243 21.69 15.24 36.41
C TYR B 243 22.54 14.09 36.90
N GLY B 244 21.86 13.06 37.38
CA GLY B 244 22.50 11.81 37.76
C GLY B 244 21.78 10.67 37.07
N VAL B 245 22.47 9.55 36.92
CA VAL B 245 21.90 8.35 36.32
C VAL B 245 21.82 7.25 37.37
N THR B 246 20.63 6.67 37.56
CA THR B 246 20.48 5.71 38.63
C THR B 246 19.53 4.55 38.32
N VAL B 247 19.45 3.61 39.27
CA VAL B 247 18.61 2.43 39.16
C VAL B 247 17.15 2.81 38.99
N LEU B 248 16.44 2.10 38.12
CA LEU B 248 15.01 2.32 37.95
C LEU B 248 14.22 2.06 39.23
N PRO B 249 13.06 2.69 39.37
CA PRO B 249 12.21 2.48 40.54
C PRO B 249 11.63 1.08 40.56
N THR B 250 11.36 0.55 41.75
CA THR B 250 10.69 -0.74 41.88
C THR B 250 9.18 -0.60 41.76
N PHE B 251 8.54 -1.66 41.30
CA PHE B 251 7.08 -1.76 41.26
C PHE B 251 6.64 -2.92 42.14
N LYS B 252 5.63 -2.68 42.99
CA LYS B 252 5.34 -3.59 44.10
C LYS B 252 6.69 -3.85 44.78
N GLY B 253 7.10 -5.10 44.87
CA GLY B 253 8.38 -5.35 45.50
C GLY B 253 9.57 -5.28 44.56
N GLN B 254 9.29 -5.34 43.27
CA GLN B 254 10.26 -5.81 42.28
C GLN B 254 10.96 -4.73 41.46
N PRO B 255 12.25 -4.97 41.11
CA PRO B 255 12.97 -4.06 40.20
C PRO B 255 12.26 -3.97 38.85
N SER B 256 12.30 -2.82 38.19
CA SER B 256 11.43 -2.67 37.04
C SER B 256 11.96 -3.24 35.69
N LYS B 257 13.14 -3.85 35.59
CA LYS B 257 13.32 -4.83 34.49
C LYS B 257 13.16 -4.39 32.99
N PRO B 258 14.05 -3.53 32.48
CA PRO B 258 13.95 -3.14 31.07
C PRO B 258 14.38 -4.22 30.09
N PHE B 259 13.94 -4.14 28.83
CA PHE B 259 14.51 -5.05 27.85
C PHE B 259 15.84 -4.46 27.49
N VAL B 260 16.84 -5.32 27.35
CA VAL B 260 18.21 -4.85 27.16
C VAL B 260 18.58 -5.06 25.69
N GLY B 261 19.11 -4.02 25.05
CA GLY B 261 19.43 -4.08 23.65
C GLY B 261 20.92 -4.09 23.44
N VAL B 262 21.38 -4.88 22.47
CA VAL B 262 22.75 -4.74 21.99
C VAL B 262 22.77 -4.06 20.62
N LEU B 263 23.19 -2.81 20.58
CA LEU B 263 23.35 -2.11 19.30
C LEU B 263 24.33 -2.91 18.50
N SER B 264 23.95 -3.21 17.26
CA SER B 264 24.65 -4.19 16.45
C SER B 264 24.70 -3.75 14.98
N ALA B 265 25.74 -4.18 14.27
CA ALA B 265 25.94 -3.79 12.89
C ALA B 265 25.92 -5.00 11.96
N GLY B 266 24.90 -5.05 11.11
CA GLY B 266 24.80 -6.11 10.11
C GLY B 266 25.25 -5.62 8.74
N ILE B 267 25.72 -6.56 7.94
CA ILE B 267 26.17 -6.29 6.60
C ILE B 267 25.13 -6.82 5.62
N ASN B 268 24.68 -5.96 4.73
CA ASN B 268 23.67 -6.28 3.74
C ASN B 268 24.13 -7.45 2.89
N ALA B 269 23.33 -8.51 2.82
CA ALA B 269 23.70 -9.70 2.07
C ALA B 269 23.83 -9.36 0.58
N ALA B 270 23.12 -8.31 0.16
CA ALA B 270 23.09 -7.87 -1.23
C ALA B 270 24.14 -6.78 -1.50
N SER B 271 24.99 -6.50 -0.52
CA SER B 271 26.03 -5.51 -0.72
C SER B 271 27.17 -6.07 -1.54
N PRO B 272 27.66 -5.29 -2.52
CA PRO B 272 28.87 -5.66 -3.26
C PRO B 272 30.12 -5.22 -2.51
N ASN B 273 29.92 -4.68 -1.32
CA ASN B 273 31.04 -4.16 -0.54
C ASN B 273 31.25 -4.83 0.82
N LYS B 274 30.95 -6.12 0.90
CA LYS B 274 31.07 -6.86 2.14
C LYS B 274 32.47 -6.81 2.78
N GLU B 275 33.52 -7.05 1.98
CA GLU B 275 34.88 -7.05 2.53
C GLU B 275 35.30 -5.67 2.99
N LEU B 276 34.88 -4.64 2.26
CA LEU B 276 35.05 -3.25 2.68
C LEU B 276 34.37 -3.00 4.02
N ALA B 277 33.08 -3.34 4.08
CA ALA B 277 32.28 -3.14 5.29
C ALA B 277 32.86 -3.90 6.51
N LYS B 278 33.37 -5.09 6.27
CA LYS B 278 34.02 -5.84 7.33
C LYS B 278 35.27 -5.14 7.86
N GLU B 279 36.11 -4.72 6.92
CA GLU B 279 37.31 -3.95 7.24
C GLU B 279 36.95 -2.73 8.08
N PHE B 280 35.91 -2.02 7.66
CA PHE B 280 35.53 -0.80 8.35
C PHE B 280 35.03 -1.10 9.77
N LEU B 281 34.22 -2.15 9.89
CA LEU B 281 33.63 -2.45 11.17
C LEU B 281 34.66 -2.99 12.15
N GLU B 282 35.49 -3.92 11.68
CA GLU B 282 36.44 -4.57 12.59
C GLU B 282 37.64 -3.71 12.91
N ASN B 283 38.12 -2.96 11.93
CA ASN B 283 39.43 -2.30 12.06
C ASN B 283 39.35 -0.79 12.21
N TYR B 284 38.14 -0.24 12.14
CA TYR B 284 37.97 1.19 12.38
C TYR B 284 36.94 1.46 13.48
N LEU B 285 35.74 0.90 13.37
CA LEU B 285 34.73 1.15 14.39
C LEU B 285 35.03 0.41 15.70
N LEU B 286 35.27 -0.90 15.64
CA LEU B 286 35.41 -1.67 16.87
C LEU B 286 36.83 -1.61 17.38
N THR B 287 37.27 -0.38 17.67
CA THR B 287 38.56 -0.06 18.25
C THR B 287 38.29 1.00 19.31
N ASP B 288 39.22 1.19 20.23
CA ASP B 288 39.06 2.20 21.26
C ASP B 288 38.71 3.56 20.63
N GLU B 289 39.54 4.02 19.69
CA GLU B 289 39.34 5.28 18.95
C GLU B 289 38.01 5.31 18.19
N GLY B 290 37.70 4.24 17.48
CA GLY B 290 36.48 4.19 16.71
C GLY B 290 35.27 4.35 17.63
N LEU B 291 35.21 3.52 18.68
CA LEU B 291 34.09 3.60 19.62
C LEU B 291 34.07 4.91 20.34
N GLU B 292 35.24 5.44 20.65
CA GLU B 292 35.30 6.70 21.35
C GLU B 292 34.69 7.81 20.49
N ALA B 293 35.05 7.84 19.21
CA ALA B 293 34.50 8.81 18.27
C ALA B 293 32.98 8.81 18.30
N VAL B 294 32.37 7.64 18.22
CA VAL B 294 30.92 7.56 18.31
C VAL B 294 30.42 7.94 19.71
N ASN B 295 31.12 7.45 20.72
CA ASN B 295 30.71 7.66 22.11
C ASN B 295 30.67 9.14 22.52
N LYS B 296 31.66 9.92 22.07
CA LYS B 296 31.71 11.36 22.33
C LYS B 296 30.58 12.11 21.65
N ASP B 297 29.99 11.54 20.61
CA ASP B 297 28.84 12.16 19.98
C ASP B 297 27.58 11.85 20.79
N LYS B 298 27.20 10.58 20.86
CA LYS B 298 26.17 10.11 21.77
C LYS B 298 26.69 8.86 22.47
N PRO B 299 26.69 8.83 23.81
CA PRO B 299 27.24 7.64 24.48
C PRO B 299 26.56 6.35 24.06
N LEU B 300 27.39 5.33 23.87
CA LEU B 300 26.94 4.02 23.40
C LEU B 300 26.30 3.18 24.48
N GLY B 301 26.70 3.43 25.73
CA GLY B 301 26.38 2.52 26.82
C GLY B 301 27.59 1.65 27.15
N ALA B 302 27.35 0.38 27.49
CA ALA B 302 28.46 -0.52 27.82
C ALA B 302 28.93 -1.24 26.56
N VAL B 303 30.07 -0.80 26.03
CA VAL B 303 30.48 -1.24 24.70
C VAL B 303 30.95 -2.70 24.72
N ALA B 304 30.78 -3.36 23.61
CA ALA B 304 31.04 -4.77 23.48
C ALA B 304 32.55 -5.02 23.49
N LEU B 305 33.32 -3.98 23.14
CA LEU B 305 34.77 -4.06 23.11
C LEU B 305 35.39 -3.97 24.51
N LYS B 306 35.96 -5.08 24.97
CA LYS B 306 36.49 -5.21 26.33
C LYS B 306 37.39 -4.08 26.79
N SER B 307 38.41 -3.78 25.99
CA SER B 307 39.40 -2.80 26.38
C SER B 307 38.78 -1.43 26.64
N TYR B 308 37.89 -1.00 25.76
CA TYR B 308 37.31 0.31 25.89
C TYR B 308 36.25 0.34 26.98
N GLU B 309 35.55 -0.78 27.11
CA GLU B 309 34.50 -0.93 28.07
C GLU B 309 35.07 -0.82 29.51
N GLU B 310 36.26 -1.39 29.71
CA GLU B 310 36.91 -1.32 31.02
C GLU B 310 37.26 0.11 31.42
N GLU B 311 37.59 0.95 30.44
CA GLU B 311 37.82 2.36 30.73
C GLU B 311 36.49 3.07 31.00
N LEU B 312 35.51 2.81 30.16
CA LEU B 312 34.24 3.49 30.31
C LEU B 312 33.49 3.11 31.59
N ALA B 313 33.80 1.95 32.14
CA ALA B 313 33.02 1.40 33.27
C ALA B 313 33.21 2.20 34.55
N LYS B 314 34.34 2.87 34.65
CA LYS B 314 34.60 3.75 35.77
C LYS B 314 33.50 4.82 35.88
N ASP B 315 32.92 5.20 34.75
CA ASP B 315 31.78 6.13 34.75
C ASP B 315 30.61 5.56 35.56
N PRO B 316 30.17 6.31 36.58
CA PRO B 316 29.00 5.96 37.41
C PRO B 316 27.71 5.78 36.61
N ARG B 317 27.55 6.51 35.52
CA ARG B 317 26.37 6.38 34.66
C ARG B 317 26.33 5.04 33.92
N ILE B 318 27.50 4.50 33.58
CA ILE B 318 27.58 3.20 32.94
C ILE B 318 27.28 2.07 33.94
N ALA B 319 27.82 2.20 35.16
CA ALA B 319 27.53 1.26 36.22
C ALA B 319 26.04 1.18 36.47
N ALA B 320 25.39 2.35 36.40
CA ALA B 320 23.94 2.46 36.53
C ALA B 320 23.24 1.74 35.38
N THR B 321 23.71 1.98 34.17
CA THR B 321 23.18 1.33 32.99
C THR B 321 23.25 -0.18 33.15
N MET B 322 24.43 -0.67 33.51
CA MET B 322 24.60 -2.11 33.70
C MET B 322 23.88 -2.64 34.95
N GLU B 323 23.65 -1.77 35.94
CA GLU B 323 22.86 -2.17 37.10
C GLU B 323 21.41 -2.34 36.67
N ASN B 324 20.87 -1.39 35.90
CA ASN B 324 19.55 -1.65 35.33
C ASN B 324 19.54 -2.82 34.36
N ALA B 325 20.59 -2.98 33.56
CA ALA B 325 20.65 -4.11 32.61
C ALA B 325 20.58 -5.46 33.33
N GLN B 326 21.31 -5.61 34.43
CA GLN B 326 21.34 -6.90 35.10
C GLN B 326 20.02 -7.14 35.83
N LYS B 327 19.23 -6.08 36.00
CA LYS B 327 17.91 -6.21 36.59
C LYS B 327 16.86 -6.42 35.50
N GLY B 328 17.27 -6.17 34.26
CA GLY B 328 16.39 -6.36 33.12
C GLY B 328 16.60 -7.70 32.43
N GLU B 329 16.15 -7.78 31.19
CA GLU B 329 16.34 -9.00 30.43
C GLU B 329 16.85 -8.65 29.02
N ILE B 330 17.84 -9.40 28.54
CA ILE B 330 18.33 -9.25 27.17
C ILE B 330 17.17 -9.57 26.23
N MET B 331 17.00 -8.78 25.16
CA MET B 331 15.93 -9.08 24.20
C MET B 331 16.13 -10.36 23.44
N PRO B 332 15.05 -11.10 23.19
CA PRO B 332 15.14 -12.15 22.17
C PRO B 332 15.48 -11.52 20.82
N ASN B 333 16.05 -12.28 19.88
CA ASN B 333 16.23 -11.76 18.53
C ASN B 333 15.35 -12.54 17.57
N ILE B 334 14.45 -13.34 18.12
CA ILE B 334 13.70 -14.26 17.29
C ILE B 334 12.75 -13.47 16.37
N PRO B 335 12.36 -14.08 15.24
CA PRO B 335 11.60 -13.28 14.27
C PRO B 335 10.26 -12.73 14.81
N GLN B 336 9.71 -13.32 15.87
CA GLN B 336 8.41 -12.85 16.37
C GLN B 336 8.49 -11.56 17.17
N MET B 337 9.70 -11.02 17.34
CA MET B 337 9.87 -9.84 18.18
C MET B 337 9.20 -8.62 17.61
N SER B 338 9.15 -8.53 16.29
CA SER B 338 8.54 -7.32 15.73
C SER B 338 7.04 -7.41 16.01
N ALA B 339 6.46 -8.59 15.83
CA ALA B 339 5.04 -8.81 16.10
C ALA B 339 4.72 -8.53 17.56
N PHE B 340 5.57 -9.03 18.46
CA PHE B 340 5.46 -8.72 19.87
C PHE B 340 5.44 -7.23 20.11
N TRP B 341 6.40 -6.51 19.50
CA TRP B 341 6.54 -5.08 19.72
C TRP B 341 5.33 -4.27 19.18
N TYR B 342 4.76 -4.69 18.05
CA TYR B 342 3.57 -4.00 17.51
C TYR B 342 2.37 -4.29 18.40
N ALA B 343 2.23 -5.55 18.85
CA ALA B 343 1.12 -5.92 19.71
C ALA B 343 1.14 -5.16 21.04
N VAL B 344 2.34 -4.94 21.58
CA VAL B 344 2.50 -4.22 22.84
C VAL B 344 2.37 -2.71 22.69
N ARG B 345 2.87 -2.17 21.58
CA ARG B 345 2.77 -0.73 21.37
C ARG B 345 1.31 -0.34 21.21
N THR B 346 0.55 -1.22 20.56
CA THR B 346 -0.86 -1.02 20.31
C THR B 346 -1.67 -1.03 21.62
N ALA B 347 -1.49 -2.09 22.41
CA ALA B 347 -2.23 -2.24 23.67
C ALA B 347 -1.97 -1.06 24.61
N VAL B 348 -0.75 -0.54 24.62
CA VAL B 348 -0.42 0.55 25.52
C VAL B 348 -1.01 1.87 25.03
N ILE B 349 -0.93 2.12 23.72
CA ILE B 349 -1.51 3.34 23.16
C ILE B 349 -3.02 3.36 23.39
N ASN B 350 -3.67 2.20 23.22
CA ASN B 350 -5.13 2.11 23.40
C ASN B 350 -5.58 2.22 24.86
N ALA B 351 -4.63 2.26 25.78
CA ALA B 351 -4.93 2.32 27.20
C ALA B 351 -4.51 3.65 27.77
N ALA B 352 -3.58 4.32 27.09
CA ALA B 352 -3.15 5.65 27.51
C ALA B 352 -4.16 6.69 27.07
N SER B 353 -4.94 6.33 26.04
CA SER B 353 -6.00 7.20 25.56
C SER B 353 -7.28 6.80 26.28
N GLY B 354 -7.81 5.63 25.95
CA GLY B 354 -8.97 5.12 26.64
C GLY B 354 -9.94 4.38 25.74
N ARG B 355 -9.54 4.10 24.50
CA ARG B 355 -10.46 3.41 23.59
C ARG B 355 -10.63 1.94 24.01
N GLN B 356 -9.86 1.52 25.00
CA GLN B 356 -10.03 0.21 25.64
C GLN B 356 -9.51 0.25 27.08
N THR B 357 -10.07 -0.61 27.92
CA THR B 357 -9.55 -0.80 29.27
C THR B 357 -8.23 -1.58 29.24
N VAL B 358 -7.36 -1.32 30.22
CA VAL B 358 -6.10 -2.05 30.36
C VAL B 358 -6.30 -3.55 30.20
N ASP B 359 -7.34 -4.05 30.85
CA ASP B 359 -7.57 -5.49 30.85
C ASP B 359 -7.98 -5.94 29.45
N ALA B 360 -8.70 -5.11 28.71
CA ALA B 360 -9.14 -5.48 27.37
C ALA B 360 -8.09 -5.09 26.35
N ALA B 361 -7.24 -4.15 26.72
CA ALA B 361 -6.11 -3.76 25.89
C ALA B 361 -5.14 -4.93 25.79
N LEU B 362 -4.89 -5.57 26.94
CA LEU B 362 -3.99 -6.71 26.98
C LEU B 362 -4.72 -7.96 26.53
N ALA B 363 -6.04 -7.98 26.68
CA ALA B 363 -6.83 -9.12 26.21
C ALA B 363 -6.74 -9.20 24.69
N ALA B 364 -6.77 -8.03 24.06
CA ALA B 364 -6.77 -7.92 22.60
C ALA B 364 -5.40 -8.33 22.06
N ALA B 365 -4.36 -7.91 22.77
CA ALA B 365 -2.99 -8.27 22.39
C ALA B 365 -2.81 -9.78 22.43
N GLN B 366 -3.44 -10.45 23.39
CA GLN B 366 -3.37 -11.91 23.44
C GLN B 366 -4.21 -12.65 22.39
N THR B 367 -5.49 -12.30 22.26
CA THR B 367 -6.36 -13.04 21.34
C THR B 367 -5.86 -12.90 19.89
N ASN B 368 -5.62 -11.67 19.47
CA ASN B 368 -4.89 -11.40 18.25
C ASN B 368 -3.52 -10.93 18.72
N ALA B 369 -2.44 -11.70 18.61
CA ALA B 369 -2.29 -12.90 17.80
C ALA B 369 -2.33 -14.28 18.49
N ALA B 370 -3.47 -14.72 19.01
CA ALA B 370 -3.57 -16.13 19.40
C ALA B 370 -4.09 -16.86 18.19
N ALA B 371 -4.65 -16.07 17.27
CA ALA B 371 -5.32 -16.59 16.09
C ALA B 371 -4.36 -16.65 14.91
N GLU B 372 -3.24 -15.95 15.04
CA GLU B 372 -2.19 -15.99 14.06
C GLU B 372 -1.44 -17.31 14.24
N LEU B 373 -1.19 -17.63 15.51
CA LEU B 373 -0.55 -18.90 15.86
C LEU B 373 -1.33 -20.07 15.26
N THR B 374 -2.64 -20.04 15.38
CA THR B 374 -3.48 -21.16 14.99
C THR B 374 -3.39 -21.30 13.47
N LEU B 375 -3.31 -20.16 12.79
CA LEU B 375 -3.15 -20.16 11.34
C LEU B 375 -1.79 -20.73 10.90
N GLN B 376 -0.74 -20.39 11.64
CA GLN B 376 0.59 -20.89 11.34
C GLN B 376 0.68 -22.39 11.51
N GLU B 377 -0.06 -22.91 12.48
CA GLU B 377 -0.14 -24.33 12.71
C GLU B 377 -0.84 -24.98 11.54
N LEU B 378 -1.94 -24.35 11.13
CA LEU B 378 -2.66 -24.75 9.93
C LEU B 378 -1.74 -24.73 8.70
N LEU B 379 -0.89 -23.71 8.61
CA LEU B 379 -0.02 -23.56 7.46
C LEU B 379 1.20 -24.47 7.65
N GLY B 380 1.47 -24.80 8.90
N GLY B 380 1.52 -24.78 8.89
CA GLY B 380 2.41 -25.86 9.26
CA GLY B 380 2.77 -25.46 9.21
C GLY B 380 3.90 -25.68 9.49
C GLY B 380 3.95 -24.55 8.93
N GLU B 381 4.61 -25.04 8.56
N GLU B 381 3.66 -23.31 8.56
CA GLU B 381 6.06 -24.96 8.70
CA GLU B 381 4.71 -22.35 8.29
C GLU B 381 6.50 -23.85 9.65
C GLU B 381 5.09 -21.67 9.59
N GLU B 382 5.53 -23.28 10.37
N GLU B 382 5.80 -22.42 10.42
CA GLU B 382 5.77 -22.32 11.44
CA GLU B 382 6.18 -22.01 11.77
C GLU B 382 6.62 -21.13 11.02
C GLU B 382 7.29 -20.96 11.76
N SER C 1 -29.79 11.09 34.16
CA SER C 1 -29.53 12.18 33.22
C SER C 1 -28.41 11.81 32.22
N SER C 2 -28.78 11.38 31.01
CA SER C 2 -27.81 11.17 29.91
C SER C 2 -28.25 11.77 28.56
N SER C 3 -27.28 12.32 27.81
CA SER C 3 -27.56 13.10 26.59
C SER C 3 -27.94 12.29 25.35
N VAL C 4 -28.63 12.94 24.40
CA VAL C 4 -28.81 12.40 23.05
C VAL C 4 -27.88 13.15 22.06
N PRO C 5 -27.15 12.40 21.23
CA PRO C 5 -26.17 12.98 20.30
C PRO C 5 -26.82 13.93 19.29
N SER C 6 -26.15 15.02 18.97
CA SER C 6 -26.71 15.96 18.03
C SER C 6 -26.75 15.37 16.60
N GLN C 7 -27.72 15.82 15.81
CA GLN C 7 -27.85 15.39 14.41
C GLN C 7 -27.58 16.57 13.51
N LYS C 8 -27.18 17.67 14.14
CA LYS C 8 -27.07 18.96 13.47
C LYS C 8 -25.95 18.92 12.43
N THR C 9 -26.26 19.32 11.21
CA THR C 9 -25.28 19.45 10.16
C THR C 9 -24.11 20.34 10.58
N TYR C 10 -22.90 19.88 10.26
CA TYR C 10 -21.67 20.59 10.56
C TYR C 10 -20.63 20.27 9.48
N GLN C 11 -20.49 21.17 8.52
CA GLN C 11 -19.56 20.97 7.42
C GLN C 11 -18.13 21.02 7.91
N GLY C 12 -17.88 21.89 8.89
CA GLY C 12 -16.55 22.06 9.45
C GLY C 12 -15.51 22.58 8.48
N SER C 13 -14.25 22.52 8.90
CA SER C 13 -13.12 23.07 8.16
C SER C 13 -12.90 22.44 6.80
N TYR C 14 -13.25 21.16 6.69
CA TYR C 14 -12.97 20.40 5.46
C TYR C 14 -14.19 20.26 4.55
N GLY C 15 -15.27 20.98 4.84
CA GLY C 15 -16.47 20.95 4.02
C GLY C 15 -17.09 19.56 3.87
N PHE C 16 -17.36 18.93 5.01
CA PHE C 16 -17.88 17.57 5.05
C PHE C 16 -19.38 17.50 4.76
N ARG C 17 -19.76 16.56 3.91
CA ARG C 17 -21.17 16.30 3.62
C ARG C 17 -21.30 14.88 3.09
N LEU C 18 -22.51 14.35 3.10
CA LEU C 18 -22.80 13.01 2.62
C LEU C 18 -23.34 13.02 1.21
N GLY C 19 -23.22 11.88 0.54
CA GLY C 19 -23.77 11.69 -0.78
C GLY C 19 -24.32 10.29 -0.90
N PHE C 20 -25.16 10.08 -1.90
CA PHE C 20 -25.84 8.81 -2.04
C PHE C 20 -26.06 8.46 -3.51
N LEU C 21 -26.12 7.17 -3.81
CA LEU C 21 -26.50 6.69 -5.13
C LEU C 21 -27.97 7.03 -5.36
N HIS C 22 -28.35 7.20 -6.61
CA HIS C 22 -29.74 7.31 -6.97
C HIS C 22 -30.20 5.96 -7.51
N SER C 23 -30.83 5.16 -6.66
CA SER C 23 -31.07 3.77 -6.99
C SER C 23 -32.51 3.48 -7.42
N GLY C 24 -33.32 4.53 -7.46
CA GLY C 24 -34.70 4.39 -7.93
C GLY C 24 -35.60 3.67 -6.96
N THR C 25 -36.82 3.34 -7.42
CA THR C 25 -37.85 2.81 -6.53
C THR C 25 -38.42 1.50 -7.03
N ALA C 26 -37.68 0.82 -7.90
CA ALA C 26 -38.06 -0.52 -8.34
C ALA C 26 -38.16 -1.44 -7.15
N LYS C 27 -39.05 -2.43 -7.22
CA LYS C 27 -39.33 -3.31 -6.09
C LYS C 27 -38.13 -4.19 -5.79
N SER C 28 -37.17 -4.21 -6.71
CA SER C 28 -36.01 -5.08 -6.55
C SER C 28 -34.84 -4.39 -5.85
N VAL C 29 -34.90 -3.08 -5.72
CA VAL C 29 -33.76 -2.36 -5.19
C VAL C 29 -33.57 -2.72 -3.69
N THR C 30 -32.32 -2.85 -3.28
CA THR C 30 -32.05 -3.31 -1.91
C THR C 30 -31.68 -2.16 -0.99
N CYS C 31 -31.36 -1.04 -1.60
CA CYS C 31 -30.99 0.17 -0.90
C CYS C 31 -31.24 1.34 -1.83
N THR C 32 -32.00 2.31 -1.36
CA THR C 32 -32.29 3.50 -2.15
C THR C 32 -32.45 4.68 -1.22
N TYR C 33 -32.05 5.84 -1.69
CA TYR C 33 -32.09 7.03 -0.86
C TYR C 33 -33.00 8.07 -1.46
N SER C 34 -33.81 8.69 -0.61
CA SER C 34 -34.67 9.77 -1.04
C SER C 34 -34.15 11.11 -0.57
N PRO C 35 -33.64 11.92 -1.49
CA PRO C 35 -33.23 13.28 -1.09
C PRO C 35 -34.39 14.11 -0.57
N ALA C 36 -35.60 13.90 -1.10
CA ALA C 36 -36.73 14.69 -0.68
C ALA C 36 -37.00 14.44 0.79
N LEU C 37 -36.84 13.18 1.19
CA LEU C 37 -37.06 12.78 2.57
C LEU C 37 -35.78 12.80 3.43
N ASN C 38 -34.61 12.89 2.77
CA ASN C 38 -33.29 12.66 3.38
C ASN C 38 -33.28 11.35 4.11
N LYS C 39 -33.67 10.31 3.40
CA LYS C 39 -33.98 9.07 4.06
C LYS C 39 -33.53 7.89 3.25
N MET C 40 -32.84 6.97 3.91
CA MET C 40 -32.39 5.75 3.27
C MET C 40 -33.36 4.61 3.52
N PHE C 41 -33.77 3.93 2.45
CA PHE C 41 -34.56 2.73 2.56
C PHE C 41 -33.69 1.58 2.14
N CYS C 42 -33.58 0.57 3.00
CA CYS C 42 -32.76 -0.57 2.68
C CYS C 42 -33.31 -1.85 3.29
N GLN C 43 -32.87 -3.00 2.76
CA GLN C 43 -33.23 -4.29 3.33
C GLN C 43 -32.20 -4.68 4.37
N LEU C 44 -32.58 -5.60 5.27
CA LEU C 44 -31.71 -6.06 6.34
C LEU C 44 -30.45 -6.75 5.79
N ALA C 45 -29.30 -6.39 6.34
CA ALA C 45 -28.00 -6.98 6.02
C ALA C 45 -27.48 -6.63 4.61
N LYS C 46 -28.26 -5.92 3.81
CA LYS C 46 -27.77 -5.50 2.49
C LYS C 46 -26.84 -4.29 2.58
N THR C 47 -26.00 -4.17 1.55
CA THR C 47 -25.09 -3.05 1.38
C THR C 47 -25.75 -1.68 1.21
N CYS C 48 -25.38 -0.73 2.04
CA CYS C 48 -25.85 0.63 1.90
C CYS C 48 -24.70 1.56 1.71
N PRO C 49 -24.50 2.01 0.48
CA PRO C 49 -23.36 2.88 0.22
C PRO C 49 -23.61 4.26 0.76
N VAL C 50 -22.66 4.78 1.54
CA VAL C 50 -22.74 6.16 1.96
C VAL C 50 -21.46 6.86 1.51
N GLN C 51 -21.61 7.92 0.71
CA GLN C 51 -20.47 8.67 0.19
C GLN C 51 -20.12 9.82 1.13
N LEU C 52 -18.81 9.96 1.42
CA LEU C 52 -18.24 11.10 2.17
C LEU C 52 -17.60 12.07 1.19
N TRP C 53 -18.03 13.34 1.25
CA TRP C 53 -17.53 14.38 0.38
C TRP C 53 -16.83 15.44 1.23
N VAL C 54 -15.57 15.73 0.91
CA VAL C 54 -14.87 16.84 1.55
C VAL C 54 -14.41 17.86 0.50
N ASP C 55 -14.29 19.12 0.91
CA ASP C 55 -13.73 20.13 0.01
C ASP C 55 -12.22 20.15 0.13
N SER C 56 -11.72 19.78 1.29
CA SER C 56 -10.28 19.65 1.47
C SER C 56 -10.02 18.42 2.31
N THR C 57 -8.90 17.76 2.03
CA THR C 57 -8.57 16.51 2.70
C THR C 57 -8.25 16.66 4.18
N PRO C 58 -8.94 15.88 5.03
CA PRO C 58 -8.63 15.80 6.46
C PRO C 58 -7.37 14.98 6.68
N PRO C 59 -6.60 15.30 7.73
CA PRO C 59 -5.33 14.60 7.96
C PRO C 59 -5.55 13.11 8.14
N PRO C 60 -4.59 12.27 7.74
CA PRO C 60 -4.69 10.85 8.14
C PRO C 60 -4.75 10.75 9.66
N GLY C 61 -5.46 9.75 10.18
CA GLY C 61 -5.77 9.66 11.59
C GLY C 61 -7.18 10.15 11.85
N THR C 62 -7.77 10.83 10.86
CA THR C 62 -9.19 11.18 10.91
C THR C 62 -10.07 9.92 10.86
N ARG C 63 -11.16 9.92 11.61
CA ARG C 63 -11.97 8.73 11.71
C ARG C 63 -13.40 9.05 11.32
N VAL C 64 -14.13 8.06 10.86
CA VAL C 64 -15.52 8.23 10.44
C VAL C 64 -16.42 7.33 11.26
N ARG C 65 -17.36 7.93 11.95
CA ARG C 65 -18.17 7.20 12.92
C ARG C 65 -19.64 7.19 12.53
N ALA C 66 -20.30 6.04 12.65
CA ALA C 66 -21.73 6.02 12.39
C ALA C 66 -22.48 5.61 13.64
N MET C 67 -23.64 6.22 13.85
CA MET C 67 -24.40 5.92 15.05
C MET C 67 -25.90 6.10 14.79
N ALA C 68 -26.66 5.11 15.20
CA ALA C 68 -28.10 5.16 15.12
C ALA C 68 -28.71 5.85 16.36
N ILE C 69 -29.68 6.74 16.17
CA ILE C 69 -30.52 7.21 17.27
C ILE C 69 -31.97 7.20 16.81
N TYR C 70 -32.91 7.03 17.73
CA TYR C 70 -34.34 7.09 17.40
C TYR C 70 -34.73 8.51 17.04
N LYS C 71 -35.51 8.64 15.97
CA LYS C 71 -35.90 9.95 15.48
C LYS C 71 -36.94 10.64 16.38
N GLN C 72 -37.86 9.86 16.95
CA GLN C 72 -38.96 10.44 17.71
C GLN C 72 -38.47 10.80 19.09
N SER C 73 -38.71 12.06 19.47
CA SER C 73 -38.17 12.67 20.70
C SER C 73 -38.45 11.86 21.96
N GLN C 74 -39.60 11.20 22.02
CA GLN C 74 -39.92 10.43 23.21
C GLN C 74 -39.17 9.10 23.23
N HIS C 75 -38.34 8.87 22.22
CA HIS C 75 -37.57 7.64 22.18
C HIS C 75 -36.08 7.92 22.09
N MET C 76 -35.74 9.20 21.96
CA MET C 76 -34.38 9.61 21.64
C MET C 76 -33.35 9.12 22.67
N THR C 77 -33.76 8.95 23.92
CA THR C 77 -32.83 8.56 24.96
C THR C 77 -32.59 7.05 25.03
N GLU C 78 -33.41 6.27 24.33
CA GLU C 78 -33.18 4.84 24.35
C GLU C 78 -32.10 4.49 23.34
N VAL C 79 -31.15 3.65 23.78
CA VAL C 79 -30.03 3.21 22.96
C VAL C 79 -30.58 2.32 21.85
N VAL C 80 -30.23 2.62 20.60
CA VAL C 80 -30.65 1.78 19.49
C VAL C 80 -29.89 0.46 19.50
N ARG C 81 -30.64 -0.64 19.46
CA ARG C 81 -30.16 -1.97 19.75
C ARG C 81 -30.76 -2.95 18.78
N ARG C 82 -30.02 -4.01 18.48
CA ARG C 82 -30.61 -5.14 17.77
C ARG C 82 -31.56 -5.86 18.71
N CYS C 83 -32.62 -6.43 18.15
CA CYS C 83 -33.58 -7.22 18.91
C CYS C 83 -32.89 -8.46 19.46
N PRO C 84 -33.40 -9.00 20.58
CA PRO C 84 -32.79 -10.19 21.19
C PRO C 84 -32.68 -11.35 20.22
N HIS C 85 -33.67 -11.56 19.38
CA HIS C 85 -33.60 -12.65 18.42
C HIS C 85 -32.37 -12.56 17.52
N HIS C 86 -32.19 -11.41 16.86
CA HIS C 86 -31.09 -11.23 15.92
C HIS C 86 -29.74 -11.13 16.62
N GLU C 87 -29.74 -10.54 17.82
CA GLU C 87 -28.52 -10.48 18.63
C GLU C 87 -27.96 -11.86 18.96
N ARG C 88 -28.80 -12.88 18.94
CA ARG C 88 -28.36 -14.20 19.38
C ARG C 88 -28.30 -15.14 18.19
N CYS C 89 -28.65 -14.66 17.01
CA CYS C 89 -28.50 -15.50 15.82
C CYS C 89 -27.07 -15.30 15.34
N SER C 90 -26.30 -16.38 15.31
CA SER C 90 -24.90 -16.32 14.92
C SER C 90 -24.75 -15.80 13.49
N ASP C 91 -24.80 -14.48 13.36
CA ASP C 91 -24.71 -13.87 12.04
C ASP C 91 -23.58 -12.85 12.00
N SER C 92 -22.62 -13.00 12.90
CA SER C 92 -21.45 -12.14 12.90
C SER C 92 -20.52 -12.36 11.71
N ASP C 93 -19.85 -11.29 11.30
CA ASP C 93 -18.87 -11.34 10.21
C ASP C 93 -17.49 -11.60 10.78
N GLY C 94 -17.37 -11.53 12.11
CA GLY C 94 -16.13 -11.87 12.75
C GLY C 94 -15.57 -10.63 13.39
N LEU C 95 -16.13 -9.48 13.03
CA LEU C 95 -15.63 -8.24 13.61
C LEU C 95 -16.66 -7.56 14.50
N ALA C 96 -17.90 -7.52 14.02
CA ALA C 96 -18.95 -6.81 14.71
C ALA C 96 -19.49 -7.59 15.93
N PRO C 97 -19.47 -6.97 17.11
CA PRO C 97 -20.24 -7.55 18.24
C PRO C 97 -21.71 -7.77 17.82
N PRO C 98 -22.32 -8.87 18.26
CA PRO C 98 -23.60 -9.22 17.63
C PRO C 98 -24.75 -8.29 18.05
N GLN C 99 -24.49 -7.37 18.98
CA GLN C 99 -25.55 -6.47 19.38
C GLN C 99 -25.53 -5.16 18.61
N HIS C 100 -24.51 -4.96 17.78
CA HIS C 100 -24.47 -3.72 17.00
C HIS C 100 -25.42 -3.77 15.80
N LEU C 101 -26.25 -2.74 15.69
CA LEU C 101 -27.16 -2.56 14.59
C LEU C 101 -26.43 -2.23 13.29
N ILE C 102 -25.51 -1.26 13.37
CA ILE C 102 -24.82 -0.78 12.17
C ILE C 102 -23.44 -1.43 12.01
N ARG C 103 -23.23 -2.08 10.88
CA ARG C 103 -21.94 -2.65 10.58
C ARG C 103 -21.31 -1.95 9.39
N VAL C 104 -19.99 -1.98 9.32
CA VAL C 104 -19.27 -1.65 8.10
C VAL C 104 -18.73 -2.93 7.50
N GLU C 105 -19.05 -3.16 6.23
CA GLU C 105 -18.51 -4.30 5.50
C GLU C 105 -17.30 -3.91 4.60
N GLY C 106 -16.44 -4.89 4.34
CA GLY C 106 -15.29 -4.78 3.47
C GLY C 106 -14.21 -3.84 3.97
N ASN C 107 -14.02 -3.78 5.28
CA ASN C 107 -12.98 -2.92 5.83
C ASN C 107 -12.46 -3.47 7.15
N LEU C 108 -11.23 -3.99 7.12
CA LEU C 108 -10.66 -4.64 8.29
C LEU C 108 -10.20 -3.64 9.33
N ARG C 109 -10.23 -2.35 8.99
CA ARG C 109 -9.79 -1.36 9.96
C ARG C 109 -10.97 -0.87 10.78
N VAL C 110 -12.08 -1.61 10.71
CA VAL C 110 -13.29 -1.20 11.40
C VAL C 110 -13.15 -1.48 12.90
N GLU C 111 -13.68 -0.58 13.71
CA GLU C 111 -13.74 -0.72 15.17
C GLU C 111 -15.18 -0.54 15.63
N TYR C 112 -15.57 -1.32 16.64
CA TYR C 112 -16.90 -1.22 17.23
C TYR C 112 -16.81 -0.70 18.68
N LEU C 113 -17.58 0.33 19.00
CA LEU C 113 -17.53 0.92 20.32
C LEU C 113 -18.87 0.73 21.06
N ASP C 114 -18.75 0.21 22.28
CA ASP C 114 -19.79 0.32 23.30
C ASP C 114 -19.34 1.44 24.21
N ASP C 115 -20.05 2.56 24.13
CA ASP C 115 -19.69 3.73 24.94
C ASP C 115 -20.00 3.46 26.43
N ARG C 116 -19.00 3.61 27.29
CA ARG C 116 -19.16 3.23 28.69
C ARG C 116 -20.00 4.23 29.51
N ASN C 117 -20.16 5.44 28.98
CA ASN C 117 -21.02 6.42 29.61
C ASN C 117 -22.45 6.39 29.08
N THR C 118 -22.60 6.35 27.76
CA THR C 118 -23.94 6.48 27.22
C THR C 118 -24.54 5.15 26.80
N PHE C 119 -23.71 4.13 26.70
CA PHE C 119 -24.10 2.77 26.28
C PHE C 119 -24.55 2.71 24.81
N ARG C 120 -24.34 3.80 24.07
CA ARG C 120 -24.66 3.80 22.66
C ARG C 120 -23.60 3.05 21.84
N HIS C 121 -24.06 2.32 20.83
CA HIS C 121 -23.19 1.66 19.86
C HIS C 121 -22.77 2.62 18.74
N SER C 122 -21.55 2.45 18.26
CA SER C 122 -21.09 3.12 17.05
C SER C 122 -20.04 2.29 16.35
N VAL C 123 -19.91 2.51 15.04
CA VAL C 123 -18.95 1.81 14.22
C VAL C 123 -18.09 2.88 13.54
N VAL C 124 -16.78 2.65 13.54
CA VAL C 124 -15.79 3.65 13.13
C VAL C 124 -14.79 3.04 12.16
N VAL C 125 -14.42 3.80 11.14
CA VAL C 125 -13.36 3.35 10.26
C VAL C 125 -12.47 4.55 10.05
N PRO C 126 -11.20 4.29 9.72
CA PRO C 126 -10.33 5.42 9.40
C PRO C 126 -10.82 6.13 8.13
N TYR C 127 -10.72 7.44 8.10
CA TYR C 127 -10.98 8.15 6.87
C TYR C 127 -9.89 7.87 5.86
N GLU C 128 -10.29 7.61 4.63
CA GLU C 128 -9.38 7.48 3.49
C GLU C 128 -9.88 8.41 2.39
N PRO C 129 -8.97 9.19 1.80
CA PRO C 129 -9.34 10.02 0.64
C PRO C 129 -9.86 9.18 -0.56
N PRO C 130 -10.56 9.83 -1.49
CA PRO C 130 -11.07 9.11 -2.67
C PRO C 130 -9.97 8.43 -3.50
N GLU C 131 -10.32 7.26 -4.03
CA GLU C 131 -9.46 6.53 -4.95
C GLU C 131 -9.32 7.36 -6.23
N VAL C 132 -8.35 7.02 -7.07
CA VAL C 132 -8.20 7.70 -8.36
C VAL C 132 -9.44 7.52 -9.22
N GLY C 133 -9.98 8.61 -9.75
CA GLY C 133 -11.14 8.50 -10.59
C GLY C 133 -12.42 8.54 -9.76
N SER C 134 -12.28 8.97 -8.50
CA SER C 134 -13.44 9.11 -7.63
C SER C 134 -13.36 10.47 -6.98
N ASP C 135 -14.51 11.07 -6.68
CA ASP C 135 -14.48 12.34 -6.01
C ASP C 135 -14.98 12.22 -4.57
N CYS C 136 -15.28 11.00 -4.17
CA CYS C 136 -15.78 10.77 -2.82
C CYS C 136 -15.32 9.41 -2.30
N THR C 137 -15.40 9.28 -0.99
CA THR C 137 -15.09 8.04 -0.30
C THR C 137 -16.40 7.35 0.06
N THR C 138 -16.49 6.08 -0.27
CA THR C 138 -17.72 5.35 -0.04
C THR C 138 -17.54 4.33 1.10
N ILE C 139 -18.41 4.42 2.09
CA ILE C 139 -18.44 3.42 3.14
C ILE C 139 -19.67 2.57 2.89
N HIS C 140 -19.52 1.25 3.01
CA HIS C 140 -20.63 0.31 2.86
C HIS C 140 -21.13 -0.06 4.25
N TYR C 141 -22.31 0.41 4.61
CA TYR C 141 -22.93 0.07 5.88
C TYR C 141 -23.90 -1.09 5.74
N ASN C 142 -24.09 -1.85 6.80
CA ASN C 142 -25.17 -2.84 6.86
C ASN C 142 -26.07 -2.54 8.07
N TYR C 143 -27.39 -2.61 7.91
CA TYR C 143 -28.31 -2.48 9.05
C TYR C 143 -28.84 -3.84 9.43
N MET C 144 -28.63 -4.23 10.67
CA MET C 144 -28.77 -5.65 10.99
C MET C 144 -30.11 -6.03 11.63
N CYS C 145 -31.04 -5.09 11.69
CA CYS C 145 -32.42 -5.40 12.09
C CYS C 145 -33.36 -4.63 11.19
N ASN C 146 -34.55 -5.18 11.00
CA ASN C 146 -35.68 -4.45 10.44
C ASN C 146 -36.13 -3.35 11.38
N SER C 147 -36.56 -2.22 10.83
CA SER C 147 -37.14 -1.16 11.63
C SER C 147 -38.28 -1.69 12.48
N SER C 148 -38.98 -2.71 11.97
CA SER C 148 -40.10 -3.34 12.64
C SER C 148 -39.73 -4.35 13.68
N CYS C 149 -38.43 -4.65 13.82
CA CYS C 149 -38.02 -5.75 14.69
C CYS C 149 -38.54 -5.55 16.09
N MET C 150 -39.39 -6.46 16.52
CA MET C 150 -39.96 -6.36 17.85
C MET C 150 -38.87 -6.73 18.85
N GLY C 151 -38.70 -5.89 19.85
CA GLY C 151 -37.64 -6.09 20.83
C GLY C 151 -36.43 -5.25 20.44
N GLY C 152 -36.47 -4.70 19.22
CA GLY C 152 -35.43 -3.83 18.72
C GLY C 152 -35.99 -2.45 18.44
N MET C 153 -35.97 -2.06 17.17
CA MET C 153 -36.51 -0.75 16.83
C MET C 153 -38.04 -0.65 16.93
N ASN C 154 -38.77 -1.77 16.93
CA ASN C 154 -40.22 -1.73 17.19
C ASN C 154 -40.99 -0.71 16.34
N ARG C 155 -40.73 -0.72 15.04
CA ARG C 155 -41.34 0.21 14.08
C ARG C 155 -41.02 1.70 14.33
N ARG C 156 -40.10 2.01 15.25
CA ARG C 156 -39.66 3.39 15.47
C ARG C 156 -38.59 3.86 14.43
N PRO C 157 -38.81 5.00 13.78
CA PRO C 157 -37.81 5.46 12.80
C PRO C 157 -36.47 5.83 13.46
N ILE C 158 -35.35 5.58 12.78
CA ILE C 158 -34.06 5.99 13.32
C ILE C 158 -33.29 6.97 12.42
N LEU C 159 -32.33 7.65 13.03
CA LEU C 159 -31.36 8.46 12.30
C LEU C 159 -30.01 7.78 12.34
N THR C 160 -29.27 7.85 11.25
CA THR C 160 -27.88 7.49 11.31
C THR C 160 -27.13 8.80 11.30
N ILE C 161 -26.28 8.98 12.30
CA ILE C 161 -25.46 10.14 12.40
C ILE C 161 -24.04 9.78 11.98
N ILE C 162 -23.54 10.41 10.93
CA ILE C 162 -22.16 10.19 10.52
C ILE C 162 -21.31 11.33 10.99
N THR C 163 -20.23 11.02 11.70
CA THR C 163 -19.35 12.07 12.13
C THR C 163 -17.93 11.82 11.67
N LEU C 164 -17.33 12.90 11.22
CA LEU C 164 -15.91 12.97 10.94
C LEU C 164 -15.23 13.44 12.23
N GLU C 165 -14.25 12.70 12.72
CA GLU C 165 -13.59 13.14 13.93
C GLU C 165 -12.08 12.92 13.86
N ASP C 166 -11.34 13.59 14.74
CA ASP C 166 -9.89 13.43 14.78
C ASP C 166 -9.52 12.19 15.58
N SER C 167 -8.23 11.89 15.66
CA SER C 167 -7.75 10.70 16.36
C SER C 167 -8.19 10.66 17.83
N SER C 168 -8.51 11.81 18.41
CA SER C 168 -8.88 11.91 19.83
C SER C 168 -10.39 11.86 20.04
N GLY C 169 -11.13 12.02 18.94
CA GLY C 169 -12.58 11.98 19.01
C GLY C 169 -13.24 13.34 18.98
N ASN C 170 -12.49 14.38 18.63
CA ASN C 170 -13.04 15.72 18.49
C ASN C 170 -13.76 15.85 17.16
N LEU C 171 -14.85 16.60 17.18
CA LEU C 171 -15.77 16.71 16.05
C LEU C 171 -15.22 17.54 14.90
N LEU C 172 -15.05 16.92 13.73
CA LEU C 172 -14.60 17.65 12.54
C LEU C 172 -15.75 17.89 11.58
N GLY C 173 -16.77 17.07 11.69
CA GLY C 173 -17.87 17.16 10.77
C GLY C 173 -18.97 16.20 11.15
N ARG C 174 -20.18 16.52 10.71
CA ARG C 174 -21.35 15.75 11.06
C ARG C 174 -22.43 15.88 10.01
N ASN C 175 -23.08 14.78 9.73
CA ASN C 175 -24.27 14.86 8.92
C ASN C 175 -25.11 13.70 9.37
N SER C 176 -26.35 13.62 8.91
CA SER C 176 -27.20 12.53 9.32
C SER C 176 -28.22 12.20 8.27
N PHE C 177 -28.82 11.03 8.39
CA PHE C 177 -29.94 10.71 7.53
C PHE C 177 -30.85 9.72 8.21
N GLU C 178 -32.11 9.80 7.87
CA GLU C 178 -33.06 8.86 8.42
C GLU C 178 -32.89 7.54 7.68
N VAL C 179 -33.14 6.45 8.40
CA VAL C 179 -33.07 5.11 7.87
C VAL C 179 -34.34 4.34 8.17
N ARG C 180 -34.85 3.64 7.18
CA ARG C 180 -35.90 2.67 7.38
C ARG C 180 -35.42 1.33 6.87
N VAL C 181 -35.30 0.34 7.75
CA VAL C 181 -34.90 -0.99 7.29
C VAL C 181 -36.13 -1.85 7.14
N CYS C 182 -36.39 -2.29 5.90
CA CYS C 182 -37.65 -2.94 5.57
C CYS C 182 -37.52 -3.96 4.44
N ALA C 183 -38.63 -4.61 4.12
CA ALA C 183 -38.62 -5.68 3.13
C ALA C 183 -38.64 -5.14 1.69
N CYS C 184 -39.33 -4.01 1.46
CA CYS C 184 -39.40 -3.48 0.10
C CYS C 184 -39.11 -1.99 0.08
N PRO C 185 -37.81 -1.64 0.15
CA PRO C 185 -37.37 -0.25 0.15
C PRO C 185 -37.87 0.51 -1.07
N GLY C 186 -37.85 -0.10 -2.25
CA GLY C 186 -38.36 0.55 -3.45
C GLY C 186 -39.77 1.07 -3.26
N ARG C 187 -40.68 0.17 -2.91
CA ARG C 187 -42.07 0.53 -2.67
C ARG C 187 -42.23 1.53 -1.52
N ASP C 188 -41.50 1.33 -0.42
CA ASP C 188 -41.69 2.24 0.73
C ASP C 188 -41.25 3.67 0.42
N ARG C 189 -40.16 3.81 -0.33
CA ARG C 189 -39.72 5.13 -0.73
C ARG C 189 -40.74 5.78 -1.67
N ARG C 190 -41.25 5.00 -2.61
CA ARG C 190 -42.24 5.49 -3.55
C ARG C 190 -43.47 6.01 -2.76
N THR C 191 -44.03 5.16 -1.90
CA THR C 191 -45.13 5.54 -1.01
C THR C 191 -44.95 6.86 -0.25
N GLU C 192 -43.86 6.99 0.51
CA GLU C 192 -43.63 8.18 1.35
C GLU C 192 -43.34 9.42 0.53
N GLU C 193 -42.74 9.26 -0.64
CA GLU C 193 -42.49 10.43 -1.46
C GLU C 193 -43.82 10.95 -2.01
N GLU C 194 -44.74 10.04 -2.34
CA GLU C 194 -46.04 10.45 -2.88
C GLU C 194 -46.85 11.17 -1.81
N ASN C 195 -46.88 10.63 -0.60
CA ASN C 195 -47.58 11.27 0.51
C ASN C 195 -46.97 12.60 0.91
N LEU C 196 -45.76 12.88 0.44
CA LEU C 196 -45.10 14.11 0.82
C LEU C 196 -45.68 15.27 -0.02
N ARG C 197 -46.09 14.96 -1.24
CA ARG C 197 -46.64 15.98 -2.13
C ARG C 197 -48.11 16.34 -1.83
N LYS C 198 -48.78 15.48 -1.07
CA LYS C 198 -50.20 15.65 -0.76
C LYS C 198 -50.43 16.52 0.48
N LYS C 199 -49.50 16.44 1.44
CA LYS C 199 -49.70 17.07 2.76
C LYS C 199 -49.50 18.58 2.69
N SER D 1 7.34 -65.33 10.17
CA SER D 1 7.91 -64.58 9.06
C SER D 1 8.81 -63.44 9.54
N SER D 2 8.90 -62.38 8.73
CA SER D 2 9.57 -61.16 9.17
C SER D 2 8.62 -59.99 8.89
N SER D 3 8.61 -59.01 9.79
CA SER D 3 7.60 -57.96 9.77
C SER D 3 7.79 -57.08 8.56
N VAL D 4 6.74 -56.33 8.26
CA VAL D 4 6.85 -55.28 7.29
C VAL D 4 7.03 -54.02 8.10
N PRO D 5 8.04 -53.20 7.72
CA PRO D 5 8.40 -52.00 8.47
C PRO D 5 7.21 -51.08 8.57
N SER D 6 7.07 -50.44 9.73
CA SER D 6 5.96 -49.54 9.98
C SER D 6 6.07 -48.31 9.09
N GLN D 7 4.92 -47.74 8.76
CA GLN D 7 4.85 -46.54 7.96
C GLN D 7 4.27 -45.45 8.82
N LYS D 8 4.10 -45.76 10.10
CA LYS D 8 3.39 -44.86 11.00
C LYS D 8 4.16 -43.58 11.18
N THR D 9 3.48 -42.45 10.96
CA THR D 9 4.11 -41.17 11.16
C THR D 9 4.65 -41.10 12.58
N TYR D 10 5.85 -40.53 12.70
CA TYR D 10 6.53 -40.37 13.98
C TYR D 10 7.46 -39.15 13.95
N GLN D 11 7.03 -38.03 14.51
CA GLN D 11 7.87 -36.83 14.57
C GLN D 11 9.07 -37.03 15.48
N GLY D 12 8.88 -37.77 16.57
CA GLY D 12 9.94 -38.02 17.52
C GLY D 12 10.39 -36.75 18.24
N SER D 13 11.51 -36.87 18.96
CA SER D 13 11.99 -35.76 19.78
C SER D 13 12.35 -34.52 18.97
N TYR D 14 12.77 -34.71 17.72
CA TYR D 14 13.26 -33.59 16.93
C TYR D 14 12.22 -33.04 15.94
N GLY D 15 10.97 -33.50 16.07
CA GLY D 15 9.90 -33.00 15.22
C GLY D 15 10.21 -33.21 13.74
N PHE D 16 10.51 -34.45 13.37
CA PHE D 16 10.87 -34.81 12.00
C PHE D 16 9.64 -34.88 11.11
N ARG D 17 9.71 -34.29 9.93
CA ARG D 17 8.62 -34.40 8.99
C ARG D 17 9.16 -34.21 7.59
N LEU D 18 8.39 -34.63 6.59
CA LEU D 18 8.81 -34.48 5.21
C LEU D 18 8.17 -33.24 4.59
N GLY D 19 8.80 -32.73 3.55
CA GLY D 19 8.27 -31.64 2.76
C GLY D 19 8.61 -31.91 1.31
N PHE D 20 7.91 -31.24 0.40
CA PHE D 20 8.03 -31.55 -1.02
C PHE D 20 7.90 -30.27 -1.82
N LEU D 21 8.50 -30.26 -3.01
CA LEU D 21 8.29 -29.17 -3.93
C LEU D 21 6.85 -29.19 -4.46
N HIS D 22 6.34 -28.02 -4.81
CA HIS D 22 5.08 -27.95 -5.53
C HIS D 22 5.34 -27.76 -7.02
N SER D 23 5.29 -28.87 -7.75
CA SER D 23 5.77 -28.85 -9.13
C SER D 23 4.67 -28.88 -10.19
N GLY D 24 3.42 -28.88 -9.77
CA GLY D 24 2.32 -28.78 -10.73
C GLY D 24 2.12 -30.01 -11.60
N THR D 25 1.27 -29.87 -12.62
CA THR D 25 0.84 -31.03 -13.40
C THR D 25 1.03 -30.89 -14.92
N ALA D 26 1.89 -29.97 -15.36
CA ALA D 26 2.23 -29.88 -16.78
C ALA D 26 2.75 -31.23 -17.24
N LYS D 27 2.54 -31.57 -18.51
CA LYS D 27 2.92 -32.88 -19.02
C LYS D 27 4.43 -33.05 -19.10
N SER D 28 5.15 -31.96 -18.91
CA SER D 28 6.60 -31.97 -19.02
C SER D 28 7.29 -32.22 -17.67
N VAL D 29 6.56 -32.17 -16.57
CA VAL D 29 7.23 -32.30 -15.28
C VAL D 29 7.75 -33.72 -15.13
N THR D 30 8.91 -33.83 -14.50
CA THR D 30 9.59 -35.11 -14.33
C THR D 30 9.32 -35.69 -12.95
N CYS D 31 8.86 -34.84 -12.03
CA CYS D 31 8.55 -35.25 -10.65
C CYS D 31 7.56 -34.28 -10.03
N THR D 32 6.47 -34.78 -9.49
CA THR D 32 5.55 -33.89 -8.84
C THR D 32 4.90 -34.61 -7.68
N TYR D 33 4.60 -33.87 -6.64
CA TYR D 33 4.04 -34.48 -5.45
C TYR D 33 2.62 -33.96 -5.21
N SER D 34 1.73 -34.87 -4.83
CA SER D 34 0.34 -34.54 -4.55
C SER D 34 0.10 -34.56 -3.05
N PRO D 35 -0.10 -33.39 -2.44
CA PRO D 35 -0.40 -33.39 -1.00
C PRO D 35 -1.72 -34.06 -0.65
N ALA D 36 -2.71 -33.95 -1.53
CA ALA D 36 -4.01 -34.56 -1.28
C ALA D 36 -3.94 -36.09 -1.25
N LEU D 37 -3.11 -36.64 -2.11
CA LEU D 37 -2.96 -38.07 -2.18
C LEU D 37 -1.79 -38.56 -1.29
N ASN D 38 -0.97 -37.60 -0.84
CA ASN D 38 0.34 -37.88 -0.20
C ASN D 38 1.14 -38.80 -1.10
N LYS D 39 1.30 -38.36 -2.33
CA LYS D 39 1.79 -39.27 -3.34
C LYS D 39 2.70 -38.53 -4.29
N MET D 40 3.85 -39.13 -4.50
CA MET D 40 4.84 -38.63 -5.41
C MET D 40 4.68 -39.30 -6.76
N PHE D 41 4.61 -38.50 -7.81
CA PHE D 41 4.58 -39.01 -9.16
C PHE D 41 5.89 -38.61 -9.81
N CYS D 42 6.63 -39.57 -10.36
CA CYS D 42 7.88 -39.23 -11.01
C CYS D 42 8.21 -40.17 -12.17
N GLN D 43 9.11 -39.73 -13.04
CA GLN D 43 9.61 -40.55 -14.14
C GLN D 43 10.80 -41.38 -13.70
N LEU D 44 11.11 -42.42 -14.48
CA LEU D 44 12.21 -43.32 -14.16
C LEU D 44 13.58 -42.58 -14.12
N ALA D 45 14.35 -42.79 -13.05
CA ALA D 45 15.71 -42.23 -12.92
C ALA D 45 15.80 -40.69 -12.77
N LYS D 46 14.67 -39.99 -12.83
CA LYS D 46 14.66 -38.55 -12.65
C LYS D 46 14.75 -38.14 -11.19
N THR D 47 15.23 -36.93 -10.99
CA THR D 47 15.39 -36.34 -9.66
C THR D 47 14.06 -36.20 -8.91
N CYS D 48 14.00 -36.74 -7.70
CA CYS D 48 12.86 -36.54 -6.79
C CYS D 48 13.33 -35.92 -5.50
N PRO D 49 13.11 -34.60 -5.35
CA PRO D 49 13.60 -33.93 -4.15
C PRO D 49 12.71 -34.29 -2.97
N VAL D 50 13.29 -34.64 -1.83
CA VAL D 50 12.53 -34.83 -0.62
C VAL D 50 13.13 -33.97 0.47
N GLN D 51 12.31 -33.12 1.08
CA GLN D 51 12.79 -32.21 2.10
C GLN D 51 12.67 -32.79 3.51
N LEU D 52 13.75 -32.67 4.27
CA LEU D 52 13.73 -33.06 5.67
C LEU D 52 13.59 -31.84 6.54
N TRP D 53 12.53 -31.80 7.34
CA TRP D 53 12.27 -30.68 8.23
C TRP D 53 12.34 -31.16 9.68
N VAL D 54 13.21 -30.52 10.47
CA VAL D 54 13.28 -30.79 11.91
C VAL D 54 13.05 -29.51 12.71
N ASP D 55 12.54 -29.64 13.94
CA ASP D 55 12.34 -28.49 14.82
C ASP D 55 13.62 -28.16 15.59
N SER D 56 14.40 -29.18 15.86
CA SER D 56 15.73 -29.03 16.45
C SER D 56 16.69 -30.07 15.88
N THR D 57 17.95 -29.69 15.76
CA THR D 57 18.96 -30.51 15.10
C THR D 57 19.28 -31.81 15.84
N PRO D 58 19.23 -32.95 15.12
CA PRO D 58 19.63 -34.26 15.67
C PRO D 58 21.14 -34.37 15.82
N PRO D 59 21.60 -35.19 16.78
CA PRO D 59 23.04 -35.32 17.06
C PRO D 59 23.81 -35.70 15.82
N PRO D 60 25.10 -35.31 15.73
CA PRO D 60 25.90 -35.81 14.62
C PRO D 60 25.92 -37.33 14.63
N GLY D 61 25.98 -37.96 13.45
CA GLY D 61 25.89 -39.41 13.41
C GLY D 61 24.48 -39.91 13.11
N THR D 62 23.50 -39.02 13.20
CA THR D 62 22.13 -39.32 12.79
C THR D 62 22.13 -39.62 11.30
N ARG D 63 21.30 -40.59 10.90
CA ARG D 63 21.27 -41.07 9.53
C ARG D 63 19.86 -40.97 8.94
N VAL D 64 19.78 -40.85 7.61
CA VAL D 64 18.48 -40.80 6.95
C VAL D 64 18.33 -41.97 5.99
N ARG D 65 17.33 -42.78 6.23
CA ARG D 65 17.14 -44.02 5.49
C ARG D 65 15.86 -43.96 4.66
N ALA D 66 15.94 -44.40 3.40
CA ALA D 66 14.75 -44.54 2.55
C ALA D 66 14.59 -46.00 2.18
N MET D 67 13.34 -46.45 2.13
CA MET D 67 13.00 -47.84 1.86
C MET D 67 11.64 -47.98 1.16
N ALA D 68 11.60 -48.75 0.11
CA ALA D 68 10.34 -49.02 -0.58
C ALA D 68 9.58 -50.20 0.03
N ILE D 69 8.26 -50.07 0.23
CA ILE D 69 7.42 -51.25 0.47
C ILE D 69 6.16 -51.22 -0.40
N TYR D 70 5.63 -52.40 -0.76
CA TYR D 70 4.37 -52.44 -1.49
C TYR D 70 3.26 -51.95 -0.58
N LYS D 71 2.42 -51.08 -1.11
CA LYS D 71 1.34 -50.47 -0.34
C LYS D 71 0.19 -51.45 -0.03
N GLN D 72 -0.08 -52.37 -0.94
CA GLN D 72 -1.25 -53.23 -0.79
C GLN D 72 -0.96 -54.36 0.16
N SER D 73 -1.86 -54.55 1.14
CA SER D 73 -1.65 -55.46 2.27
C SER D 73 -1.19 -56.86 1.89
N GLN D 74 -1.72 -57.39 0.79
CA GLN D 74 -1.35 -58.74 0.39
C GLN D 74 0.02 -58.80 -0.30
N HIS D 75 0.68 -57.67 -0.43
CA HIS D 75 1.98 -57.64 -1.12
C HIS D 75 3.06 -57.09 -0.20
N MET D 76 2.64 -56.67 0.99
CA MET D 76 3.52 -55.96 1.91
C MET D 76 4.75 -56.72 2.32
N THR D 77 4.64 -58.04 2.38
CA THR D 77 5.76 -58.87 2.84
C THR D 77 6.77 -59.14 1.72
N GLU D 78 6.40 -58.80 0.48
CA GLU D 78 7.35 -58.98 -0.63
C GLU D 78 8.33 -57.80 -0.76
N VAL D 79 9.59 -58.13 -0.97
CA VAL D 79 10.64 -57.14 -1.08
C VAL D 79 10.53 -56.33 -2.36
N VAL D 80 10.51 -55.00 -2.23
CA VAL D 80 10.48 -54.18 -3.43
C VAL D 80 11.85 -54.23 -4.11
N ARG D 81 11.83 -54.57 -5.39
CA ARG D 81 13.03 -54.97 -6.12
C ARG D 81 12.95 -54.44 -7.55
N ARG D 82 14.08 -54.07 -8.15
CA ARG D 82 14.07 -53.75 -9.55
C ARG D 82 13.77 -54.99 -10.38
N CYS D 83 13.13 -54.76 -11.51
CA CYS D 83 12.80 -55.82 -12.43
C CYS D 83 14.07 -56.44 -12.99
N PRO D 84 13.98 -57.70 -13.42
CA PRO D 84 15.11 -58.43 -14.01
C PRO D 84 15.78 -57.69 -15.15
N HIS D 85 14.99 -57.08 -16.03
CA HIS D 85 15.52 -56.31 -17.14
C HIS D 85 16.43 -55.15 -16.70
N HIS D 86 15.91 -54.32 -15.79
CA HIS D 86 16.63 -53.13 -15.34
C HIS D 86 17.81 -53.49 -14.42
N GLU D 87 17.65 -54.52 -13.59
CA GLU D 87 18.73 -55.03 -12.75
C GLU D 87 19.99 -55.41 -13.54
N ARG D 88 19.82 -55.74 -14.81
CA ARG D 88 20.94 -56.21 -15.59
C ARG D 88 21.29 -55.28 -16.79
N CYS D 89 20.69 -54.09 -16.86
CA CYS D 89 21.05 -53.16 -17.94
C CYS D 89 22.32 -52.32 -17.69
N SER D 90 23.13 -52.72 -16.71
CA SER D 90 24.38 -52.00 -16.36
C SER D 90 24.21 -50.49 -16.28
N ASP D 91 23.42 -50.02 -15.33
CA ASP D 91 23.15 -48.60 -15.23
C ASP D 91 23.43 -48.11 -13.81
N SER D 92 24.23 -48.88 -13.09
CA SER D 92 24.68 -48.51 -11.77
C SER D 92 25.52 -47.25 -11.96
N ASP D 93 25.53 -46.39 -10.94
CA ASP D 93 26.34 -45.19 -11.01
C ASP D 93 27.72 -45.53 -10.47
N GLY D 94 27.82 -46.68 -9.81
CA GLY D 94 29.04 -47.22 -9.27
C GLY D 94 28.89 -47.51 -7.80
N LEU D 95 27.86 -46.94 -7.18
CA LEU D 95 27.60 -47.20 -5.77
C LEU D 95 26.34 -48.02 -5.65
N ALA D 96 25.36 -47.74 -6.51
CA ALA D 96 24.06 -48.39 -6.40
C ALA D 96 24.17 -49.81 -6.87
N PRO D 97 23.92 -50.76 -5.96
CA PRO D 97 23.73 -52.16 -6.41
C PRO D 97 22.61 -52.14 -7.46
N PRO D 98 22.78 -52.88 -8.56
CA PRO D 98 21.87 -52.64 -9.70
C PRO D 98 20.43 -53.12 -9.48
N GLN D 99 20.19 -53.83 -8.38
CA GLN D 99 18.84 -54.30 -8.08
C GLN D 99 18.05 -53.39 -7.11
N HIS D 100 18.69 -52.33 -6.60
CA HIS D 100 18.02 -51.39 -5.68
C HIS D 100 17.12 -50.44 -6.44
N LEU D 101 15.87 -50.32 -6.02
CA LEU D 101 14.93 -49.42 -6.67
C LEU D 101 15.29 -47.97 -6.42
N ILE D 102 15.51 -47.65 -5.15
CA ILE D 102 15.75 -46.30 -4.70
C ILE D 102 17.23 -45.97 -4.60
N ARG D 103 17.66 -44.96 -5.36
CA ARG D 103 19.01 -44.41 -5.32
C ARG D 103 18.99 -42.98 -4.76
N VAL D 104 20.12 -42.53 -4.19
CA VAL D 104 20.35 -41.11 -3.92
C VAL D 104 21.34 -40.56 -4.96
N GLU D 105 21.03 -39.45 -5.60
CA GLU D 105 22.00 -38.84 -6.51
C GLU D 105 22.71 -37.70 -5.78
N GLY D 106 23.94 -37.39 -6.17
CA GLY D 106 24.65 -36.25 -5.62
C GLY D 106 25.00 -36.29 -4.14
N ASN D 107 25.35 -37.46 -3.63
CA ASN D 107 25.78 -37.58 -2.25
C ASN D 107 26.80 -38.69 -2.16
N LEU D 108 28.05 -38.32 -1.84
CA LEU D 108 29.16 -39.27 -1.83
C LEU D 108 29.23 -40.10 -0.56
N ARG D 109 28.44 -39.72 0.44
CA ARG D 109 28.41 -40.48 1.70
C ARG D 109 27.29 -41.51 1.74
N VAL D 110 26.74 -41.83 0.57
CA VAL D 110 25.57 -42.69 0.51
C VAL D 110 25.94 -44.12 0.83
N GLU D 111 25.09 -44.83 1.54
CA GLU D 111 25.31 -46.26 1.72
C GLU D 111 24.08 -47.06 1.30
N TYR D 112 24.34 -48.15 0.60
CA TYR D 112 23.28 -49.02 0.14
C TYR D 112 23.27 -50.32 0.93
N LEU D 113 22.11 -50.63 1.52
CA LEU D 113 21.98 -51.82 2.35
C LEU D 113 21.03 -52.86 1.80
N ASP D 114 21.51 -54.09 1.78
CA ASP D 114 20.68 -55.29 1.68
C ASP D 114 20.57 -55.92 3.07
N ASP D 115 19.43 -55.79 3.72
CA ASP D 115 19.25 -56.25 5.10
C ASP D 115 19.37 -57.77 5.20
N ARG D 116 20.24 -58.23 6.10
CA ARG D 116 20.62 -59.64 6.11
C ARG D 116 19.50 -60.51 6.68
N ASN D 117 18.59 -59.89 7.43
CA ASN D 117 17.43 -60.61 7.96
C ASN D 117 16.20 -60.51 7.07
N THR D 118 15.86 -59.31 6.61
CA THR D 118 14.60 -59.13 5.92
C THR D 118 14.80 -59.10 4.41
N PHE D 119 16.05 -58.96 3.97
CA PHE D 119 16.38 -58.88 2.53
C PHE D 119 15.81 -57.61 1.87
N ARG D 120 15.25 -56.69 2.65
CA ARG D 120 14.73 -55.45 2.06
C ARG D 120 15.87 -54.53 1.72
N HIS D 121 15.79 -53.85 0.57
CA HIS D 121 16.85 -52.87 0.34
C HIS D 121 16.53 -51.57 1.06
N SER D 122 17.56 -50.81 1.37
CA SER D 122 17.37 -49.46 1.83
C SER D 122 18.59 -48.65 1.40
N VAL D 123 18.40 -47.34 1.28
CA VAL D 123 19.49 -46.46 0.96
C VAL D 123 19.56 -45.38 2.03
N VAL D 124 20.77 -45.10 2.52
CA VAL D 124 21.02 -44.23 3.70
C VAL D 124 22.10 -43.19 3.44
N VAL D 125 21.85 -41.97 3.93
CA VAL D 125 22.82 -40.88 3.89
C VAL D 125 22.91 -40.27 5.30
N PRO D 126 24.05 -39.64 5.61
CA PRO D 126 24.11 -38.97 6.91
C PRO D 126 23.12 -37.81 6.97
N TYR D 127 22.51 -37.58 8.12
CA TYR D 127 21.78 -36.35 8.26
C TYR D 127 22.77 -35.19 8.30
N GLU D 128 22.47 -34.15 7.55
CA GLU D 128 23.22 -32.92 7.59
C GLU D 128 22.20 -31.82 7.81
N PRO D 129 22.43 -30.96 8.80
CA PRO D 129 21.55 -29.80 9.01
C PRO D 129 21.53 -28.94 7.76
N PRO D 130 20.50 -28.11 7.58
CA PRO D 130 20.37 -27.30 6.37
C PRO D 130 21.57 -26.40 6.09
N GLU D 131 21.94 -26.32 4.82
CA GLU D 131 22.98 -25.38 4.37
C GLU D 131 22.47 -23.96 4.51
N VAL D 132 23.37 -23.03 4.25
CA VAL D 132 23.09 -21.60 4.28
C VAL D 132 21.91 -21.21 3.38
N GLY D 133 20.95 -20.52 3.98
CA GLY D 133 19.80 -20.00 3.27
C GLY D 133 18.66 -20.99 3.12
N SER D 134 18.74 -22.09 3.86
CA SER D 134 17.67 -23.06 3.80
C SER D 134 17.23 -23.45 5.20
N ASP D 135 15.97 -23.81 5.36
CA ASP D 135 15.45 -24.25 6.64
C ASP D 135 15.18 -25.75 6.61
N CYS D 136 15.59 -26.39 5.52
CA CYS D 136 15.40 -27.83 5.43
C CYS D 136 16.56 -28.47 4.68
N THR D 137 16.72 -29.77 4.87
CA THR D 137 17.72 -30.52 4.14
C THR D 137 16.98 -31.24 3.05
N THR D 138 17.50 -31.16 1.85
CA THR D 138 16.87 -31.78 0.68
C THR D 138 17.70 -32.94 0.16
N ILE D 139 17.06 -34.10 0.08
CA ILE D 139 17.70 -35.26 -0.53
C ILE D 139 17.08 -35.53 -1.91
N HIS D 140 17.95 -35.83 -2.88
CA HIS D 140 17.54 -36.17 -4.23
C HIS D 140 17.44 -37.66 -4.41
N TYR D 141 16.23 -38.19 -4.45
CA TYR D 141 16.07 -39.62 -4.73
C TYR D 141 15.80 -39.85 -6.18
N ASN D 142 16.22 -41.03 -6.64
CA ASN D 142 15.86 -41.57 -7.96
C ASN D 142 15.17 -42.92 -7.79
N TYR D 143 14.10 -43.14 -8.55
CA TYR D 143 13.43 -44.42 -8.61
C TYR D 143 13.76 -45.11 -9.93
N MET D 144 14.35 -46.30 -9.85
CA MET D 144 15.04 -46.87 -11.00
C MET D 144 14.17 -47.88 -11.81
N CYS D 145 12.90 -48.00 -11.46
CA CYS D 145 11.95 -48.79 -12.28
C CYS D 145 10.61 -48.08 -12.33
N ASN D 146 9.88 -48.27 -13.42
CA ASN D 146 8.47 -47.88 -13.49
C ASN D 146 7.63 -48.73 -12.54
N SER D 147 6.60 -48.13 -11.96
CA SER D 147 5.61 -48.88 -11.20
C SER D 147 5.07 -50.01 -12.07
N SER D 148 4.99 -49.81 -13.38
CA SER D 148 4.51 -50.84 -14.27
C SER D 148 5.52 -51.93 -14.61
N CYS D 149 6.77 -51.83 -14.17
CA CYS D 149 7.82 -52.76 -14.65
C CYS D 149 7.44 -54.22 -14.39
N MET D 150 7.30 -54.98 -15.47
CA MET D 150 6.96 -56.40 -15.29
C MET D 150 8.15 -57.19 -14.76
N GLY D 151 7.90 -57.95 -13.70
CA GLY D 151 8.97 -58.68 -13.07
C GLY D 151 9.48 -57.89 -11.88
N GLY D 152 9.03 -56.63 -11.80
CA GLY D 152 9.41 -55.75 -10.73
C GLY D 152 8.21 -55.36 -9.89
N MET D 153 7.86 -54.08 -9.92
CA MET D 153 6.71 -53.67 -9.12
C MET D 153 5.37 -54.18 -9.70
N ASN D 154 5.36 -54.52 -10.98
CA ASN D 154 4.20 -55.16 -11.61
C ASN D 154 2.94 -54.36 -11.37
N ARG D 155 2.98 -53.07 -11.64
CA ARG D 155 1.85 -52.19 -11.45
C ARG D 155 1.35 -52.08 -10.01
N ARG D 156 2.10 -52.59 -9.05
CA ARG D 156 1.72 -52.41 -7.64
C ARG D 156 2.21 -51.07 -7.09
N PRO D 157 1.32 -50.33 -6.40
CA PRO D 157 1.75 -49.08 -5.78
C PRO D 157 2.75 -49.34 -4.66
N ILE D 158 3.69 -48.43 -4.48
CA ILE D 158 4.58 -48.57 -3.34
C ILE D 158 4.51 -47.37 -2.43
N LEU D 159 4.99 -47.58 -1.20
CA LEU D 159 5.25 -46.55 -0.22
C LEU D 159 6.76 -46.38 -0.07
N THR D 160 7.19 -45.13 0.03
CA THR D 160 8.57 -44.89 0.43
C THR D 160 8.51 -44.52 1.89
N ILE D 161 9.30 -45.21 2.70
CA ILE D 161 9.41 -44.89 4.11
C ILE D 161 10.74 -44.17 4.32
N ILE D 162 10.66 -42.94 4.80
CA ILE D 162 11.84 -42.19 5.17
C ILE D 162 12.02 -42.25 6.67
N THR D 163 13.18 -42.69 7.12
CA THR D 163 13.35 -42.81 8.54
C THR D 163 14.62 -42.08 9.01
N LEU D 164 14.44 -41.31 10.06
CA LEU D 164 15.53 -40.66 10.76
C LEU D 164 15.99 -41.59 11.88
N GLU D 165 17.27 -41.93 11.92
CA GLU D 165 17.72 -42.83 12.98
C GLU D 165 19.08 -42.47 13.54
N ASP D 166 19.41 -42.96 14.74
CA ASP D 166 20.71 -42.60 15.32
C ASP D 166 21.79 -43.47 14.72
N SER D 167 23.02 -43.25 15.14
CA SER D 167 24.19 -43.97 14.62
C SER D 167 24.07 -45.49 14.72
N SER D 168 23.25 -45.98 15.65
CA SER D 168 23.12 -47.43 15.87
C SER D 168 21.92 -48.01 15.15
N GLY D 169 21.07 -47.15 14.60
CA GLY D 169 19.90 -47.59 13.85
C GLY D 169 18.61 -47.54 14.64
N ASN D 170 18.64 -46.83 15.76
CA ASN D 170 17.44 -46.63 16.56
C ASN D 170 16.53 -45.55 15.98
N LEU D 171 15.23 -45.76 16.08
CA LEU D 171 14.26 -44.87 15.44
C LEU D 171 14.13 -43.52 16.11
N LEU D 172 14.43 -42.45 15.37
CA LEU D 172 14.24 -41.10 15.89
C LEU D 172 13.01 -40.43 15.28
N GLY D 173 12.62 -40.86 14.08
CA GLY D 173 11.53 -40.23 13.36
C GLY D 173 11.13 -41.01 12.12
N ARG D 174 9.91 -40.81 11.65
CA ARG D 174 9.44 -41.58 10.50
C ARG D 174 8.31 -40.89 9.74
N ASN D 175 8.37 -40.95 8.43
CA ASN D 175 7.26 -40.49 7.61
C ASN D 175 7.27 -41.32 6.35
N SER D 176 6.23 -41.19 5.55
CA SER D 176 6.18 -41.96 4.32
C SER D 176 5.31 -41.27 3.28
N PHE D 177 5.46 -41.72 2.05
CA PHE D 177 4.61 -41.27 0.98
C PHE D 177 4.56 -42.33 -0.09
N GLU D 178 3.44 -42.35 -0.79
CA GLU D 178 3.23 -43.28 -1.89
C GLU D 178 4.01 -42.78 -3.06
N VAL D 179 4.49 -43.72 -3.86
CA VAL D 179 5.20 -43.35 -5.05
C VAL D 179 4.57 -44.05 -6.23
N ARG D 180 4.41 -43.29 -7.30
CA ARG D 180 4.10 -43.89 -8.59
C ARG D 180 5.16 -43.46 -9.57
N VAL D 181 5.84 -44.45 -10.13
CA VAL D 181 6.83 -44.16 -11.13
C VAL D 181 6.22 -44.43 -12.48
N CYS D 182 6.09 -43.40 -13.31
CA CYS D 182 5.36 -43.50 -14.56
C CYS D 182 5.94 -42.60 -15.65
N ALA D 183 5.36 -42.65 -16.84
CA ALA D 183 5.88 -41.91 -18.00
C ALA D 183 5.44 -40.44 -17.98
N CYS D 184 4.25 -40.20 -17.47
CA CYS D 184 3.72 -38.84 -17.41
C CYS D 184 3.12 -38.51 -16.05
N PRO D 185 4.00 -38.19 -15.06
CA PRO D 185 3.58 -37.86 -13.69
C PRO D 185 2.59 -36.67 -13.61
N GLY D 186 2.81 -35.62 -14.40
CA GLY D 186 1.87 -34.52 -14.44
C GLY D 186 0.42 -34.94 -14.71
N ARG D 187 0.20 -35.58 -15.87
CA ARG D 187 -1.14 -36.03 -16.24
C ARG D 187 -1.68 -37.05 -15.23
N ASP D 188 -0.81 -37.97 -14.80
CA ASP D 188 -1.23 -39.00 -13.83
C ASP D 188 -1.62 -38.35 -12.51
N ARG D 189 -0.88 -37.33 -12.08
CA ARG D 189 -1.29 -36.64 -10.86
C ARG D 189 -2.63 -35.91 -11.09
N ARG D 190 -2.79 -35.24 -12.24
CA ARG D 190 -4.07 -34.53 -12.53
C ARG D 190 -5.27 -35.48 -12.45
N THR D 191 -5.19 -36.53 -13.24
CA THR D 191 -6.20 -37.57 -13.26
C THR D 191 -6.60 -38.07 -11.86
N GLU D 192 -5.63 -38.50 -11.06
CA GLU D 192 -5.95 -39.06 -9.75
C GLU D 192 -6.50 -38.00 -8.81
N GLU D 193 -6.05 -36.76 -8.96
CA GLU D 193 -6.57 -35.69 -8.13
C GLU D 193 -8.02 -35.38 -8.53
N GLU D 194 -8.34 -35.45 -9.82
CA GLU D 194 -9.71 -35.19 -10.25
C GLU D 194 -10.61 -36.32 -9.76
N ASN D 195 -10.17 -37.57 -9.89
CA ASN D 195 -10.97 -38.71 -9.41
C ASN D 195 -11.16 -38.72 -7.89
N LEU D 196 -10.38 -37.93 -7.19
CA LEU D 196 -10.51 -37.88 -5.74
C LEU D 196 -11.68 -37.01 -5.33
N ARG D 197 -11.95 -36.02 -6.16
CA ARG D 197 -12.98 -35.05 -5.83
C ARG D 197 -14.39 -35.58 -6.14
N LYS D 198 -14.48 -36.61 -6.99
CA LYS D 198 -15.79 -37.17 -7.38
C LYS D 198 -16.28 -38.29 -6.47
N LYS D 199 -15.37 -39.06 -5.88
CA LYS D 199 -15.76 -40.19 -5.04
C LYS D 199 -16.30 -39.70 -3.70
N MET E 1 -28.65 33.31 13.12
CA MET E 1 -29.27 32.60 11.99
C MET E 1 -28.26 31.65 11.35
N PHE E 2 -27.85 31.96 10.12
CA PHE E 2 -27.00 31.04 9.37
C PHE E 2 -25.80 31.68 8.69
N GLN E 3 -24.91 32.32 9.42
CA GLN E 3 -23.75 32.91 8.76
C GLN E 3 -22.47 32.23 9.16
N ASP E 4 -22.60 30.99 9.57
CA ASP E 4 -21.44 30.15 9.71
C ASP E 4 -21.46 29.12 8.57
N PRO E 5 -20.62 29.35 7.54
CA PRO E 5 -20.55 28.50 6.34
C PRO E 5 -20.10 27.07 6.66
N GLN E 6 -19.42 26.89 7.78
CA GLN E 6 -19.04 25.55 8.22
C GLN E 6 -20.09 24.94 9.12
N GLU E 7 -21.24 25.60 9.28
CA GLU E 7 -22.32 25.01 10.09
C GLU E 7 -23.72 25.52 9.78
N ARG E 8 -24.18 25.28 8.56
CA ARG E 8 -25.57 25.51 8.20
C ARG E 8 -26.03 24.38 7.29
N PRO E 9 -27.34 24.09 7.29
CA PRO E 9 -27.84 23.00 6.47
C PRO E 9 -27.65 23.21 4.97
N ARG E 10 -27.13 22.16 4.36
CA ARG E 10 -26.89 22.03 2.92
C ARG E 10 -28.19 21.80 2.17
N LYS E 11 -29.03 20.97 2.77
CA LYS E 11 -30.20 20.41 2.12
C LYS E 11 -31.50 20.92 2.75
N LEU E 12 -32.55 21.00 1.93
CA LEU E 12 -33.86 21.48 2.39
C LEU E 12 -34.43 20.70 3.58
N PRO E 13 -34.44 19.36 3.51
CA PRO E 13 -35.03 18.68 4.67
C PRO E 13 -34.31 18.95 5.98
N GLN E 14 -33.01 19.20 5.94
CA GLN E 14 -32.30 19.49 7.18
C GLN E 14 -32.50 20.94 7.59
N LEU E 15 -32.66 21.82 6.60
CA LEU E 15 -32.99 23.21 6.86
C LEU E 15 -34.34 23.29 7.59
N CYS E 16 -35.30 22.49 7.14
CA CYS E 16 -36.62 22.44 7.78
C CYS E 16 -36.51 21.94 9.21
N THR E 17 -35.59 21.02 9.46
CA THR E 17 -35.44 20.48 10.79
C THR E 17 -34.83 21.52 11.72
N GLU E 18 -33.89 22.32 11.22
CA GLU E 18 -33.24 23.29 12.07
C GLU E 18 -34.10 24.53 12.30
N LEU E 19 -35.08 24.74 11.42
CA LEU E 19 -36.07 25.81 11.61
C LEU E 19 -37.27 25.31 12.39
N GLN E 20 -37.27 24.00 12.69
CA GLN E 20 -38.37 23.30 13.36
C GLN E 20 -39.68 23.51 12.63
N THR E 21 -39.59 23.85 11.35
CA THR E 21 -40.74 23.89 10.47
C THR E 21 -40.83 22.60 9.64
N THR E 22 -41.77 22.55 8.71
CA THR E 22 -41.84 21.42 7.77
C THR E 22 -41.64 21.91 6.34
N ILE E 23 -41.54 20.96 5.41
CA ILE E 23 -41.32 21.29 4.02
C ILE E 23 -42.64 21.79 3.40
N HIS E 24 -43.74 21.28 3.95
CA HIS E 24 -45.08 21.71 3.54
C HIS E 24 -45.34 23.18 3.86
N ASP E 25 -44.63 23.70 4.86
CA ASP E 25 -44.91 25.01 5.44
C ASP E 25 -43.85 26.07 5.18
N ILE E 26 -42.61 25.64 4.90
CA ILE E 26 -41.51 26.59 4.79
C ILE E 26 -41.69 27.59 3.63
N ILE E 27 -41.22 28.81 3.85
CA ILE E 27 -41.32 29.86 2.85
C ILE E 27 -39.92 30.18 2.36
N LEU E 28 -39.73 30.16 1.04
CA LEU E 28 -38.39 30.33 0.51
C LEU E 28 -38.36 31.24 -0.69
N GLU E 29 -37.29 32.03 -0.82
CA GLU E 29 -37.11 32.88 -1.98
C GLU E 29 -36.07 32.29 -2.91
N CYS E 30 -36.31 32.44 -4.20
CA CYS E 30 -35.31 32.12 -5.21
C CYS E 30 -34.06 32.99 -5.04
N VAL E 31 -32.88 32.41 -5.19
CA VAL E 31 -31.63 33.15 -4.99
C VAL E 31 -31.36 34.09 -6.18
N TYR E 32 -31.99 33.81 -7.31
CA TYR E 32 -31.71 34.60 -8.50
C TYR E 32 -32.67 35.79 -8.55
N CYS E 33 -33.97 35.50 -8.61
CA CYS E 33 -34.98 36.55 -8.82
C CYS E 33 -35.58 37.13 -7.54
N LYS E 34 -35.37 36.42 -6.42
CA LYS E 34 -35.83 36.82 -5.08
C LYS E 34 -37.33 36.65 -4.88
N GLN E 35 -38.06 36.23 -5.91
CA GLN E 35 -39.50 35.93 -5.73
C GLN E 35 -39.66 34.78 -4.76
N GLN E 36 -40.86 34.63 -4.21
CA GLN E 36 -41.12 33.54 -3.28
C GLN E 36 -41.40 32.26 -4.06
N LEU E 37 -41.00 31.11 -3.52
CA LEU E 37 -41.22 29.83 -4.18
C LEU E 37 -42.65 29.37 -4.02
N LEU E 38 -43.22 28.88 -5.11
CA LEU E 38 -44.48 28.19 -5.04
C LEU E 38 -44.32 26.88 -4.26
N ARG E 39 -45.42 26.36 -3.74
CA ARG E 39 -45.36 25.17 -2.91
C ARG E 39 -44.83 23.98 -3.69
N ARG E 40 -45.21 23.87 -4.97
CA ARG E 40 -44.77 22.74 -5.75
C ARG E 40 -43.28 22.91 -6.05
N GLU E 41 -42.82 24.16 -6.07
CA GLU E 41 -41.41 24.46 -6.29
C GLU E 41 -40.55 24.11 -5.09
N VAL E 42 -41.12 24.23 -3.90
CA VAL E 42 -40.44 23.82 -2.68
C VAL E 42 -40.19 22.32 -2.73
N TYR E 43 -41.26 21.58 -3.05
CA TYR E 43 -41.19 20.14 -3.18
C TYR E 43 -40.20 19.75 -4.28
N ASP E 44 -40.32 20.41 -5.43
CA ASP E 44 -39.43 20.15 -6.54
C ASP E 44 -37.96 20.33 -6.13
N PHE E 45 -37.68 21.35 -5.31
CA PHE E 45 -36.31 21.65 -4.88
C PHE E 45 -35.71 20.48 -4.11
N ALA E 46 -36.54 19.82 -3.31
CA ALA E 46 -36.07 18.71 -2.52
C ALA E 46 -35.87 17.49 -3.40
N PHE E 47 -36.90 17.14 -4.18
CA PHE E 47 -36.84 15.99 -5.06
C PHE E 47 -35.70 16.09 -6.06
N ARG E 48 -35.33 17.32 -6.38
CA ARG E 48 -34.27 17.56 -7.33
C ARG E 48 -32.89 17.54 -6.67
N ASP E 49 -32.87 17.27 -5.36
CA ASP E 49 -31.60 17.13 -4.63
C ASP E 49 -30.71 18.36 -4.80
N LEU E 50 -31.30 19.54 -4.69
CA LEU E 50 -30.52 20.77 -4.81
C LEU E 50 -30.03 21.24 -3.47
N CYS E 51 -29.09 22.18 -3.47
CA CYS E 51 -28.51 22.66 -2.25
C CYS E 51 -28.98 24.05 -1.91
N ILE E 52 -29.30 24.25 -0.64
CA ILE E 52 -29.59 25.57 -0.09
C ILE E 52 -28.42 26.51 -0.27
N VAL E 53 -28.68 27.68 -0.84
CA VAL E 53 -27.67 28.68 -1.04
C VAL E 53 -27.84 29.80 -0.03
N TYR E 54 -26.74 30.30 0.50
CA TYR E 54 -26.80 31.34 1.50
C TYR E 54 -26.29 32.67 0.96
N ARG E 55 -27.12 33.71 1.09
CA ARG E 55 -26.65 35.07 0.85
C ARG E 55 -26.84 35.89 2.12
N ASP E 56 -25.74 36.45 2.61
CA ASP E 56 -25.73 37.28 3.80
C ASP E 56 -26.35 36.52 4.98
N GLY E 57 -26.07 35.22 5.07
CA GLY E 57 -26.57 34.41 6.16
C GLY E 57 -28.01 33.95 6.03
N ASN E 58 -28.69 34.39 4.98
CA ASN E 58 -30.06 33.95 4.78
C ASN E 58 -30.17 32.79 3.80
N PRO E 59 -31.09 31.86 4.10
CA PRO E 59 -31.24 30.70 3.22
C PRO E 59 -32.11 31.00 2.02
N TYR E 60 -31.55 30.80 0.83
CA TYR E 60 -32.38 30.88 -0.35
C TYR E 60 -32.58 29.54 -0.98
N ALA E 61 -33.26 29.54 -2.11
CA ALA E 61 -33.50 28.32 -2.87
C ALA E 61 -33.64 28.80 -4.30
N VAL E 62 -34.38 28.10 -5.14
CA VAL E 62 -34.46 28.58 -6.51
C VAL E 62 -35.82 28.25 -7.09
N CYS E 63 -36.32 29.12 -7.95
CA CYS E 63 -37.57 28.87 -8.64
C CYS E 63 -37.32 28.17 -9.97
N ASP E 64 -38.36 27.49 -10.43
CA ASP E 64 -38.30 26.70 -11.64
C ASP E 64 -37.79 27.45 -12.86
N LYS E 65 -38.23 28.70 -13.03
CA LYS E 65 -37.94 29.44 -14.24
C LYS E 65 -36.46 29.84 -14.26
N CYS E 66 -35.98 30.28 -13.12
CA CYS E 66 -34.60 30.69 -12.98
C CYS E 66 -33.62 29.50 -13.09
N LEU E 67 -34.00 28.37 -12.49
CA LEU E 67 -33.19 27.15 -12.51
C LEU E 67 -32.95 26.78 -13.96
N LYS E 68 -34.02 26.69 -14.73
CA LYS E 68 -33.93 26.31 -16.14
C LYS E 68 -33.17 27.34 -16.98
N PHE E 69 -33.39 28.62 -16.69
CA PHE E 69 -32.74 29.73 -17.36
C PHE E 69 -31.22 29.76 -17.09
N TYR E 70 -30.83 29.68 -15.81
CA TYR E 70 -29.40 29.75 -15.49
C TYR E 70 -28.63 28.42 -15.74
N SER E 71 -29.34 27.30 -15.67
CA SER E 71 -28.81 26.02 -16.13
C SER E 71 -28.41 26.03 -17.60
N LYS E 72 -29.31 26.51 -18.45
CA LYS E 72 -29.08 26.49 -19.88
C LYS E 72 -27.89 27.37 -20.24
N ILE E 73 -27.76 28.49 -19.52
CA ILE E 73 -26.63 29.41 -19.70
C ILE E 73 -25.31 28.73 -19.35
N SER E 74 -25.31 28.06 -18.20
CA SER E 74 -24.13 27.34 -17.73
C SER E 74 -23.76 26.21 -18.72
N GLU E 75 -24.78 25.51 -19.22
CA GLU E 75 -24.62 24.41 -20.17
C GLU E 75 -24.09 24.83 -21.52
N TYR E 76 -24.53 25.99 -21.97
CA TYR E 76 -24.06 26.59 -23.20
C TYR E 76 -22.58 26.93 -23.06
N ARG E 77 -22.21 27.41 -21.89
CA ARG E 77 -20.84 27.89 -21.77
C ARG E 77 -19.89 26.73 -21.53
N HIS E 78 -20.41 25.60 -21.06
CA HIS E 78 -19.48 24.56 -20.60
C HIS E 78 -19.75 23.22 -21.20
N TYR E 79 -20.61 23.18 -22.20
CA TYR E 79 -20.85 21.96 -22.96
C TYR E 79 -19.53 21.46 -23.52
N SER E 80 -19.23 20.18 -23.26
CA SER E 80 -17.97 19.60 -23.75
C SER E 80 -18.24 18.68 -24.93
N TYR E 81 -19.00 17.62 -24.69
CA TYR E 81 -19.33 16.63 -25.74
C TYR E 81 -20.48 15.74 -25.29
N SER E 82 -20.85 14.82 -26.16
CA SER E 82 -21.99 13.95 -25.92
C SER E 82 -21.63 12.48 -26.17
N LEU E 83 -22.31 11.57 -25.47
CA LEU E 83 -22.08 10.13 -25.54
C LEU E 83 -23.38 9.40 -25.35
N TYR E 84 -23.50 8.25 -26.02
CA TYR E 84 -24.54 7.27 -25.69
C TYR E 84 -24.25 6.59 -24.36
N GLY E 85 -25.28 6.10 -23.70
CA GLY E 85 -25.13 5.49 -22.39
C GLY E 85 -24.17 4.31 -22.33
N THR E 86 -24.10 3.57 -23.42
CA THR E 86 -23.26 2.39 -23.48
C THR E 86 -21.78 2.70 -23.23
N THR E 87 -21.31 3.82 -23.78
CA THR E 87 -19.93 4.20 -23.57
C THR E 87 -19.71 4.59 -22.12
N LEU E 88 -20.70 5.25 -21.50
CA LEU E 88 -20.58 5.68 -20.11
C LEU E 88 -20.36 4.49 -19.19
N GLU E 89 -21.10 3.41 -19.46
CA GLU E 89 -21.02 2.19 -18.69
C GLU E 89 -19.64 1.53 -18.81
N GLN E 90 -19.08 1.55 -20.01
CA GLN E 90 -17.74 1.04 -20.25
C GLN E 90 -16.75 1.91 -19.49
N GLN E 91 -16.93 3.23 -19.61
CA GLN E 91 -15.98 4.21 -19.12
C GLN E 91 -15.74 4.15 -17.63
N TYR E 92 -16.82 4.04 -16.88
CA TYR E 92 -16.72 4.04 -15.42
C TYR E 92 -16.81 2.63 -14.87
N ASN E 93 -17.12 1.69 -15.77
CA ASN E 93 -17.21 0.29 -15.41
C ASN E 93 -18.28 0.07 -14.33
N LYS E 94 -19.36 0.84 -14.36
CA LYS E 94 -20.49 0.71 -13.43
C LYS E 94 -21.82 0.72 -14.20
N PRO E 95 -22.92 0.26 -13.57
CA PRO E 95 -24.19 0.61 -14.22
C PRO E 95 -24.46 2.11 -14.12
N LEU E 96 -25.15 2.64 -15.13
CA LEU E 96 -25.57 4.03 -15.18
C LEU E 96 -26.23 4.42 -13.87
N SER E 97 -26.88 3.45 -13.23
CA SER E 97 -27.62 3.71 -11.99
C SER E 97 -26.69 4.28 -10.93
N ASP E 98 -25.40 3.94 -11.03
CA ASP E 98 -24.37 4.38 -10.08
C ASP E 98 -23.70 5.73 -10.40
N LEU E 99 -23.91 6.25 -11.61
CA LEU E 99 -23.33 7.55 -11.97
C LEU E 99 -24.28 8.66 -11.63
N LEU E 100 -23.75 9.81 -11.25
CA LEU E 100 -24.60 10.95 -10.97
C LEU E 100 -24.95 11.66 -12.27
N ILE E 101 -26.19 11.50 -12.71
CA ILE E 101 -26.62 12.17 -13.91
C ILE E 101 -27.84 13.04 -13.58
N ARG E 102 -27.75 14.34 -13.87
CA ARG E 102 -28.85 15.26 -13.61
C ARG E 102 -29.58 15.59 -14.89
N CYS E 103 -30.86 15.93 -14.79
CA CYS E 103 -31.61 16.35 -15.97
C CYS E 103 -31.06 17.66 -16.49
N ILE E 104 -30.75 17.69 -17.78
CA ILE E 104 -30.17 18.89 -18.37
C ILE E 104 -31.09 20.12 -18.24
N ASN E 105 -32.39 19.88 -18.13
CA ASN E 105 -33.37 20.96 -18.05
C ASN E 105 -33.64 21.37 -16.58
N CYS E 106 -34.11 20.41 -15.76
CA CYS E 106 -34.56 20.71 -14.38
C CYS E 106 -33.59 20.31 -13.27
N GLN E 107 -32.49 19.65 -13.63
CA GLN E 107 -31.41 19.24 -12.71
C GLN E 107 -31.75 18.08 -11.76
N LYS E 108 -32.93 17.50 -11.89
CA LYS E 108 -33.22 16.33 -11.07
C LYS E 108 -32.29 15.16 -11.42
N PRO E 109 -31.73 14.52 -10.39
CA PRO E 109 -30.96 13.30 -10.67
C PRO E 109 -31.83 12.27 -11.38
N LEU E 110 -31.36 11.75 -12.50
CA LEU E 110 -32.10 10.72 -13.22
C LEU E 110 -32.19 9.42 -12.42
N SER E 111 -33.40 8.85 -12.43
CA SER E 111 -33.64 7.50 -11.96
C SER E 111 -33.00 6.48 -12.91
N PRO E 112 -32.80 5.24 -12.43
CA PRO E 112 -32.32 4.15 -13.30
C PRO E 112 -33.25 3.97 -14.48
N GLU E 113 -34.53 4.11 -14.21
CA GLU E 113 -35.57 4.00 -15.21
C GLU E 113 -35.37 5.07 -16.30
N GLU E 114 -35.11 6.30 -15.91
CA GLU E 114 -34.84 7.35 -16.90
C GLU E 114 -33.50 7.09 -17.63
N LYS E 115 -32.53 6.54 -16.90
CA LYS E 115 -31.25 6.22 -17.53
C LYS E 115 -31.41 5.14 -18.59
N GLN E 116 -32.23 4.14 -18.25
CA GLN E 116 -32.55 3.04 -19.15
C GLN E 116 -33.27 3.51 -20.40
N ARG E 117 -34.19 4.44 -20.21
CA ARG E 117 -34.91 5.02 -21.34
C ARG E 117 -33.90 5.65 -22.30
N HIS E 118 -32.89 6.33 -21.76
CA HIS E 118 -31.84 6.89 -22.62
C HIS E 118 -31.21 5.79 -23.46
N LEU E 119 -30.94 4.65 -22.83
CA LEU E 119 -30.35 3.50 -23.51
C LEU E 119 -31.31 2.92 -24.55
N ASP E 120 -32.54 2.68 -24.13
CA ASP E 120 -33.57 2.13 -25.03
C ASP E 120 -33.85 3.06 -26.20
N LYS E 121 -33.89 4.38 -25.97
CA LYS E 121 -34.28 5.28 -27.06
C LYS E 121 -33.09 5.88 -27.78
N LYS E 122 -31.90 5.36 -27.47
CA LYS E 122 -30.65 5.88 -28.05
C LYS E 122 -30.56 7.41 -27.92
N GLN E 123 -30.88 7.92 -26.73
CA GLN E 123 -30.70 9.32 -26.44
C GLN E 123 -29.36 9.53 -25.78
N ARG E 124 -28.59 10.46 -26.33
CA ARG E 124 -27.29 10.72 -25.76
C ARG E 124 -27.37 11.45 -24.41
N PHE E 125 -26.30 11.26 -23.65
CA PHE E 125 -26.06 12.03 -22.45
C PHE E 125 -25.10 13.17 -22.79
N HIS E 126 -25.17 14.26 -22.06
CA HIS E 126 -24.24 15.37 -22.35
C HIS E 126 -23.31 15.64 -21.18
N ASN E 127 -22.04 15.79 -21.51
CA ASN E 127 -21.01 16.13 -20.56
C ASN E 127 -20.83 17.66 -20.49
N ILE E 128 -21.15 18.21 -19.33
CA ILE E 128 -21.06 19.63 -19.09
C ILE E 128 -19.85 19.89 -18.19
N ARG E 129 -18.70 20.06 -18.84
CA ARG E 129 -17.36 20.10 -18.21
C ARG E 129 -17.26 19.20 -16.97
N GLY E 130 -17.31 17.89 -17.17
CA GLY E 130 -17.29 16.94 -16.07
C GLY E 130 -18.66 16.55 -15.51
N ARG E 131 -19.69 17.40 -15.62
CA ARG E 131 -21.03 17.04 -15.14
CA ARG E 131 -21.02 17.02 -15.15
C ARG E 131 -21.71 16.15 -16.19
N TRP E 132 -22.27 15.01 -15.79
CA TRP E 132 -23.07 14.22 -16.75
C TRP E 132 -24.54 14.59 -16.66
N THR E 133 -25.14 14.89 -17.81
CA THR E 133 -26.54 15.27 -17.86
C THR E 133 -27.34 14.42 -18.85
N GLY E 134 -28.63 14.22 -18.54
CA GLY E 134 -29.59 13.59 -19.44
C GLY E 134 -30.93 14.35 -19.44
N ARG E 135 -32.04 13.63 -19.55
CA ARG E 135 -33.37 14.24 -19.51
C ARG E 135 -34.24 13.32 -18.68
N CYS E 136 -34.91 13.86 -17.65
CA CYS E 136 -35.83 13.08 -16.82
C CYS E 136 -37.14 12.78 -17.60
N MET E 137 -38.07 12.04 -17.01
CA MET E 137 -39.32 11.70 -17.69
CA MET E 137 -39.30 11.71 -17.72
C MET E 137 -40.17 12.94 -17.95
N SER E 138 -40.27 13.80 -16.94
CA SER E 138 -41.12 14.99 -17.04
C SER E 138 -40.61 16.02 -18.03
N CYS E 139 -39.33 15.91 -18.39
CA CYS E 139 -38.75 16.85 -19.34
C CYS E 139 -38.51 16.13 -20.65
N SER E 140 -38.99 14.89 -20.73
CA SER E 140 -38.64 14.03 -21.89
C SER E 140 -39.51 14.28 -23.10
N ARG E 141 -40.77 14.65 -22.89
CA ARG E 141 -41.50 15.33 -23.97
C ARG E 141 -42.17 16.57 -23.43
N SER E 142 -42.19 17.59 -24.29
CA SER E 142 -42.15 19.01 -23.91
C SER E 142 -43.39 19.62 -23.26
N SER E 143 -43.15 20.48 -22.26
CA SER E 143 -44.19 21.29 -21.62
C SER E 143 -43.76 22.76 -21.52
N MET F 1 -6.90 -40.00 21.43
CA MET F 1 -6.10 -40.88 20.57
C MET F 1 -4.81 -40.22 20.11
N PHE F 2 -4.73 -38.89 20.27
CA PHE F 2 -3.61 -38.11 19.75
C PHE F 2 -3.09 -37.09 20.76
N GLN F 3 -2.62 -37.55 21.91
CA GLN F 3 -2.16 -36.62 22.93
C GLN F 3 -0.65 -36.70 23.08
N ASP F 4 0.00 -37.22 22.05
CA ASP F 4 1.44 -37.15 21.93
C ASP F 4 1.81 -36.28 20.72
N PRO F 5 2.34 -35.08 20.96
CA PRO F 5 2.68 -34.19 19.84
C PRO F 5 3.78 -34.78 18.95
N GLN F 6 4.57 -35.68 19.52
CA GLN F 6 5.67 -36.29 18.80
C GLN F 6 5.25 -37.54 18.04
N GLU F 7 3.96 -37.84 18.04
CA GLU F 7 3.51 -39.00 17.28
C GLU F 7 2.04 -38.93 16.89
N ARG F 8 1.69 -37.89 16.12
CA ARG F 8 0.39 -37.82 15.44
C ARG F 8 0.56 -37.23 14.04
N PRO F 9 -0.30 -37.63 13.09
CA PRO F 9 -0.17 -37.11 11.72
C PRO F 9 -0.49 -35.61 11.62
N ARG F 10 0.39 -34.88 10.93
CA ARG F 10 0.21 -33.47 10.66
CA ARG F 10 0.12 -33.47 10.73
C ARG F 10 -0.65 -33.25 9.42
N LYS F 11 -0.81 -34.29 8.62
CA LYS F 11 -1.55 -34.17 7.37
C LYS F 11 -2.84 -34.97 7.37
N LEU F 12 -3.81 -34.44 6.63
CA LEU F 12 -5.11 -35.07 6.49
C LEU F 12 -5.08 -36.49 5.90
N PRO F 13 -4.36 -36.72 4.77
CA PRO F 13 -4.40 -38.09 4.26
C PRO F 13 -3.84 -39.13 5.23
N GLN F 14 -2.87 -38.73 6.05
CA GLN F 14 -2.30 -39.66 7.02
C GLN F 14 -3.16 -39.78 8.27
N LEU F 15 -3.86 -38.72 8.65
CA LEU F 15 -4.81 -38.81 9.74
C LEU F 15 -5.91 -39.82 9.38
N CYS F 16 -6.31 -39.78 8.12
CA CYS F 16 -7.33 -40.67 7.61
C CYS F 16 -6.92 -42.14 7.68
N THR F 17 -5.63 -42.39 7.50
CA THR F 17 -5.10 -43.74 7.57
C THR F 17 -5.09 -44.24 9.02
N GLU F 18 -4.86 -43.33 9.95
CA GLU F 18 -4.77 -43.69 11.37
C GLU F 18 -6.14 -43.86 12.03
N LEU F 19 -7.16 -43.29 11.40
CA LEU F 19 -8.55 -43.51 11.81
C LEU F 19 -9.17 -44.62 10.96
N GLN F 20 -8.40 -45.09 9.97
CA GLN F 20 -8.82 -46.12 9.01
C GLN F 20 -10.12 -45.75 8.30
N THR F 21 -10.42 -44.45 8.31
CA THR F 21 -11.48 -43.91 7.50
C THR F 21 -10.82 -43.41 6.22
N THR F 22 -11.58 -42.76 5.35
CA THR F 22 -10.98 -42.17 4.17
C THR F 22 -11.20 -40.67 4.15
N ILE F 23 -10.63 -40.03 3.14
CA ILE F 23 -10.75 -38.59 3.00
C ILE F 23 -12.16 -38.26 2.52
N HIS F 24 -12.73 -39.16 1.75
CA HIS F 24 -14.10 -39.03 1.29
C HIS F 24 -15.12 -39.08 2.44
N ASP F 25 -14.78 -39.73 3.53
CA ASP F 25 -15.76 -40.06 4.59
C ASP F 25 -15.53 -39.32 5.89
N ILE F 26 -14.30 -38.89 6.13
CA ILE F 26 -13.90 -38.36 7.43
C ILE F 26 -14.69 -37.09 7.79
N ILE F 27 -14.96 -36.94 9.08
CA ILE F 27 -15.69 -35.79 9.61
C ILE F 27 -14.75 -34.93 10.43
N LEU F 28 -14.71 -33.65 10.11
CA LEU F 28 -13.77 -32.74 10.77
C LEU F 28 -14.44 -31.45 11.18
N GLU F 29 -13.95 -30.89 12.28
CA GLU F 29 -14.43 -29.62 12.77
C GLU F 29 -13.39 -28.57 12.47
N CYS F 30 -13.82 -27.39 12.07
CA CYS F 30 -12.91 -26.26 11.93
C CYS F 30 -12.28 -25.98 13.29
N VAL F 31 -11.01 -25.59 13.29
CA VAL F 31 -10.29 -25.36 14.54
C VAL F 31 -10.72 -24.04 15.18
N TYR F 32 -11.29 -23.15 14.37
CA TYR F 32 -11.66 -21.80 14.83
C TYR F 32 -13.08 -21.66 15.37
N CYS F 33 -14.05 -21.93 14.48
CA CYS F 33 -15.45 -21.70 14.74
C CYS F 33 -16.14 -22.97 15.26
N LYS F 34 -15.40 -24.07 15.16
CA LYS F 34 -15.80 -25.40 15.65
C LYS F 34 -16.87 -26.07 14.77
N GLN F 35 -17.40 -25.34 13.77
CA GLN F 35 -18.39 -25.91 12.85
C GLN F 35 -17.79 -27.04 12.01
N GLN F 36 -18.64 -27.90 11.46
CA GLN F 36 -18.19 -29.04 10.66
C GLN F 36 -17.85 -28.64 9.23
N LEU F 37 -16.86 -29.30 8.63
CA LEU F 37 -16.47 -29.03 7.25
C LEU F 37 -17.39 -29.70 6.24
N LEU F 38 -17.73 -28.99 5.16
CA LEU F 38 -18.37 -29.60 4.00
C LEU F 38 -17.39 -30.58 3.35
N ARG F 39 -17.92 -31.48 2.54
CA ARG F 39 -17.09 -32.49 1.91
C ARG F 39 -16.08 -31.80 0.98
N ARG F 40 -16.50 -30.72 0.33
CA ARG F 40 -15.57 -30.02 -0.55
C ARG F 40 -14.52 -29.27 0.29
N GLU F 41 -14.85 -28.90 1.52
CA GLU F 41 -13.89 -28.26 2.40
C GLU F 41 -12.85 -29.24 2.92
N VAL F 42 -13.25 -30.51 3.07
CA VAL F 42 -12.31 -31.56 3.47
C VAL F 42 -11.28 -31.75 2.37
N TYR F 43 -11.76 -31.88 1.13
CA TYR F 43 -10.86 -32.03 -0.01
C TYR F 43 -9.93 -30.83 -0.13
N ASP F 44 -10.50 -29.62 -0.01
CA ASP F 44 -9.74 -28.39 -0.11
C ASP F 44 -8.62 -28.34 0.89
N PHE F 45 -8.92 -28.81 2.10
CA PHE F 45 -7.94 -28.76 3.16
C PHE F 45 -6.74 -29.61 2.76
N ALA F 46 -6.97 -30.73 2.08
CA ALA F 46 -5.88 -31.58 1.67
C ALA F 46 -5.14 -30.97 0.48
N PHE F 47 -5.88 -30.52 -0.52
CA PHE F 47 -5.25 -29.93 -1.72
C PHE F 47 -4.44 -28.68 -1.42
N ARG F 48 -4.84 -27.94 -0.39
CA ARG F 48 -4.15 -26.72 -0.02
C ARG F 48 -2.96 -27.00 0.88
N ASP F 49 -2.71 -28.28 1.14
CA ASP F 49 -1.55 -28.73 1.91
C ASP F 49 -1.54 -28.12 3.28
N LEU F 50 -2.70 -28.13 3.93
CA LEU F 50 -2.80 -27.58 5.27
C LEU F 50 -2.48 -28.66 6.30
N CYS F 51 -2.27 -28.25 7.54
CA CYS F 51 -1.89 -29.19 8.59
C CYS F 51 -3.01 -29.39 9.59
N ILE F 52 -3.25 -30.64 9.95
CA ILE F 52 -4.18 -30.94 11.01
C ILE F 52 -3.66 -30.30 12.30
N VAL F 53 -4.53 -29.56 12.96
CA VAL F 53 -4.21 -28.92 14.22
C VAL F 53 -4.87 -29.69 15.37
N TYR F 54 -4.14 -29.87 16.47
CA TYR F 54 -4.66 -30.63 17.58
C TYR F 54 -4.93 -29.73 18.77
N ARG F 55 -6.15 -29.80 19.29
CA ARG F 55 -6.51 -29.14 20.54
C ARG F 55 -6.91 -30.21 21.54
N ASP F 56 -6.16 -30.27 22.65
CA ASP F 56 -6.41 -31.24 23.70
C ASP F 56 -6.45 -32.67 23.17
N GLY F 57 -5.54 -32.99 22.26
CA GLY F 57 -5.46 -34.34 21.72
C GLY F 57 -6.50 -34.63 20.64
N ASN F 58 -7.35 -33.64 20.34
CA ASN F 58 -8.35 -33.83 19.30
C ASN F 58 -7.92 -33.20 17.97
N PRO F 59 -8.20 -33.89 16.86
CA PRO F 59 -7.80 -33.38 15.55
C PRO F 59 -8.82 -32.43 14.92
N TYR F 60 -8.40 -31.20 14.61
CA TYR F 60 -9.27 -30.28 13.89
C TYR F 60 -8.76 -29.96 12.50
N ALA F 61 -9.44 -29.02 11.87
CA ALA F 61 -9.08 -28.59 10.53
C ALA F 61 -9.58 -27.16 10.37
N VAL F 62 -9.90 -26.75 9.16
CA VAL F 62 -10.41 -25.40 8.98
C VAL F 62 -11.41 -25.29 7.82
N CYS F 63 -12.45 -24.50 8.02
CA CYS F 63 -13.43 -24.30 6.96
C CYS F 63 -13.00 -23.14 6.09
N ASP F 64 -13.47 -23.13 4.84
CA ASP F 64 -13.06 -22.09 3.90
C ASP F 64 -13.24 -20.69 4.48
N LYS F 65 -14.34 -20.46 5.18
CA LYS F 65 -14.65 -19.12 5.66
C LYS F 65 -13.67 -18.64 6.73
N CYS F 66 -13.36 -19.51 7.68
CA CYS F 66 -12.41 -19.13 8.73
C CYS F 66 -11.00 -18.93 8.13
N LEU F 67 -10.59 -19.81 7.22
CA LEU F 67 -9.28 -19.71 6.58
C LEU F 67 -9.09 -18.39 5.85
N LYS F 68 -10.03 -18.04 4.99
CA LYS F 68 -9.91 -16.80 4.25
C LYS F 68 -9.98 -15.62 5.20
N PHE F 69 -10.82 -15.74 6.22
CA PHE F 69 -10.94 -14.66 7.19
C PHE F 69 -9.66 -14.45 8.00
N TYR F 70 -9.11 -15.51 8.57
CA TYR F 70 -7.94 -15.31 9.41
C TYR F 70 -6.72 -15.05 8.52
N SER F 71 -6.73 -15.53 7.27
CA SER F 71 -5.71 -15.13 6.29
C SER F 71 -5.72 -13.64 6.00
N LYS F 72 -6.89 -13.04 5.81
CA LYS F 72 -6.95 -11.61 5.54
C LYS F 72 -6.41 -10.84 6.75
N ILE F 73 -6.77 -11.31 7.93
CA ILE F 73 -6.32 -10.66 9.16
C ILE F 73 -4.80 -10.73 9.28
N SER F 74 -4.25 -11.92 9.05
CA SER F 74 -2.80 -12.08 9.13
C SER F 74 -2.08 -11.17 8.14
N GLU F 75 -2.63 -11.04 6.93
CA GLU F 75 -2.03 -10.18 5.92
C GLU F 75 -2.06 -8.72 6.35
N TYR F 76 -3.16 -8.31 6.98
CA TYR F 76 -3.29 -6.94 7.46
C TYR F 76 -2.30 -6.66 8.56
N ARG F 77 -2.24 -7.57 9.51
CA ARG F 77 -1.48 -7.34 10.72
C ARG F 77 0.00 -7.71 10.58
N HIS F 78 0.38 -8.51 9.57
CA HIS F 78 1.78 -8.94 9.56
C HIS F 78 2.55 -8.87 8.24
N TYR F 79 2.02 -8.12 7.29
CA TYR F 79 2.76 -7.80 6.09
C TYR F 79 4.12 -7.16 6.43
N SER F 80 5.20 -7.66 5.85
CA SER F 80 6.54 -7.13 6.06
C SER F 80 7.02 -6.35 4.86
N TYR F 81 7.12 -7.04 3.72
CA TYR F 81 7.59 -6.40 2.49
C TYR F 81 7.30 -7.27 1.27
N SER F 82 7.65 -6.74 0.11
CA SER F 82 7.34 -7.40 -1.16
C SER F 82 8.55 -7.44 -2.10
N LEU F 83 8.59 -8.43 -2.97
CA LEU F 83 9.70 -8.55 -3.91
C LEU F 83 9.19 -9.07 -5.23
N TYR F 84 9.80 -8.64 -6.32
CA TYR F 84 9.56 -9.32 -7.58
C TYR F 84 10.17 -10.72 -7.52
N GLY F 85 9.63 -11.64 -8.31
CA GLY F 85 10.11 -13.02 -8.26
C GLY F 85 11.60 -13.14 -8.58
N THR F 86 12.05 -12.30 -9.49
CA THR F 86 13.44 -12.26 -9.91
C THR F 86 14.36 -11.92 -8.74
N THR F 87 13.94 -10.96 -7.94
CA THR F 87 14.74 -10.56 -6.80
C THR F 87 14.71 -11.64 -5.73
N LEU F 88 13.53 -12.23 -5.58
CA LEU F 88 13.25 -13.28 -4.64
C LEU F 88 14.15 -14.51 -4.88
N GLU F 89 14.34 -14.84 -6.15
CA GLU F 89 15.22 -15.93 -6.57
C GLU F 89 16.68 -15.63 -6.21
N GLN F 90 17.11 -14.39 -6.44
CA GLN F 90 18.47 -13.98 -6.08
C GLN F 90 18.68 -13.97 -4.56
N GLN F 91 17.74 -13.42 -3.80
CA GLN F 91 17.88 -13.36 -2.35
C GLN F 91 17.98 -14.77 -1.74
N TYR F 92 17.23 -15.72 -2.27
CA TYR F 92 17.25 -17.07 -1.70
C TYR F 92 18.14 -18.04 -2.46
N ASN F 93 18.68 -17.61 -3.60
CA ASN F 93 19.54 -18.47 -4.40
C ASN F 93 18.86 -19.75 -4.86
N LYS F 94 17.56 -19.66 -5.12
CA LYS F 94 16.80 -20.77 -5.70
C LYS F 94 15.90 -20.28 -6.82
N PRO F 95 15.46 -21.18 -7.70
CA PRO F 95 14.34 -20.88 -8.61
C PRO F 95 13.03 -20.77 -7.82
N LEU F 96 12.10 -19.96 -8.33
CA LEU F 96 10.78 -19.83 -7.68
C LEU F 96 10.12 -21.17 -7.36
N SER F 97 10.35 -22.13 -8.25
CA SER F 97 9.73 -23.42 -8.15
C SER F 97 10.09 -24.11 -6.85
N ASP F 98 11.28 -23.82 -6.34
CA ASP F 98 11.77 -24.49 -5.14
C ASP F 98 11.32 -23.78 -3.87
N LEU F 99 10.70 -22.61 -4.02
CA LEU F 99 10.23 -21.86 -2.87
C LEU F 99 8.79 -22.22 -2.55
N LEU F 100 8.49 -22.23 -1.27
CA LEU F 100 7.11 -22.44 -0.85
C LEU F 100 6.41 -21.09 -0.89
N ILE F 101 5.55 -20.91 -1.89
CA ILE F 101 4.76 -19.69 -1.98
C ILE F 101 3.27 -20.05 -1.98
N ARG F 102 2.52 -19.50 -1.01
CA ARG F 102 1.09 -19.77 -0.87
C ARG F 102 0.25 -18.64 -1.42
N CYS F 103 -0.98 -18.94 -1.82
CA CYS F 103 -1.90 -17.89 -2.26
C CYS F 103 -2.24 -17.04 -1.03
N ILE F 104 -2.07 -15.73 -1.15
CA ILE F 104 -2.38 -14.82 -0.07
C ILE F 104 -3.88 -14.91 0.35
N ASN F 105 -4.73 -15.37 -0.55
CA ASN F 105 -6.16 -15.46 -0.24
C ASN F 105 -6.59 -16.78 0.36
N CYS F 106 -6.32 -17.85 -0.38
CA CYS F 106 -6.81 -19.17 0.00
C CYS F 106 -5.72 -20.07 0.58
N GLN F 107 -4.47 -19.61 0.59
CA GLN F 107 -3.34 -20.34 1.16
C GLN F 107 -2.94 -21.57 0.32
N LYS F 108 -3.55 -21.72 -0.86
CA LYS F 108 -3.14 -22.81 -1.73
C LYS F 108 -1.72 -22.56 -2.22
N PRO F 109 -0.86 -23.58 -2.13
CA PRO F 109 0.50 -23.47 -2.67
C PRO F 109 0.46 -23.18 -4.17
N LEU F 110 1.19 -22.15 -4.60
CA LEU F 110 1.24 -21.82 -6.02
C LEU F 110 1.96 -22.89 -6.84
N SER F 111 1.36 -23.24 -7.95
CA SER F 111 1.98 -24.05 -8.98
C SER F 111 3.08 -23.27 -9.69
N PRO F 112 3.97 -23.98 -10.42
CA PRO F 112 4.95 -23.25 -11.24
C PRO F 112 4.29 -22.28 -12.22
N GLU F 113 3.14 -22.66 -12.78
CA GLU F 113 2.39 -21.82 -13.70
C GLU F 113 1.92 -20.50 -13.04
N GLU F 114 1.37 -20.61 -11.85
CA GLU F 114 0.97 -19.43 -11.11
C GLU F 114 2.19 -18.58 -10.74
N LYS F 115 3.32 -19.21 -10.44
CA LYS F 115 4.57 -18.46 -10.19
C LYS F 115 5.07 -17.80 -11.46
N GLN F 116 4.99 -18.51 -12.57
CA GLN F 116 5.40 -17.98 -13.85
C GLN F 116 4.57 -16.76 -14.26
N ARG F 117 3.26 -16.80 -13.99
CA ARG F 117 2.35 -15.70 -14.29
C ARG F 117 2.78 -14.42 -13.58
N HIS F 118 3.18 -14.57 -12.32
CA HIS F 118 3.72 -13.47 -11.53
C HIS F 118 4.89 -12.85 -12.26
N LEU F 119 5.74 -13.70 -12.80
CA LEU F 119 6.91 -13.28 -13.56
C LEU F 119 6.53 -12.60 -14.85
N ASP F 120 5.63 -13.22 -15.59
CA ASP F 120 5.21 -12.69 -16.87
C ASP F 120 4.50 -11.33 -16.75
N LYS F 121 3.75 -11.15 -15.66
CA LYS F 121 2.95 -9.94 -15.47
C LYS F 121 3.63 -8.95 -14.55
N LYS F 122 4.86 -9.27 -14.10
CA LYS F 122 5.58 -8.45 -13.13
C LYS F 122 4.77 -8.16 -11.88
N GLN F 123 4.14 -9.19 -11.34
CA GLN F 123 3.42 -9.08 -10.07
C GLN F 123 4.29 -9.55 -8.92
N ARG F 124 4.39 -8.73 -7.90
CA ARG F 124 5.20 -8.99 -6.74
C ARG F 124 4.66 -10.08 -5.84
N PHE F 125 5.55 -10.67 -5.08
CA PHE F 125 5.21 -11.56 -3.99
C PHE F 125 5.24 -10.79 -2.65
N HIS F 126 4.48 -11.22 -1.69
CA HIS F 126 4.42 -10.51 -0.43
C HIS F 126 4.89 -11.34 0.74
N ASN F 127 5.69 -10.76 1.61
CA ASN F 127 6.13 -11.47 2.81
C ASN F 127 5.21 -11.16 3.99
N ILE F 128 4.47 -12.17 4.41
CA ILE F 128 3.56 -12.07 5.52
C ILE F 128 4.15 -12.81 6.70
N ARG F 129 4.84 -12.04 7.54
CA ARG F 129 5.66 -12.50 8.68
C ARG F 129 6.34 -13.84 8.45
N GLY F 130 7.33 -13.78 7.56
CA GLY F 130 8.10 -14.95 7.20
C GLY F 130 7.57 -15.72 6.01
N ARG F 131 6.26 -15.74 5.78
CA ARG F 131 5.72 -16.54 4.68
C ARG F 131 5.68 -15.79 3.34
N TRP F 132 6.08 -16.45 2.27
CA TRP F 132 5.95 -15.85 0.95
C TRP F 132 4.58 -16.18 0.29
N THR F 133 3.92 -15.13 -0.18
CA THR F 133 2.60 -15.30 -0.79
C THR F 133 2.53 -14.67 -2.17
N GLY F 134 1.67 -15.22 -3.03
CA GLY F 134 1.31 -14.64 -4.30
C GLY F 134 -0.20 -14.77 -4.46
N ARG F 135 -0.66 -15.06 -5.67
CA ARG F 135 -2.08 -15.31 -5.90
C ARG F 135 -2.27 -16.47 -6.85
N CYS F 136 -3.12 -17.42 -6.47
CA CYS F 136 -3.38 -18.51 -7.38
C CYS F 136 -4.26 -18.02 -8.52
N MET F 137 -4.62 -18.91 -9.44
CA MET F 137 -5.49 -18.51 -10.55
C MET F 137 -6.94 -18.23 -10.10
N SER F 138 -7.45 -19.00 -9.13
CA SER F 138 -8.81 -18.82 -8.62
C SER F 138 -9.03 -17.52 -7.85
N CYS F 139 -7.96 -16.88 -7.39
CA CYS F 139 -8.11 -15.68 -6.57
C CYS F 139 -7.66 -14.43 -7.26
N SER F 140 -7.33 -14.54 -8.53
CA SER F 140 -6.84 -13.36 -9.24
C SER F 140 -8.03 -12.61 -9.82
N ARG F 141 -9.04 -12.41 -8.97
CA ARG F 141 -10.00 -11.31 -9.08
C ARG F 141 -10.34 -10.75 -7.69
N SER F 142 -10.48 -11.64 -6.69
CA SER F 142 -11.00 -11.29 -5.35
C SER F 142 -9.86 -10.74 -4.50
N SER F 143 -10.06 -9.54 -3.99
CA SER F 143 -8.96 -8.79 -3.40
C SER F 143 -9.35 -8.19 -2.04
N ARG F 144 -8.58 -7.19 -1.65
CA ARG F 144 -7.81 -7.37 -0.43
C ARG F 144 -7.79 -6.34 0.71
N THR F 145 -7.38 -6.88 1.84
CA THR F 145 -6.96 -6.19 3.05
C THR F 145 -6.19 -4.87 2.94
N ARG F 146 -5.14 -4.83 2.13
CA ARG F 146 -4.08 -3.85 2.33
C ARG F 146 -3.20 -3.58 1.09
N ARG F 147 -3.01 -2.30 0.77
CA ARG F 147 -1.84 -1.86 0.01
C ARG F 147 -0.71 -2.03 1.02
N GLU F 148 0.30 -2.84 0.73
CA GLU F 148 0.79 -3.16 -0.59
C GLU F 148 0.32 -4.49 -1.24
N THR F 149 -0.96 -4.67 -1.50
CA THR F 149 -1.34 -5.88 -2.21
C THR F 149 -2.19 -5.57 -3.47
N GLN F 150 -1.94 -6.35 -4.51
CA GLN F 150 -1.83 -5.84 -5.88
C GLN F 150 -2.61 -6.72 -6.88
N LEU F 151 -2.54 -8.03 -6.64
CA LEU F 151 -3.26 -9.16 -7.30
C LEU F 151 -2.46 -9.67 -8.52
#